data_3ZEB
# 
_entry.id   3ZEB 
# 
_audit_conform.dict_name       mmcif_pdbx.dic 
_audit_conform.dict_version    5.398 
_audit_conform.dict_location   http://mmcif.pdb.org/dictionaries/ascii/mmcif_pdbx.dic 
# 
loop_
_database_2.database_id 
_database_2.database_code 
_database_2.pdbx_database_accession 
_database_2.pdbx_DOI 
PDB   3ZEB         pdb_00003zeb 10.2210/pdb3zeb/pdb 
PDBE  EBI-54990    ?            ?                   
WWPDB D_1290054990 ?            ?                   
# 
loop_
_pdbx_audit_revision_history.ordinal 
_pdbx_audit_revision_history.data_content_type 
_pdbx_audit_revision_history.major_revision 
_pdbx_audit_revision_history.minor_revision 
_pdbx_audit_revision_history.revision_date 
1 'Structure model' 1 0 2013-02-13 
2 'Structure model' 1 1 2013-03-06 
3 'Structure model' 1 2 2019-02-27 
4 'Structure model' 1 3 2020-07-29 
5 'Structure model' 1 4 2023-12-20 
6 'Structure model' 1 5 2024-11-13 
# 
loop_
_pdbx_audit_revision_details.ordinal 
_pdbx_audit_revision_details.revision_ordinal 
_pdbx_audit_revision_details.data_content_type 
_pdbx_audit_revision_details.provider 
_pdbx_audit_revision_details.type 
_pdbx_audit_revision_details.description 
_pdbx_audit_revision_details.details 
1 1 'Structure model' repository 'Initial release' ?                          ? 
2 4 'Structure model' repository Remediation       'Carbohydrate remediation' ? 
# 
loop_
_pdbx_audit_revision_group.ordinal 
_pdbx_audit_revision_group.revision_ordinal 
_pdbx_audit_revision_group.data_content_type 
_pdbx_audit_revision_group.group 
1  2 'Structure model' 'Database references'      
2  3 'Structure model' 'Data collection'          
3  3 'Structure model' 'Derived calculations'     
4  3 'Structure model' 'Experimental preparation' 
5  3 'Structure model' Other                      
6  4 'Structure model' 'Data collection'          
7  4 'Structure model' 'Derived calculations'     
8  4 'Structure model' Other                      
9  4 'Structure model' 'Structure summary'        
10 5 'Structure model' 'Data collection'          
11 5 'Structure model' 'Database references'      
12 5 'Structure model' 'Refinement description'   
13 5 'Structure model' 'Structure summary'        
14 6 'Structure model' 'Structure summary'        
# 
loop_
_pdbx_audit_revision_category.ordinal 
_pdbx_audit_revision_category.revision_ordinal 
_pdbx_audit_revision_category.data_content_type 
_pdbx_audit_revision_category.category 
1  3 'Structure model' exptl_crystal_grow            
2  3 'Structure model' pdbx_database_proc            
3  3 'Structure model' pdbx_database_status          
4  3 'Structure model' struct_biol                   
5  3 'Structure model' struct_conn                   
6  4 'Structure model' chem_comp                     
7  4 'Structure model' entity                        
8  4 'Structure model' pdbx_chem_comp_identifier     
9  4 'Structure model' pdbx_database_status          
10 4 'Structure model' pdbx_entity_nonpoly           
11 4 'Structure model' struct_conn                   
12 4 'Structure model' struct_site                   
13 4 'Structure model' struct_site_gen               
14 5 'Structure model' chem_comp                     
15 5 'Structure model' chem_comp_atom                
16 5 'Structure model' chem_comp_bond                
17 5 'Structure model' database_2                    
18 5 'Structure model' pdbx_initial_refinement_model 
19 6 'Structure model' pdbx_entry_details            
20 6 'Structure model' pdbx_modification_feature     
# 
loop_
_pdbx_audit_revision_item.ordinal 
_pdbx_audit_revision_item.revision_ordinal 
_pdbx_audit_revision_item.data_content_type 
_pdbx_audit_revision_item.item 
1  3 'Structure model' '_exptl_crystal_grow.method'                   
2  3 'Structure model' '_exptl_crystal_grow.temp'                     
3  3 'Structure model' '_pdbx_database_status.recvd_author_approval'  
4  3 'Structure model' '_struct_conn.pdbx_leaving_atom_flag'          
5  4 'Structure model' '_chem_comp.mon_nstd_flag'                     
6  4 'Structure model' '_chem_comp.name'                              
7  4 'Structure model' '_chem_comp.type'                              
8  4 'Structure model' '_entity.pdbx_description'                     
9  4 'Structure model' '_pdbx_database_status.status_code_sf'         
10 4 'Structure model' '_pdbx_entity_nonpoly.name'                    
11 4 'Structure model' '_struct_conn.ptnr1_auth_comp_id'              
12 4 'Structure model' '_struct_conn.ptnr1_auth_seq_id'               
13 4 'Structure model' '_struct_conn.ptnr1_label_asym_id'             
14 4 'Structure model' '_struct_conn.ptnr1_label_atom_id'             
15 4 'Structure model' '_struct_conn.ptnr1_label_comp_id'             
16 4 'Structure model' '_struct_conn.ptnr1_label_seq_id'              
17 4 'Structure model' '_struct_conn.ptnr2_auth_comp_id'              
18 4 'Structure model' '_struct_conn.ptnr2_auth_seq_id'               
19 4 'Structure model' '_struct_conn.ptnr2_label_asym_id'             
20 4 'Structure model' '_struct_conn.ptnr2_label_atom_id'             
21 4 'Structure model' '_struct_conn.ptnr2_label_comp_id'             
22 4 'Structure model' '_struct_conn.ptnr2_label_seq_id'              
23 5 'Structure model' '_chem_comp.pdbx_synonyms'                     
24 5 'Structure model' '_database_2.pdbx_DOI'                         
25 5 'Structure model' '_database_2.pdbx_database_accession'          
26 6 'Structure model' '_pdbx_entry_details.has_protein_modification' 
# 
_pdbx_database_status.status_code                     REL 
_pdbx_database_status.entry_id                        3ZEB 
_pdbx_database_status.deposit_site                    PDBE 
_pdbx_database_status.process_site                    PDBE 
_pdbx_database_status.SG_entry                        . 
_pdbx_database_status.recvd_initial_deposition_date   2012-12-04 
_pdbx_database_status.pdb_format_compatible           Y 
_pdbx_database_status.status_code_sf                  REL 
_pdbx_database_status.status_code_mr                  ? 
_pdbx_database_status.status_code_cs                  ? 
_pdbx_database_status.methods_development_category    ? 
_pdbx_database_status.status_code_nmr_data            ? 
# 
loop_
_audit_author.name 
_audit_author.pdbx_ordinal 
_audit_author.identifier_ORCID 
'Vinothkumar, K.R.' 1 ? 
'voskya, O.'        2 ? 
'Kuettler, E.V.'    3 ? 
'Brouwer, A.J.'     4 ? 
'Liskamp, R.M.J.'   5 ? 
'Verhelst, S.H.L.'  6 ? 
# 
_citation.id                        primary 
_citation.title                     'Activity-Based Probes for Rhomboid Proteases Discovered in a Mass Spectrometry-Based Assay.' 
_citation.journal_abbrev            Proc.Natl.Acad.Sci.USA 
_citation.journal_volume            110 
_citation.page_first                2472 
_citation.page_last                 ? 
_citation.year                      2013 
_citation.journal_id_ASTM           PNASA6 
_citation.country                   US 
_citation.journal_id_ISSN           0027-8424 
_citation.journal_id_CSD            0040 
_citation.book_publisher            ? 
_citation.pdbx_database_id_PubMed   23359682 
_citation.pdbx_database_id_DOI      10.1073/PNAS.1215076110 
# 
loop_
_citation_author.citation_id 
_citation_author.name 
_citation_author.ordinal 
_citation_author.identifier_ORCID 
primary 'Vosyka, O.'        1 ? 
primary 'Vinothkumar, K.R.' 2 ? 
primary 'Wolf, E.V.'        3 ? 
primary 'Brouwer, A.J.'     4 ? 
primary 'Liskamp, R.M.J.'   5 ? 
primary 'Verhelst, S.H.L.'  6 ? 
# 
loop_
_entity.id 
_entity.type 
_entity.src_method 
_entity.pdbx_description 
_entity.formula_weight 
_entity.pdbx_number_of_molecules 
_entity.pdbx_ec 
_entity.pdbx_mutation 
_entity.pdbx_fragment 
_entity.details 
1 polymer     man 'RHOMBOID PROTEASE GLPG'                                 20214.020 1  3.4.21.105 ? 
'CORE TM DOMAIN, RESIDUES 92-270' 
;THE ISOCOUMARIN RING IS OPENED BY THE NUCLEOPHILIC ATTACK OF S201 FORMS ESTER BOND AND SUBSEQUENTLY A REACTION BETWEEN HISTIDINE CREATES A SECOND COVALENT BOND.
;
2 non-polymer syn '2-phenylethyl 2-(4-azanyl-2-methanoyl-phenyl)ethanoate' 283.322   1  ?          ? ? ? 
3 non-polymer syn 'CHLORIDE ION'                                           35.453    1  ?          ? ? ? 
4 non-polymer man 'nonyl beta-D-glucopyranoside'                           306.395   5  ?          ? ? ? 
5 water       nat water                                                    18.015    18 ?          ? ? ? 
# 
_entity_name_com.entity_id   1 
_entity_name_com.name        'INTRAMEMBRANE SERINE PROTEASE, GLPG' 
# 
_entity_poly.entity_id                      1 
_entity_poly.type                           'polypeptide(L)' 
_entity_poly.nstd_linkage                   no 
_entity_poly.nstd_monomer                   no 
_entity_poly.pdbx_seq_one_letter_code       
;RAGPVTWVMMIACVVVFIAMQILGDQEVMLWLAWPFDPTLKFEFWRYFTHALMHFSLMHILFNLLWWWYLGGAVEKRLGS
GKLIVITLISALLSGYVQQKFSGPWFGGLSGVVYALMGYVWLRGERDPQSGIYLQRGLIIFALIWIVAGWFDLFGMSMAN
GAHIAGLAVGLAMAFVDSL
;
_entity_poly.pdbx_seq_one_letter_code_can   
;RAGPVTWVMMIACVVVFIAMQILGDQEVMLWLAWPFDPTLKFEFWRYFTHALMHFSLMHILFNLLWWWYLGGAVEKRLGS
GKLIVITLISALLSGYVQQKFSGPWFGGLSGVVYALMGYVWLRGERDPQSGIYLQRGLIIFALIWIVAGWFDLFGMSMAN
GAHIAGLAVGLAMAFVDSL
;
_entity_poly.pdbx_strand_id                 A 
_entity_poly.pdbx_target_identifier         ? 
# 
loop_
_pdbx_entity_nonpoly.entity_id 
_pdbx_entity_nonpoly.name 
_pdbx_entity_nonpoly.comp_id 
2 '2-phenylethyl 2-(4-azanyl-2-methanoyl-phenyl)ethanoate' SV1 
3 'CHLORIDE ION'                                           CL  
4 'nonyl beta-D-glucopyranoside'                           BNG 
5 water                                                    HOH 
# 
loop_
_entity_poly_seq.entity_id 
_entity_poly_seq.num 
_entity_poly_seq.mon_id 
_entity_poly_seq.hetero 
1 1   ARG n 
1 2   ALA n 
1 3   GLY n 
1 4   PRO n 
1 5   VAL n 
1 6   THR n 
1 7   TRP n 
1 8   VAL n 
1 9   MET n 
1 10  MET n 
1 11  ILE n 
1 12  ALA n 
1 13  CYS n 
1 14  VAL n 
1 15  VAL n 
1 16  VAL n 
1 17  PHE n 
1 18  ILE n 
1 19  ALA n 
1 20  MET n 
1 21  GLN n 
1 22  ILE n 
1 23  LEU n 
1 24  GLY n 
1 25  ASP n 
1 26  GLN n 
1 27  GLU n 
1 28  VAL n 
1 29  MET n 
1 30  LEU n 
1 31  TRP n 
1 32  LEU n 
1 33  ALA n 
1 34  TRP n 
1 35  PRO n 
1 36  PHE n 
1 37  ASP n 
1 38  PRO n 
1 39  THR n 
1 40  LEU n 
1 41  LYS n 
1 42  PHE n 
1 43  GLU n 
1 44  PHE n 
1 45  TRP n 
1 46  ARG n 
1 47  TYR n 
1 48  PHE n 
1 49  THR n 
1 50  HIS n 
1 51  ALA n 
1 52  LEU n 
1 53  MET n 
1 54  HIS n 
1 55  PHE n 
1 56  SER n 
1 57  LEU n 
1 58  MET n 
1 59  HIS n 
1 60  ILE n 
1 61  LEU n 
1 62  PHE n 
1 63  ASN n 
1 64  LEU n 
1 65  LEU n 
1 66  TRP n 
1 67  TRP n 
1 68  TRP n 
1 69  TYR n 
1 70  LEU n 
1 71  GLY n 
1 72  GLY n 
1 73  ALA n 
1 74  VAL n 
1 75  GLU n 
1 76  LYS n 
1 77  ARG n 
1 78  LEU n 
1 79  GLY n 
1 80  SER n 
1 81  GLY n 
1 82  LYS n 
1 83  LEU n 
1 84  ILE n 
1 85  VAL n 
1 86  ILE n 
1 87  THR n 
1 88  LEU n 
1 89  ILE n 
1 90  SER n 
1 91  ALA n 
1 92  LEU n 
1 93  LEU n 
1 94  SER n 
1 95  GLY n 
1 96  TYR n 
1 97  VAL n 
1 98  GLN n 
1 99  GLN n 
1 100 LYS n 
1 101 PHE n 
1 102 SER n 
1 103 GLY n 
1 104 PRO n 
1 105 TRP n 
1 106 PHE n 
1 107 GLY n 
1 108 GLY n 
1 109 LEU n 
1 110 SER n 
1 111 GLY n 
1 112 VAL n 
1 113 VAL n 
1 114 TYR n 
1 115 ALA n 
1 116 LEU n 
1 117 MET n 
1 118 GLY n 
1 119 TYR n 
1 120 VAL n 
1 121 TRP n 
1 122 LEU n 
1 123 ARG n 
1 124 GLY n 
1 125 GLU n 
1 126 ARG n 
1 127 ASP n 
1 128 PRO n 
1 129 GLN n 
1 130 SER n 
1 131 GLY n 
1 132 ILE n 
1 133 TYR n 
1 134 LEU n 
1 135 GLN n 
1 136 ARG n 
1 137 GLY n 
1 138 LEU n 
1 139 ILE n 
1 140 ILE n 
1 141 PHE n 
1 142 ALA n 
1 143 LEU n 
1 144 ILE n 
1 145 TRP n 
1 146 ILE n 
1 147 VAL n 
1 148 ALA n 
1 149 GLY n 
1 150 TRP n 
1 151 PHE n 
1 152 ASP n 
1 153 LEU n 
1 154 PHE n 
1 155 GLY n 
1 156 MET n 
1 157 SER n 
1 158 MET n 
1 159 ALA n 
1 160 ASN n 
1 161 GLY n 
1 162 ALA n 
1 163 HIS n 
1 164 ILE n 
1 165 ALA n 
1 166 GLY n 
1 167 LEU n 
1 168 ALA n 
1 169 VAL n 
1 170 GLY n 
1 171 LEU n 
1 172 ALA n 
1 173 MET n 
1 174 ALA n 
1 175 PHE n 
1 176 VAL n 
1 177 ASP n 
1 178 SER n 
1 179 LEU n 
# 
_entity_src_gen.entity_id                          1 
_entity_src_gen.pdbx_src_id                        1 
_entity_src_gen.pdbx_alt_source_flag               sample 
_entity_src_gen.pdbx_seq_type                      ? 
_entity_src_gen.pdbx_beg_seq_num                   ? 
_entity_src_gen.pdbx_end_seq_num                   ? 
_entity_src_gen.gene_src_common_name               ? 
_entity_src_gen.gene_src_genus                     ? 
_entity_src_gen.pdbx_gene_src_gene                 ? 
_entity_src_gen.gene_src_species                   ? 
_entity_src_gen.gene_src_strain                    ? 
_entity_src_gen.gene_src_tissue                    ? 
_entity_src_gen.gene_src_tissue_fraction           ? 
_entity_src_gen.gene_src_details                   ? 
_entity_src_gen.pdbx_gene_src_fragment             ? 
_entity_src_gen.pdbx_gene_src_scientific_name      'ESCHERICHIA COLI' 
_entity_src_gen.pdbx_gene_src_ncbi_taxonomy_id     469008 
_entity_src_gen.pdbx_gene_src_variant              ? 
_entity_src_gen.pdbx_gene_src_cell_line            ? 
_entity_src_gen.pdbx_gene_src_atcc                 ? 
_entity_src_gen.pdbx_gene_src_organ                ? 
_entity_src_gen.pdbx_gene_src_organelle            ? 
_entity_src_gen.pdbx_gene_src_cell                 ? 
_entity_src_gen.pdbx_gene_src_cellular_location    ? 
_entity_src_gen.host_org_common_name               ? 
_entity_src_gen.pdbx_host_org_scientific_name      'ESCHERICHIA COLI' 
_entity_src_gen.pdbx_host_org_ncbi_taxonomy_id     469008 
_entity_src_gen.host_org_genus                     ? 
_entity_src_gen.pdbx_host_org_gene                 ? 
_entity_src_gen.pdbx_host_org_organ                ? 
_entity_src_gen.host_org_species                   ? 
_entity_src_gen.pdbx_host_org_tissue               ? 
_entity_src_gen.pdbx_host_org_tissue_fraction      ? 
_entity_src_gen.pdbx_host_org_strain               'BL21(DE3)' 
_entity_src_gen.pdbx_host_org_variant              C41 
_entity_src_gen.pdbx_host_org_cell_line            ? 
_entity_src_gen.pdbx_host_org_atcc                 ? 
_entity_src_gen.pdbx_host_org_culture_collection   ? 
_entity_src_gen.pdbx_host_org_cell                 ? 
_entity_src_gen.pdbx_host_org_organelle            ? 
_entity_src_gen.pdbx_host_org_cellular_location    ? 
_entity_src_gen.pdbx_host_org_vector_type          PLASMID 
_entity_src_gen.pdbx_host_org_vector               PET 
_entity_src_gen.host_org_details                   ? 
_entity_src_gen.expression_system_id               ? 
_entity_src_gen.plasmid_name                       ? 
_entity_src_gen.plasmid_details                    ? 
_entity_src_gen.pdbx_description                   ? 
# 
loop_
_chem_comp.id 
_chem_comp.type 
_chem_comp.mon_nstd_flag 
_chem_comp.name 
_chem_comp.pdbx_synonyms 
_chem_comp.formula 
_chem_comp.formula_weight 
ALA 'L-peptide linking' y ALANINE                                                  ? 'C3 H7 N O2'     89.093  
ARG 'L-peptide linking' y ARGININE                                                 ? 'C6 H15 N4 O2 1' 175.209 
ASN 'L-peptide linking' y ASPARAGINE                                               ? 'C4 H8 N2 O3'    132.118 
ASP 'L-peptide linking' y 'ASPARTIC ACID'                                          ? 'C4 H7 N O4'     133.103 
BNG D-saccharide        n 'nonyl beta-D-glucopyranoside'                           
'Beta-NONYLGLUCOSIDE; nonyl beta-D-glucoside; nonyl D-glucoside; nonyl glucoside' 'C15 H30 O6'     306.395 
CL  non-polymer         . 'CHLORIDE ION'                                           ? 'Cl -1'          35.453  
CYS 'L-peptide linking' y CYSTEINE                                                 ? 'C3 H7 N O2 S'   121.158 
GLN 'L-peptide linking' y GLUTAMINE                                                ? 'C5 H10 N2 O3'   146.144 
GLU 'L-peptide linking' y 'GLUTAMIC ACID'                                          ? 'C5 H9 N O4'     147.129 
GLY 'peptide linking'   y GLYCINE                                                  ? 'C2 H5 N O2'     75.067  
HIS 'L-peptide linking' y HISTIDINE                                                ? 'C6 H10 N3 O2 1' 156.162 
HOH non-polymer         . WATER                                                    ? 'H2 O'           18.015  
ILE 'L-peptide linking' y ISOLEUCINE                                               ? 'C6 H13 N O2'    131.173 
LEU 'L-peptide linking' y LEUCINE                                                  ? 'C6 H13 N O2'    131.173 
LYS 'L-peptide linking' y LYSINE                                                   ? 'C6 H15 N2 O2 1' 147.195 
MET 'L-peptide linking' y METHIONINE                                               ? 'C5 H11 N O2 S'  149.211 
PHE 'L-peptide linking' y PHENYLALANINE                                            ? 'C9 H11 N O2'    165.189 
PRO 'L-peptide linking' y PROLINE                                                  ? 'C5 H9 N O2'     115.130 
SER 'L-peptide linking' y SERINE                                                   ? 'C3 H7 N O3'     105.093 
SV1 non-polymer         . '2-phenylethyl 2-(4-azanyl-2-methanoyl-phenyl)ethanoate' ? 'C17 H17 N O3'   283.322 
THR 'L-peptide linking' y THREONINE                                                ? 'C4 H9 N O3'     119.119 
TRP 'L-peptide linking' y TRYPTOPHAN                                               ? 'C11 H12 N2 O2'  204.225 
TYR 'L-peptide linking' y TYROSINE                                                 ? 'C9 H11 N O3'    181.189 
VAL 'L-peptide linking' y VALINE                                                   ? 'C5 H11 N O2'    117.146 
# 
_pdbx_chem_comp_identifier.comp_id           BNG 
_pdbx_chem_comp_identifier.type              'IUPAC CARBOHYDRATE SYMBOL' 
_pdbx_chem_comp_identifier.program           PDB-CARE 
_pdbx_chem_comp_identifier.program_version   1.0 
_pdbx_chem_comp_identifier.identifier        b-nonylglucoside 
# 
loop_
_pdbx_poly_seq_scheme.asym_id 
_pdbx_poly_seq_scheme.entity_id 
_pdbx_poly_seq_scheme.seq_id 
_pdbx_poly_seq_scheme.mon_id 
_pdbx_poly_seq_scheme.ndb_seq_num 
_pdbx_poly_seq_scheme.pdb_seq_num 
_pdbx_poly_seq_scheme.auth_seq_num 
_pdbx_poly_seq_scheme.pdb_mon_id 
_pdbx_poly_seq_scheme.auth_mon_id 
_pdbx_poly_seq_scheme.pdb_strand_id 
_pdbx_poly_seq_scheme.pdb_ins_code 
_pdbx_poly_seq_scheme.hetero 
A 1 1   ARG 1   92  92  ARG ARG A . n 
A 1 2   ALA 2   93  93  ALA ALA A . n 
A 1 3   GLY 3   94  94  GLY GLY A . n 
A 1 4   PRO 4   95  95  PRO PRO A . n 
A 1 5   VAL 5   96  96  VAL VAL A . n 
A 1 6   THR 6   97  97  THR THR A . n 
A 1 7   TRP 7   98  98  TRP TRP A . n 
A 1 8   VAL 8   99  99  VAL VAL A . n 
A 1 9   MET 9   100 100 MET MET A . n 
A 1 10  MET 10  101 101 MET MET A . n 
A 1 11  ILE 11  102 102 ILE ILE A . n 
A 1 12  ALA 12  103 103 ALA ALA A . n 
A 1 13  CYS 13  104 104 CYS CYS A . n 
A 1 14  VAL 14  105 105 VAL VAL A . n 
A 1 15  VAL 15  106 106 VAL VAL A . n 
A 1 16  VAL 16  107 107 VAL VAL A . n 
A 1 17  PHE 17  108 108 PHE PHE A . n 
A 1 18  ILE 18  109 109 ILE ILE A . n 
A 1 19  ALA 19  110 110 ALA ALA A . n 
A 1 20  MET 20  111 111 MET MET A . n 
A 1 21  GLN 21  112 112 GLN GLN A . n 
A 1 22  ILE 22  113 113 ILE ILE A . n 
A 1 23  LEU 23  114 114 LEU LEU A . n 
A 1 24  GLY 24  115 115 GLY GLY A . n 
A 1 25  ASP 25  116 116 ASP ASP A . n 
A 1 26  GLN 26  117 117 GLN GLN A . n 
A 1 27  GLU 27  118 118 GLU GLU A . n 
A 1 28  VAL 28  119 119 VAL VAL A . n 
A 1 29  MET 29  120 120 MET MET A . n 
A 1 30  LEU 30  121 121 LEU LEU A . n 
A 1 31  TRP 31  122 122 TRP TRP A . n 
A 1 32  LEU 32  123 123 LEU LEU A . n 
A 1 33  ALA 33  124 124 ALA ALA A . n 
A 1 34  TRP 34  125 125 TRP TRP A . n 
A 1 35  PRO 35  126 126 PRO PRO A . n 
A 1 36  PHE 36  127 127 PHE PHE A . n 
A 1 37  ASP 37  128 128 ASP ASP A . n 
A 1 38  PRO 38  129 129 PRO PRO A . n 
A 1 39  THR 39  130 130 THR THR A . n 
A 1 40  LEU 40  131 131 LEU LEU A . n 
A 1 41  LYS 41  132 132 LYS LYS A . n 
A 1 42  PHE 42  133 133 PHE PHE A . n 
A 1 43  GLU 43  134 134 GLU GLU A . n 
A 1 44  PHE 44  135 135 PHE PHE A . n 
A 1 45  TRP 45  136 136 TRP TRP A . n 
A 1 46  ARG 46  137 137 ARG ARG A . n 
A 1 47  TYR 47  138 138 TYR TYR A . n 
A 1 48  PHE 48  139 139 PHE PHE A . n 
A 1 49  THR 49  140 140 THR THR A . n 
A 1 50  HIS 50  141 141 HIS HIS A . n 
A 1 51  ALA 51  142 142 ALA ALA A . n 
A 1 52  LEU 52  143 143 LEU LEU A . n 
A 1 53  MET 53  144 144 MET MET A . n 
A 1 54  HIS 54  145 145 HIS HIS A . n 
A 1 55  PHE 55  146 146 PHE PHE A . n 
A 1 56  SER 56  147 147 SER SER A . n 
A 1 57  LEU 57  148 148 LEU LEU A . n 
A 1 58  MET 58  149 149 MET MET A . n 
A 1 59  HIS 59  150 150 HIS HIS A . n 
A 1 60  ILE 60  151 151 ILE ILE A . n 
A 1 61  LEU 61  152 152 LEU LEU A . n 
A 1 62  PHE 62  153 153 PHE PHE A . n 
A 1 63  ASN 63  154 154 ASN ASN A . n 
A 1 64  LEU 64  155 155 LEU LEU A . n 
A 1 65  LEU 65  156 156 LEU LEU A . n 
A 1 66  TRP 66  157 157 TRP TRP A . n 
A 1 67  TRP 67  158 158 TRP TRP A . n 
A 1 68  TRP 68  159 159 TRP TRP A . n 
A 1 69  TYR 69  160 160 TYR TYR A . n 
A 1 70  LEU 70  161 161 LEU LEU A . n 
A 1 71  GLY 71  162 162 GLY GLY A . n 
A 1 72  GLY 72  163 163 GLY GLY A . n 
A 1 73  ALA 73  164 164 ALA ALA A . n 
A 1 74  VAL 74  165 165 VAL VAL A . n 
A 1 75  GLU 75  166 166 GLU GLU A . n 
A 1 76  LYS 76  167 167 LYS LYS A . n 
A 1 77  ARG 77  168 168 ARG ARG A . n 
A 1 78  LEU 78  169 169 LEU LEU A . n 
A 1 79  GLY 79  170 170 GLY GLY A . n 
A 1 80  SER 80  171 171 SER SER A . n 
A 1 81  GLY 81  172 172 GLY GLY A . n 
A 1 82  LYS 82  173 173 LYS LYS A . n 
A 1 83  LEU 83  174 174 LEU LEU A . n 
A 1 84  ILE 84  175 175 ILE ILE A . n 
A 1 85  VAL 85  176 176 VAL VAL A . n 
A 1 86  ILE 86  177 177 ILE ILE A . n 
A 1 87  THR 87  178 178 THR THR A . n 
A 1 88  LEU 88  179 179 LEU LEU A . n 
A 1 89  ILE 89  180 180 ILE ILE A . n 
A 1 90  SER 90  181 181 SER SER A . n 
A 1 91  ALA 91  182 182 ALA ALA A . n 
A 1 92  LEU 92  183 183 LEU LEU A . n 
A 1 93  LEU 93  184 184 LEU LEU A . n 
A 1 94  SER 94  185 185 SER SER A . n 
A 1 95  GLY 95  186 186 GLY GLY A . n 
A 1 96  TYR 96  187 187 TYR TYR A . n 
A 1 97  VAL 97  188 188 VAL VAL A . n 
A 1 98  GLN 98  189 189 GLN GLN A . n 
A 1 99  GLN 99  190 190 GLN GLN A . n 
A 1 100 LYS 100 191 191 LYS LYS A . n 
A 1 101 PHE 101 192 192 PHE PHE A . n 
A 1 102 SER 102 193 193 SER SER A . n 
A 1 103 GLY 103 194 194 GLY GLY A . n 
A 1 104 PRO 104 195 195 PRO PRO A . n 
A 1 105 TRP 105 196 196 TRP TRP A . n 
A 1 106 PHE 106 197 197 PHE PHE A . n 
A 1 107 GLY 107 198 198 GLY GLY A . n 
A 1 108 GLY 108 199 199 GLY GLY A . n 
A 1 109 LEU 109 200 200 LEU LEU A . n 
A 1 110 SER 110 201 201 SER SER A . n 
A 1 111 GLY 111 202 202 GLY GLY A . n 
A 1 112 VAL 112 203 203 VAL VAL A . n 
A 1 113 VAL 113 204 204 VAL VAL A . n 
A 1 114 TYR 114 205 205 TYR TYR A . n 
A 1 115 ALA 115 206 206 ALA ALA A . n 
A 1 116 LEU 116 207 207 LEU LEU A . n 
A 1 117 MET 117 208 208 MET MET A . n 
A 1 118 GLY 118 209 209 GLY GLY A . n 
A 1 119 TYR 119 210 210 TYR TYR A . n 
A 1 120 VAL 120 211 211 VAL VAL A . n 
A 1 121 TRP 121 212 212 TRP TRP A . n 
A 1 122 LEU 122 213 213 LEU LEU A . n 
A 1 123 ARG 123 214 214 ARG ARG A . n 
A 1 124 GLY 124 215 215 GLY GLY A . n 
A 1 125 GLU 125 216 216 GLU GLU A . n 
A 1 126 ARG 126 217 217 ARG ARG A . n 
A 1 127 ASP 127 218 218 ASP ASP A . n 
A 1 128 PRO 128 219 219 PRO PRO A . n 
A 1 129 GLN 129 220 220 GLN GLN A . n 
A 1 130 SER 130 221 221 SER SER A . n 
A 1 131 GLY 131 222 222 GLY GLY A . n 
A 1 132 ILE 132 223 223 ILE ILE A . n 
A 1 133 TYR 133 224 224 TYR TYR A . n 
A 1 134 LEU 134 225 225 LEU LEU A . n 
A 1 135 GLN 135 226 226 GLN GLN A . n 
A 1 136 ARG 136 227 227 ARG ARG A . n 
A 1 137 GLY 137 228 228 GLY GLY A . n 
A 1 138 LEU 138 229 229 LEU LEU A . n 
A 1 139 ILE 139 230 230 ILE ILE A . n 
A 1 140 ILE 140 231 231 ILE ILE A . n 
A 1 141 PHE 141 232 232 PHE PHE A . n 
A 1 142 ALA 142 233 233 ALA ALA A . n 
A 1 143 LEU 143 234 234 LEU LEU A . n 
A 1 144 ILE 144 235 235 ILE ILE A . n 
A 1 145 TRP 145 236 236 TRP TRP A . n 
A 1 146 ILE 146 237 237 ILE ILE A . n 
A 1 147 VAL 147 238 238 VAL VAL A . n 
A 1 148 ALA 148 239 239 ALA ALA A . n 
A 1 149 GLY 149 240 240 GLY GLY A . n 
A 1 150 TRP 150 241 241 TRP TRP A . n 
A 1 151 PHE 151 242 242 PHE PHE A . n 
A 1 152 ASP 152 243 243 ASP ASP A . n 
A 1 153 LEU 153 244 244 LEU LEU A . n 
A 1 154 PHE 154 245 245 PHE PHE A . n 
A 1 155 GLY 155 246 246 GLY GLY A . n 
A 1 156 MET 156 247 247 MET MET A . n 
A 1 157 SER 157 248 248 SER SER A . n 
A 1 158 MET 158 249 249 MET MET A . n 
A 1 159 ALA 159 250 250 ALA ALA A . n 
A 1 160 ASN 160 251 251 ASN ASN A . n 
A 1 161 GLY 161 252 252 GLY GLY A . n 
A 1 162 ALA 162 253 253 ALA ALA A . n 
A 1 163 HIS 163 254 254 HIS HIS A . n 
A 1 164 ILE 164 255 255 ILE ILE A . n 
A 1 165 ALA 165 256 256 ALA ALA A . n 
A 1 166 GLY 166 257 257 GLY GLY A . n 
A 1 167 LEU 167 258 258 LEU LEU A . n 
A 1 168 ALA 168 259 259 ALA ALA A . n 
A 1 169 VAL 169 260 260 VAL VAL A . n 
A 1 170 GLY 170 261 261 GLY GLY A . n 
A 1 171 LEU 171 262 262 LEU LEU A . n 
A 1 172 ALA 172 263 263 ALA ALA A . n 
A 1 173 MET 173 264 264 MET MET A . n 
A 1 174 ALA 174 265 265 ALA ALA A . n 
A 1 175 PHE 175 266 266 PHE PHE A . n 
A 1 176 VAL 176 267 267 VAL VAL A . n 
A 1 177 ASP 177 268 268 ASP ASP A . n 
A 1 178 SER 178 269 269 SER SER A . n 
A 1 179 LEU 179 270 270 LEU LEU A . n 
# 
loop_
_pdbx_nonpoly_scheme.asym_id 
_pdbx_nonpoly_scheme.entity_id 
_pdbx_nonpoly_scheme.mon_id 
_pdbx_nonpoly_scheme.ndb_seq_num 
_pdbx_nonpoly_scheme.pdb_seq_num 
_pdbx_nonpoly_scheme.auth_seq_num 
_pdbx_nonpoly_scheme.pdb_mon_id 
_pdbx_nonpoly_scheme.auth_mon_id 
_pdbx_nonpoly_scheme.pdb_strand_id 
_pdbx_nonpoly_scheme.pdb_ins_code 
B 2 SV1 1  401  401  SV1 SV1 A . 
C 3 CL  1  402  402  CL  CL  A . 
D 4 BNG 1  403  403  BNG BNG A . 
E 4 BNG 1  404  404  BNG BNG A . 
F 4 BNG 1  405  405  BNG BNG A . 
G 4 BNG 1  406  406  BNG BNG A . 
H 4 BNG 1  407  407  BNG BNG A . 
I 5 HOH 1  2001 2001 HOH HOH A . 
I 5 HOH 2  2002 2002 HOH HOH A . 
I 5 HOH 3  2003 2003 HOH HOH A . 
I 5 HOH 4  2004 2004 HOH HOH A . 
I 5 HOH 5  2005 2005 HOH HOH A . 
I 5 HOH 6  2006 2006 HOH HOH A . 
I 5 HOH 7  2007 2007 HOH HOH A . 
I 5 HOH 8  2008 2008 HOH HOH A . 
I 5 HOH 9  2009 2009 HOH HOH A . 
I 5 HOH 10 2010 2010 HOH HOH A . 
I 5 HOH 11 2011 2011 HOH HOH A . 
I 5 HOH 12 2012 2012 HOH HOH A . 
I 5 HOH 13 2013 2013 HOH HOH A . 
I 5 HOH 14 2014 2014 HOH HOH A . 
I 5 HOH 15 2015 2015 HOH HOH A . 
I 5 HOH 16 2016 2016 HOH HOH A . 
I 5 HOH 17 2017 2017 HOH HOH A . 
I 5 HOH 18 2018 2018 HOH HOH A . 
# 
loop_
_pdbx_unobs_or_zero_occ_atoms.id 
_pdbx_unobs_or_zero_occ_atoms.PDB_model_num 
_pdbx_unobs_or_zero_occ_atoms.polymer_flag 
_pdbx_unobs_or_zero_occ_atoms.occupancy_flag 
_pdbx_unobs_or_zero_occ_atoms.auth_asym_id 
_pdbx_unobs_or_zero_occ_atoms.auth_comp_id 
_pdbx_unobs_or_zero_occ_atoms.auth_seq_id 
_pdbx_unobs_or_zero_occ_atoms.PDB_ins_code 
_pdbx_unobs_or_zero_occ_atoms.auth_atom_id 
_pdbx_unobs_or_zero_occ_atoms.label_alt_id 
_pdbx_unobs_or_zero_occ_atoms.label_asym_id 
_pdbx_unobs_or_zero_occ_atoms.label_comp_id 
_pdbx_unobs_or_zero_occ_atoms.label_seq_id 
_pdbx_unobs_or_zero_occ_atoms.label_atom_id 
1  1 Y 1 A GLN 220 ? CG    ? A GLN 129 CG    
2  1 Y 1 A GLN 220 ? CD    ? A GLN 129 CD    
3  1 Y 1 A GLN 220 ? OE1   ? A GLN 129 OE1   
4  1 Y 1 A GLN 220 ? NE2   ? A GLN 129 NE2   
5  1 N 1 A BNG 403 ? C1    ? D BNG 1   C1    
6  1 N 1 A BNG 403 ? C2    ? D BNG 1   C2    
7  1 N 1 A BNG 403 ? C3    ? D BNG 1   C3    
8  1 N 1 A BNG 403 ? C4    ? D BNG 1   C4    
9  1 N 1 A BNG 403 ? C5    ? D BNG 1   C5    
10 1 N 1 A BNG 403 ? C6    ? D BNG 1   C6    
11 1 N 1 A BNG 403 ? O1    ? D BNG 1   O1    
12 1 N 1 A BNG 403 ? O2    ? D BNG 1   O2    
13 1 N 1 A BNG 403 ? O3    ? D BNG 1   O3    
14 1 N 1 A BNG 403 ? O4    ? D BNG 1   O4    
15 1 N 1 A BNG 403 ? O5    ? D BNG 1   O5    
16 1 N 1 A BNG 403 ? O6    ? D BNG 1   O6    
17 1 N 1 A BNG 404 ? C1    ? E BNG 1   C1    
18 1 N 1 A BNG 404 ? C2    ? E BNG 1   C2    
19 1 N 1 A BNG 404 ? C3    ? E BNG 1   C3    
20 1 N 1 A BNG 404 ? C4    ? E BNG 1   C4    
21 1 N 1 A BNG 404 ? C5    ? E BNG 1   C5    
22 1 N 1 A BNG 404 ? C6    ? E BNG 1   C6    
23 1 N 1 A BNG 404 ? "C8'" ? E BNG 1   "C8'" 
24 1 N 1 A BNG 404 ? "C9'" ? E BNG 1   "C9'" 
25 1 N 1 A BNG 404 ? O1    ? E BNG 1   O1    
26 1 N 1 A BNG 404 ? O2    ? E BNG 1   O2    
27 1 N 1 A BNG 404 ? O3    ? E BNG 1   O3    
28 1 N 1 A BNG 404 ? O4    ? E BNG 1   O4    
29 1 N 1 A BNG 404 ? O5    ? E BNG 1   O5    
30 1 N 1 A BNG 404 ? O6    ? E BNG 1   O6    
31 1 N 1 A BNG 405 ? C1    ? F BNG 1   C1    
32 1 N 1 A BNG 405 ? C2    ? F BNG 1   C2    
33 1 N 1 A BNG 405 ? C3    ? F BNG 1   C3    
34 1 N 1 A BNG 405 ? C4    ? F BNG 1   C4    
35 1 N 1 A BNG 405 ? C5    ? F BNG 1   C5    
36 1 N 1 A BNG 405 ? C6    ? F BNG 1   C6    
37 1 N 1 A BNG 405 ? "C6'" ? F BNG 1   "C6'" 
38 1 N 1 A BNG 405 ? "C7'" ? F BNG 1   "C7'" 
39 1 N 1 A BNG 405 ? "C8'" ? F BNG 1   "C8'" 
40 1 N 1 A BNG 405 ? "C9'" ? F BNG 1   "C9'" 
41 1 N 1 A BNG 405 ? O1    ? F BNG 1   O1    
42 1 N 1 A BNG 405 ? O2    ? F BNG 1   O2    
43 1 N 1 A BNG 405 ? O3    ? F BNG 1   O3    
44 1 N 1 A BNG 405 ? O4    ? F BNG 1   O4    
45 1 N 1 A BNG 405 ? O5    ? F BNG 1   O5    
46 1 N 1 A BNG 405 ? O6    ? F BNG 1   O6    
47 1 N 1 A BNG 407 ? C1    ? H BNG 1   C1    
48 1 N 1 A BNG 407 ? C2    ? H BNG 1   C2    
49 1 N 1 A BNG 407 ? C3    ? H BNG 1   C3    
50 1 N 1 A BNG 407 ? C4    ? H BNG 1   C4    
51 1 N 1 A BNG 407 ? C5    ? H BNG 1   C5    
52 1 N 1 A BNG 407 ? C6    ? H BNG 1   C6    
53 1 N 1 A BNG 407 ? "C6'" ? H BNG 1   "C6'" 
54 1 N 1 A BNG 407 ? "C7'" ? H BNG 1   "C7'" 
55 1 N 1 A BNG 407 ? "C8'" ? H BNG 1   "C8'" 
56 1 N 1 A BNG 407 ? "C9'" ? H BNG 1   "C9'" 
57 1 N 1 A BNG 407 ? O1    ? H BNG 1   O1    
58 1 N 1 A BNG 407 ? O2    ? H BNG 1   O2    
59 1 N 1 A BNG 407 ? O3    ? H BNG 1   O3    
60 1 N 1 A BNG 407 ? O4    ? H BNG 1   O4    
61 1 N 1 A BNG 407 ? O5    ? H BNG 1   O5    
62 1 N 1 A BNG 407 ? O6    ? H BNG 1   O6    
# 
loop_
_software.name 
_software.classification 
_software.version 
_software.citation_id 
_software.pdbx_ordinal 
_software.date 
_software.type 
_software.location 
_software.language 
REFMAC refinement       5.7.0032 ? 1 ? ? ? ? 
XDS    'data reduction' .        ? 2 ? ? ? ? 
SCALA  'data scaling'   .        ? 3 ? ? ? ? 
PHASER phasing          .        ? 4 ? ? ? ? 
# 
_cell.entry_id           3ZEB 
_cell.length_a           111.109 
_cell.length_b           111.109 
_cell.length_c           126.067 
_cell.angle_alpha        90.00 
_cell.angle_beta         90.00 
_cell.angle_gamma        120.00 
_cell.Z_PDB              18 
_cell.pdbx_unique_axis   ? 
# 
_symmetry.entry_id                         3ZEB 
_symmetry.space_group_name_H-M             'H 3 2' 
_symmetry.pdbx_full_space_group_name_H-M   ? 
_symmetry.cell_setting                     ? 
_symmetry.Int_Tables_number                155 
# 
_exptl.entry_id          3ZEB 
_exptl.method            'X-RAY DIFFRACTION' 
_exptl.crystals_number   1 
# 
_exptl_crystal.id                    1 
_exptl_crystal.density_meas          ? 
_exptl_crystal.density_Matthews      3.5 
_exptl_crystal.density_percent_sol   64.8 
_exptl_crystal.description           NONE 
_exptl_crystal.preparation           ? 
# 
_exptl_crystal_grow.crystal_id      1 
_exptl_crystal_grow.method          'VAPOR DIFFUSION, HANGING DROP' 
_exptl_crystal_grow.temp            298 
_exptl_crystal_grow.temp_details    ? 
_exptl_crystal_grow.pH              7.0 
_exptl_crystal_grow.pdbx_pH_range   ? 
_exptl_crystal_grow.pdbx_details    '2M AMMONIUM CHLORIDE, 0.1 M BIS-TRIS PH7.0, 298K' 
# 
_diffrn.id                               1 
_diffrn.ambient_temp                     100 
_diffrn.ambient_temp_details             ? 
_diffrn.crystal_id                       1 
_diffrn.pdbx_serial_crystal_experiment   ? 
# 
_diffrn_detector.diffrn_id              1 
_diffrn_detector.detector               PIXEL 
_diffrn_detector.type                   'DECTRIS PILATUS 6M' 
_diffrn_detector.pdbx_collection_date   2012-05-24 
_diffrn_detector.details                ? 
# 
_diffrn_radiation.diffrn_id                        1 
_diffrn_radiation.wavelength_id                    1 
_diffrn_radiation.pdbx_monochromatic_or_laue_m_l   M 
_diffrn_radiation.monochromator                    ? 
_diffrn_radiation.pdbx_diffrn_protocol             'SINGLE WAVELENGTH' 
_diffrn_radiation.pdbx_scattering_type             x-ray 
# 
_diffrn_radiation_wavelength.id           1 
_diffrn_radiation_wavelength.wavelength   0.9795 
_diffrn_radiation_wavelength.wt           1.0 
# 
_diffrn_source.diffrn_id                   1 
_diffrn_source.source                      SYNCHROTRON 
_diffrn_source.type                        'DIAMOND BEAMLINE I02' 
_diffrn_source.pdbx_synchrotron_site       Diamond 
_diffrn_source.pdbx_synchrotron_beamline   I02 
_diffrn_source.pdbx_wavelength             0.9795 
_diffrn_source.pdbx_wavelength_list        ? 
# 
_reflns.pdbx_diffrn_id               1 
_reflns.pdbx_ordinal                 1 
_reflns.entry_id                     3ZEB 
_reflns.observed_criterion_sigma_I   0.0 
_reflns.observed_criterion_sigma_F   ? 
_reflns.d_resolution_low             44.95 
_reflns.d_resolution_high            2.20 
_reflns.number_obs                   15318 
_reflns.number_all                   ? 
_reflns.percent_possible_obs         99.6 
_reflns.pdbx_Rmerge_I_obs            0.06 
_reflns.pdbx_Rsym_value              ? 
_reflns.pdbx_netI_over_sigmaI        13.50 
_reflns.B_iso_Wilson_estimate        47.4 
_reflns.pdbx_redundancy              4.9 
# 
_reflns_shell.pdbx_diffrn_id         1 
_reflns_shell.pdbx_ordinal           1 
_reflns_shell.d_res_high             2.20 
_reflns_shell.d_res_low              2.32 
_reflns_shell.percent_possible_all   98.1 
_reflns_shell.Rmerge_I_obs           0.48 
_reflns_shell.pdbx_Rsym_value        ? 
_reflns_shell.meanI_over_sigI_obs    3.10 
_reflns_shell.pdbx_redundancy        4.9 
# 
_refine.pdbx_refine_id                           'X-RAY DIFFRACTION' 
_refine.entry_id                                 3ZEB 
_refine.pdbx_diffrn_id                           1 
_refine.pdbx_TLS_residual_ADP_flag               ? 
_refine.ls_number_reflns_obs                     14556 
_refine.ls_number_reflns_all                     ? 
_refine.pdbx_ls_sigma_I                          ? 
_refine.pdbx_ls_sigma_F                          . 
_refine.pdbx_data_cutoff_high_absF               ? 
_refine.pdbx_data_cutoff_low_absF                ? 
_refine.pdbx_data_cutoff_high_rms_absF           ? 
_refine.ls_d_res_low                             44.99 
_refine.ls_d_res_high                            2.20 
_refine.ls_percent_reflns_obs                    99.33 
_refine.ls_R_factor_obs                          0.21552 
_refine.ls_R_factor_all                          ? 
_refine.ls_R_factor_R_work                       0.21386 
_refine.ls_R_factor_R_free                       0.24703 
_refine.ls_R_factor_R_free_error                 ? 
_refine.ls_R_factor_R_free_error_details         ? 
_refine.ls_percent_reflns_R_free                 5.0 
_refine.ls_number_reflns_R_free                  761 
_refine.ls_number_parameters                     ? 
_refine.ls_number_restraints                     ? 
_refine.occupancy_min                            ? 
_refine.occupancy_max                            ? 
_refine.correlation_coeff_Fo_to_Fc               0.950 
_refine.correlation_coeff_Fo_to_Fc_free          0.935 
_refine.B_iso_mean                               60.0 
_refine.aniso_B[1][1]                            -1.30 
_refine.aniso_B[2][2]                            -1.30 
_refine.aniso_B[3][3]                            4.21 
_refine.aniso_B[1][2]                            -1.30 
_refine.aniso_B[1][3]                            0.00 
_refine.aniso_B[2][3]                            0.00 
_refine.solvent_model_details                    MASK 
_refine.solvent_model_param_ksol                 ? 
_refine.solvent_model_param_bsol                 ? 
_refine.pdbx_solvent_vdw_probe_radii             1.20 
_refine.pdbx_solvent_ion_probe_radii             0.80 
_refine.pdbx_solvent_shrinkage_radii             0.80 
_refine.pdbx_ls_cross_valid_method               THROUGHOUT 
_refine.details                                  'HYDROGENS HAVE BEEN ADDED IN THE RIDING POSITIONS. U VALUES REFINED INDIVIDUALLY' 
_refine.pdbx_starting_model                      'PDB ENTRY 2XOV' 
_refine.pdbx_method_to_determine_struct          'MOLECULAR REPLACEMENT' 
_refine.pdbx_isotropic_thermal_model             ? 
_refine.pdbx_stereochemistry_target_values       'MAXIMUM LIKELIHOOD' 
_refine.pdbx_stereochem_target_val_spec_case     ? 
_refine.pdbx_R_Free_selection_details            RANDOM 
_refine.pdbx_overall_ESU_R                       0.203 
_refine.pdbx_overall_ESU_R_Free                  0.179 
_refine.overall_SU_ML                            0.132 
_refine.pdbx_overall_phase_error                 ? 
_refine.overall_SU_B                             5.099 
_refine.overall_SU_R_Cruickshank_DPI             ? 
_refine.pdbx_overall_SU_R_free_Cruickshank_DPI   ? 
_refine.pdbx_overall_SU_R_Blow_DPI               ? 
_refine.pdbx_overall_SU_R_free_Blow_DPI          ? 
# 
_refine_hist.pdbx_refine_id                   'X-RAY DIFFRACTION' 
_refine_hist.cycle_id                         LAST 
_refine_hist.pdbx_number_atoms_protein        1426 
_refine_hist.pdbx_number_atoms_nucleic_acid   0 
_refine_hist.pdbx_number_atoms_ligand         69 
_refine_hist.number_atoms_solvent             18 
_refine_hist.number_atoms_total               1513 
_refine_hist.d_res_high                       2.20 
_refine_hist.d_res_low                        44.99 
# 
loop_
_refine_ls_restr.type 
_refine_ls_restr.dev_ideal 
_refine_ls_restr.dev_ideal_target 
_refine_ls_restr.weight 
_refine_ls_restr.number 
_refine_ls_restr.pdbx_refine_id 
_refine_ls_restr.pdbx_restraint_function 
r_bond_refined_d             0.008  0.019  ? 1554 'X-RAY DIFFRACTION' ? 
r_bond_other_d               0.001  0.020  ? 1528 'X-RAY DIFFRACTION' ? 
r_angle_refined_deg          1.091  1.950  ? 2107 'X-RAY DIFFRACTION' ? 
r_angle_other_deg            0.744  3.000  ? 3485 'X-RAY DIFFRACTION' ? 
r_dihedral_angle_1_deg       4.641  5.000  ? 182  'X-RAY DIFFRACTION' ? 
r_dihedral_angle_2_deg       24.937 21.786 ? 56   'X-RAY DIFFRACTION' ? 
r_dihedral_angle_3_deg       12.705 15.000 ? 232  'X-RAY DIFFRACTION' ? 
r_dihedral_angle_4_deg       7.983  15.000 ? 6    'X-RAY DIFFRACTION' ? 
r_chiral_restr               0.061  0.200  ? 226  'X-RAY DIFFRACTION' ? 
r_gen_planes_refined         0.004  0.020  ? 1718 'X-RAY DIFFRACTION' ? 
r_gen_planes_other           0.001  0.020  ? 393  'X-RAY DIFFRACTION' ? 
r_nbd_refined                ?      ?      ? ?    'X-RAY DIFFRACTION' ? 
r_nbd_other                  ?      ?      ? ?    'X-RAY DIFFRACTION' ? 
r_nbtor_refined              ?      ?      ? ?    'X-RAY DIFFRACTION' ? 
r_nbtor_other                ?      ?      ? ?    'X-RAY DIFFRACTION' ? 
r_xyhbond_nbd_refined        ?      ?      ? ?    'X-RAY DIFFRACTION' ? 
r_xyhbond_nbd_other          ?      ?      ? ?    'X-RAY DIFFRACTION' ? 
r_metal_ion_refined          ?      ?      ? ?    'X-RAY DIFFRACTION' ? 
r_metal_ion_other            ?      ?      ? ?    'X-RAY DIFFRACTION' ? 
r_symmetry_vdw_refined       ?      ?      ? ?    'X-RAY DIFFRACTION' ? 
r_symmetry_vdw_other         ?      ?      ? ?    'X-RAY DIFFRACTION' ? 
r_symmetry_hbond_refined     ?      ?      ? ?    'X-RAY DIFFRACTION' ? 
r_symmetry_hbond_other       ?      ?      ? ?    'X-RAY DIFFRACTION' ? 
r_symmetry_metal_ion_refined ?      ?      ? ?    'X-RAY DIFFRACTION' ? 
r_symmetry_metal_ion_other   ?      ?      ? ?    'X-RAY DIFFRACTION' ? 
r_mcbond_it                  2.897  5.672  ? 720  'X-RAY DIFFRACTION' ? 
r_mcbond_other               2.894  5.666  ? 718  'X-RAY DIFFRACTION' ? 
r_mcangle_it                 4.104  8.481  ? 898  'X-RAY DIFFRACTION' ? 
r_mcangle_other              4.104  8.487  ? 899  'X-RAY DIFFRACTION' ? 
r_scbond_it                  2.958  6.267  ? 834  'X-RAY DIFFRACTION' ? 
r_scbond_other               2.957  6.268  ? 835  'X-RAY DIFFRACTION' ? 
r_scangle_it                 ?      ?      ? ?    'X-RAY DIFFRACTION' ? 
r_scangle_other              4.729  9.228  ? 1208 'X-RAY DIFFRACTION' ? 
r_long_range_B_refined       7.126  48.133 ? 1836 'X-RAY DIFFRACTION' ? 
r_long_range_B_other         7.069  48.113 ? 1832 'X-RAY DIFFRACTION' ? 
r_rigid_bond_restr           ?      ?      ? ?    'X-RAY DIFFRACTION' ? 
r_sphericity_free            ?      ?      ? ?    'X-RAY DIFFRACTION' ? 
r_sphericity_bonded          ?      ?      ? ?    'X-RAY DIFFRACTION' ? 
# 
_refine_ls_shell.pdbx_refine_id                   'X-RAY DIFFRACTION' 
_refine_ls_shell.pdbx_total_number_of_bins_used   20 
_refine_ls_shell.d_res_high                       2.199 
_refine_ls_shell.d_res_low                        2.256 
_refine_ls_shell.number_reflns_R_work             1020 
_refine_ls_shell.R_factor_R_work                  0.299 
_refine_ls_shell.percent_reflns_obs               95.93 
_refine_ls_shell.R_factor_R_free                  0.302 
_refine_ls_shell.R_factor_R_free_error            ? 
_refine_ls_shell.percent_reflns_R_free            ? 
_refine_ls_shell.number_reflns_R_free             65 
_refine_ls_shell.number_reflns_all                ? 
_refine_ls_shell.R_factor_all                     ? 
# 
_struct.entry_id                  3ZEB 
_struct.title                     'A complex of GlpG with isocoumarin inhibitor covalently bonded to serine 201 and histidine 150' 
_struct.pdbx_model_details        ? 
_struct.pdbx_CASP_flag            ? 
_struct.pdbx_model_type_details   ? 
# 
_struct_keywords.entry_id        3ZEB 
_struct_keywords.pdbx_keywords   HYDROLASE 
_struct_keywords.text            'HYDROLASE, INTRA-MEMBRANE PROTEASE, SERINE PROTEASE, ACYL ENZYME' 
# 
loop_
_struct_asym.id 
_struct_asym.pdbx_blank_PDB_chainid_flag 
_struct_asym.pdbx_modified 
_struct_asym.entity_id 
_struct_asym.details 
A N N 1 ? 
B N N 2 ? 
C N N 3 ? 
D N N 4 ? 
E N N 4 ? 
F N N 4 ? 
G N N 4 ? 
H N N 4 ? 
I N N 5 ? 
# 
_struct_ref.id                         1 
_struct_ref.db_name                    UNP 
_struct_ref.db_code                    GLPG_ECOLI 
_struct_ref.entity_id                  1 
_struct_ref.pdbx_seq_one_letter_code   ? 
_struct_ref.pdbx_align_begin           ? 
_struct_ref.pdbx_db_accession          P09391 
_struct_ref.pdbx_db_isoform            ? 
# 
_struct_ref_seq.align_id                      1 
_struct_ref_seq.ref_id                        1 
_struct_ref_seq.pdbx_PDB_id_code              3ZEB 
_struct_ref_seq.pdbx_strand_id                A 
_struct_ref_seq.seq_align_beg                 1 
_struct_ref_seq.pdbx_seq_align_beg_ins_code   ? 
_struct_ref_seq.seq_align_end                 179 
_struct_ref_seq.pdbx_seq_align_end_ins_code   ? 
_struct_ref_seq.pdbx_db_accession             P09391 
_struct_ref_seq.db_align_beg                  92 
_struct_ref_seq.pdbx_db_align_beg_ins_code    ? 
_struct_ref_seq.db_align_end                  270 
_struct_ref_seq.pdbx_db_align_end_ins_code    ? 
_struct_ref_seq.pdbx_auth_seq_align_beg       92 
_struct_ref_seq.pdbx_auth_seq_align_end       270 
# 
_pdbx_struct_assembly.id                   1 
_pdbx_struct_assembly.details              author_and_software_defined_assembly 
_pdbx_struct_assembly.method_details       PISA 
_pdbx_struct_assembly.oligomeric_details   monomeric 
_pdbx_struct_assembly.oligomeric_count     1 
# 
_pdbx_struct_assembly_gen.assembly_id       1 
_pdbx_struct_assembly_gen.oper_expression   1 
_pdbx_struct_assembly_gen.asym_id_list      A,B,C,D,E,F,G,H,I 
# 
_pdbx_struct_oper_list.id                   1 
_pdbx_struct_oper_list.type                 'identity operation' 
_pdbx_struct_oper_list.name                 1_555 
_pdbx_struct_oper_list.symmetry_operation   x,y,z 
_pdbx_struct_oper_list.matrix[1][1]         1.0000000000 
_pdbx_struct_oper_list.matrix[1][2]         0.0000000000 
_pdbx_struct_oper_list.matrix[1][3]         0.0000000000 
_pdbx_struct_oper_list.vector[1]            0.0000000000 
_pdbx_struct_oper_list.matrix[2][1]         0.0000000000 
_pdbx_struct_oper_list.matrix[2][2]         1.0000000000 
_pdbx_struct_oper_list.matrix[2][3]         0.0000000000 
_pdbx_struct_oper_list.vector[2]            0.0000000000 
_pdbx_struct_oper_list.matrix[3][1]         0.0000000000 
_pdbx_struct_oper_list.matrix[3][2]         0.0000000000 
_pdbx_struct_oper_list.matrix[3][3]         1.0000000000 
_pdbx_struct_oper_list.vector[3]            0.0000000000 
# 
loop_
_struct_conf.conf_type_id 
_struct_conf.id 
_struct_conf.pdbx_PDB_helix_id 
_struct_conf.beg_label_comp_id 
_struct_conf.beg_label_asym_id 
_struct_conf.beg_label_seq_id 
_struct_conf.pdbx_beg_PDB_ins_code 
_struct_conf.end_label_comp_id 
_struct_conf.end_label_asym_id 
_struct_conf.end_label_seq_id 
_struct_conf.pdbx_end_PDB_ins_code 
_struct_conf.beg_auth_comp_id 
_struct_conf.beg_auth_asym_id 
_struct_conf.beg_auth_seq_id 
_struct_conf.end_auth_comp_id 
_struct_conf.end_auth_asym_id 
_struct_conf.end_auth_seq_id 
_struct_conf.pdbx_PDB_helix_class 
_struct_conf.details 
_struct_conf.pdbx_PDB_helix_length 
HELX_P HELX_P1  1  GLY A 3   ? GLY A 24  ? GLY A 94  GLY A 115 1 ? 22 
HELX_P HELX_P2  2  GLY A 24  ? ALA A 33  ? GLY A 115 ALA A 124 1 ? 10 
HELX_P HELX_P3  3  ASP A 37  ? LYS A 41  ? ASP A 128 LYS A 132 5 ? 5  
HELX_P HELX_P4  4  GLU A 43  ? PHE A 48  ? GLU A 134 PHE A 139 5 ? 6  
HELX_P HELX_P5  5  PHE A 48  ? MET A 53  ? PHE A 139 MET A 144 5 ? 6  
HELX_P HELX_P6  6  SER A 56  ? GLY A 79  ? SER A 147 GLY A 170 1 ? 24 
HELX_P HELX_P7  7  GLY A 79  ? GLY A 103 ? GLY A 170 GLY A 194 1 ? 25 
HELX_P HELX_P8  8  LEU A 109 ? ASP A 127 ? LEU A 200 ASP A 218 1 ? 19 
HELX_P HELX_P9  9  PRO A 128 ? GLY A 131 ? PRO A 219 GLY A 222 5 ? 4  
HELX_P HELX_P10 10 GLN A 135 ? PHE A 151 ? GLN A 226 PHE A 242 1 ? 17 
HELX_P HELX_P11 11 ALA A 159 ? SER A 178 ? ALA A 250 SER A 269 1 ? 20 
# 
_struct_conf_type.id          HELX_P 
_struct_conf_type.criteria    ? 
_struct_conf_type.reference   ? 
# 
loop_
_struct_conn.id 
_struct_conn.conn_type_id 
_struct_conn.pdbx_leaving_atom_flag 
_struct_conn.pdbx_PDB_id 
_struct_conn.ptnr1_label_asym_id 
_struct_conn.ptnr1_label_comp_id 
_struct_conn.ptnr1_label_seq_id 
_struct_conn.ptnr1_label_atom_id 
_struct_conn.pdbx_ptnr1_label_alt_id 
_struct_conn.pdbx_ptnr1_PDB_ins_code 
_struct_conn.pdbx_ptnr1_standard_comp_id 
_struct_conn.ptnr1_symmetry 
_struct_conn.ptnr2_label_asym_id 
_struct_conn.ptnr2_label_comp_id 
_struct_conn.ptnr2_label_seq_id 
_struct_conn.ptnr2_label_atom_id 
_struct_conn.pdbx_ptnr2_label_alt_id 
_struct_conn.pdbx_ptnr2_PDB_ins_code 
_struct_conn.ptnr1_auth_asym_id 
_struct_conn.ptnr1_auth_comp_id 
_struct_conn.ptnr1_auth_seq_id 
_struct_conn.ptnr2_auth_asym_id 
_struct_conn.ptnr2_auth_comp_id 
_struct_conn.ptnr2_auth_seq_id 
_struct_conn.ptnr2_symmetry 
_struct_conn.pdbx_ptnr3_label_atom_id 
_struct_conn.pdbx_ptnr3_label_seq_id 
_struct_conn.pdbx_ptnr3_label_comp_id 
_struct_conn.pdbx_ptnr3_label_asym_id 
_struct_conn.pdbx_ptnr3_label_alt_id 
_struct_conn.pdbx_ptnr3_PDB_ins_code 
_struct_conn.details 
_struct_conn.pdbx_dist_value 
_struct_conn.pdbx_value_order 
_struct_conn.pdbx_role 
covale1 covale one ? A HIS 59  ND1 ? ? ? 1_555 B SV1 . C7 ? ? A HIS 150 A SV1 401 1_555 ? ? ? ? ? ? ? 1.502 ? ? 
covale2 covale one ? A SER 110 OG  ? ? ? 1_555 B SV1 . C  ? ? A SER 201 A SV1 401 1_555 ? ? ? ? ? ? ? 1.479 ? ? 
# 
_struct_conn_type.id          covale 
_struct_conn_type.criteria    ? 
_struct_conn_type.reference   ? 
# 
loop_
_pdbx_modification_feature.ordinal 
_pdbx_modification_feature.label_comp_id 
_pdbx_modification_feature.label_asym_id 
_pdbx_modification_feature.label_seq_id 
_pdbx_modification_feature.label_alt_id 
_pdbx_modification_feature.modified_residue_label_comp_id 
_pdbx_modification_feature.modified_residue_label_asym_id 
_pdbx_modification_feature.modified_residue_label_seq_id 
_pdbx_modification_feature.modified_residue_label_alt_id 
_pdbx_modification_feature.auth_comp_id 
_pdbx_modification_feature.auth_asym_id 
_pdbx_modification_feature.auth_seq_id 
_pdbx_modification_feature.PDB_ins_code 
_pdbx_modification_feature.symmetry 
_pdbx_modification_feature.modified_residue_auth_comp_id 
_pdbx_modification_feature.modified_residue_auth_asym_id 
_pdbx_modification_feature.modified_residue_auth_seq_id 
_pdbx_modification_feature.modified_residue_PDB_ins_code 
_pdbx_modification_feature.modified_residue_symmetry 
_pdbx_modification_feature.comp_id_linking_atom 
_pdbx_modification_feature.modified_residue_id_linking_atom 
_pdbx_modification_feature.modified_residue_id 
_pdbx_modification_feature.ref_pcm_id 
_pdbx_modification_feature.ref_comp_id 
_pdbx_modification_feature.type 
_pdbx_modification_feature.category 
1 SV1 B . ? HIS A 59  ? SV1 A 401 ? 1_555 HIS A 150 ? 1_555 C7 ND1 HIS 1 SV1 None 'Covalent chemical modification' 
2 SV1 B . ? SER A 110 ? SV1 A 401 ? 1_555 SER A 201 ? 1_555 C  OG  SER 2 SV1 None 'Covalent chemical modification' 
# 
_pdbx_entry_details.entry_id                   3ZEB 
_pdbx_entry_details.compound_details           ? 
_pdbx_entry_details.source_details             ? 
_pdbx_entry_details.nonpolymer_details         
;2-PHENYLETHYL 2-(4-AZANYL-2-METHANOYL-PHENYL)ETHANOATE (SV1): THE
 NUCLEOPHILIC ATTACK OF SER 201 ON ISOCOUMARIN OPENS THE
 RING AND FORMS AN ESTER BOND. A SUBSEQUENT REACTION WITH
 HIS 150 RESULTS IN TWIN COVALENTLY BONDED MOLECULE.
;
_pdbx_entry_details.sequence_details           ? 
_pdbx_entry_details.has_ligand_of_interest     ? 
_pdbx_entry_details.has_protein_modification   Y 
# 
_pdbx_validate_torsion.id              1 
_pdbx_validate_torsion.PDB_model_num   1 
_pdbx_validate_torsion.auth_comp_id    SER 
_pdbx_validate_torsion.auth_asym_id    A 
_pdbx_validate_torsion.auth_seq_id     269 
_pdbx_validate_torsion.PDB_ins_code    ? 
_pdbx_validate_torsion.label_alt_id    ? 
_pdbx_validate_torsion.phi             -102.39 
_pdbx_validate_torsion.psi             61.60 
# 
loop_
_chem_comp_atom.comp_id 
_chem_comp_atom.atom_id 
_chem_comp_atom.type_symbol 
_chem_comp_atom.pdbx_aromatic_flag 
_chem_comp_atom.pdbx_stereo_config 
_chem_comp_atom.pdbx_ordinal 
ALA N      N  N N 1   
ALA CA     C  N S 2   
ALA C      C  N N 3   
ALA O      O  N N 4   
ALA CB     C  N N 5   
ALA OXT    O  N N 6   
ALA H      H  N N 7   
ALA H2     H  N N 8   
ALA HA     H  N N 9   
ALA HB1    H  N N 10  
ALA HB2    H  N N 11  
ALA HB3    H  N N 12  
ALA HXT    H  N N 13  
ARG N      N  N N 14  
ARG CA     C  N S 15  
ARG C      C  N N 16  
ARG O      O  N N 17  
ARG CB     C  N N 18  
ARG CG     C  N N 19  
ARG CD     C  N N 20  
ARG NE     N  N N 21  
ARG CZ     C  N N 22  
ARG NH1    N  N N 23  
ARG NH2    N  N N 24  
ARG OXT    O  N N 25  
ARG H      H  N N 26  
ARG H2     H  N N 27  
ARG HA     H  N N 28  
ARG HB2    H  N N 29  
ARG HB3    H  N N 30  
ARG HG2    H  N N 31  
ARG HG3    H  N N 32  
ARG HD2    H  N N 33  
ARG HD3    H  N N 34  
ARG HE     H  N N 35  
ARG HH11   H  N N 36  
ARG HH12   H  N N 37  
ARG HH21   H  N N 38  
ARG HH22   H  N N 39  
ARG HXT    H  N N 40  
ASN N      N  N N 41  
ASN CA     C  N S 42  
ASN C      C  N N 43  
ASN O      O  N N 44  
ASN CB     C  N N 45  
ASN CG     C  N N 46  
ASN OD1    O  N N 47  
ASN ND2    N  N N 48  
ASN OXT    O  N N 49  
ASN H      H  N N 50  
ASN H2     H  N N 51  
ASN HA     H  N N 52  
ASN HB2    H  N N 53  
ASN HB3    H  N N 54  
ASN HD21   H  N N 55  
ASN HD22   H  N N 56  
ASN HXT    H  N N 57  
ASP N      N  N N 58  
ASP CA     C  N S 59  
ASP C      C  N N 60  
ASP O      O  N N 61  
ASP CB     C  N N 62  
ASP CG     C  N N 63  
ASP OD1    O  N N 64  
ASP OD2    O  N N 65  
ASP OXT    O  N N 66  
ASP H      H  N N 67  
ASP H2     H  N N 68  
ASP HA     H  N N 69  
ASP HB2    H  N N 70  
ASP HB3    H  N N 71  
ASP HD2    H  N N 72  
ASP HXT    H  N N 73  
BNG C1     C  N R 74  
BNG C2     C  N R 75  
BNG C3     C  N S 76  
BNG C4     C  N S 77  
BNG C5     C  N R 78  
BNG C6     C  N N 79  
BNG "C1'"  C  N N 80  
BNG "C2'"  C  N N 81  
BNG "C3'"  C  N N 82  
BNG "C4'"  C  N N 83  
BNG "C5'"  C  N N 84  
BNG "C6'"  C  N N 85  
BNG "C7'"  C  N N 86  
BNG "C8'"  C  N N 87  
BNG "C9'"  C  N N 88  
BNG O1     O  N N 89  
BNG O2     O  N N 90  
BNG O3     O  N N 91  
BNG O4     O  N N 92  
BNG O5     O  N N 93  
BNG O6     O  N N 94  
BNG H1     H  N N 95  
BNG H2     H  N N 96  
BNG H3     H  N N 97  
BNG H4     H  N N 98  
BNG H5     H  N N 99  
BNG H61    H  N N 100 
BNG H62    H  N N 101 
BNG "H1'1" H  N N 102 
BNG "H1'2" H  N N 103 
BNG "H2'1" H  N N 104 
BNG "H2'2" H  N N 105 
BNG "H3'1" H  N N 106 
BNG "H3'2" H  N N 107 
BNG "H4'1" H  N N 108 
BNG "H4'2" H  N N 109 
BNG "H5'1" H  N N 110 
BNG "H5'2" H  N N 111 
BNG "H6'1" H  N N 112 
BNG "H6'2" H  N N 113 
BNG "H7'1" H  N N 114 
BNG "H7'2" H  N N 115 
BNG "H8'1" H  N N 116 
BNG "H8'2" H  N N 117 
BNG "H9'1" H  N N 118 
BNG "H9'2" H  N N 119 
BNG "H9'3" H  N N 120 
BNG HO2    H  N N 121 
BNG HO3    H  N N 122 
BNG HO4    H  N N 123 
BNG HO6    H  N N 124 
CL  CL     CL N N 125 
CYS N      N  N N 126 
CYS CA     C  N R 127 
CYS C      C  N N 128 
CYS O      O  N N 129 
CYS CB     C  N N 130 
CYS SG     S  N N 131 
CYS OXT    O  N N 132 
CYS H      H  N N 133 
CYS H2     H  N N 134 
CYS HA     H  N N 135 
CYS HB2    H  N N 136 
CYS HB3    H  N N 137 
CYS HG     H  N N 138 
CYS HXT    H  N N 139 
GLN N      N  N N 140 
GLN CA     C  N S 141 
GLN C      C  N N 142 
GLN O      O  N N 143 
GLN CB     C  N N 144 
GLN CG     C  N N 145 
GLN CD     C  N N 146 
GLN OE1    O  N N 147 
GLN NE2    N  N N 148 
GLN OXT    O  N N 149 
GLN H      H  N N 150 
GLN H2     H  N N 151 
GLN HA     H  N N 152 
GLN HB2    H  N N 153 
GLN HB3    H  N N 154 
GLN HG2    H  N N 155 
GLN HG3    H  N N 156 
GLN HE21   H  N N 157 
GLN HE22   H  N N 158 
GLN HXT    H  N N 159 
GLU N      N  N N 160 
GLU CA     C  N S 161 
GLU C      C  N N 162 
GLU O      O  N N 163 
GLU CB     C  N N 164 
GLU CG     C  N N 165 
GLU CD     C  N N 166 
GLU OE1    O  N N 167 
GLU OE2    O  N N 168 
GLU OXT    O  N N 169 
GLU H      H  N N 170 
GLU H2     H  N N 171 
GLU HA     H  N N 172 
GLU HB2    H  N N 173 
GLU HB3    H  N N 174 
GLU HG2    H  N N 175 
GLU HG3    H  N N 176 
GLU HE2    H  N N 177 
GLU HXT    H  N N 178 
GLY N      N  N N 179 
GLY CA     C  N N 180 
GLY C      C  N N 181 
GLY O      O  N N 182 
GLY OXT    O  N N 183 
GLY H      H  N N 184 
GLY H2     H  N N 185 
GLY HA2    H  N N 186 
GLY HA3    H  N N 187 
GLY HXT    H  N N 188 
HIS N      N  N N 189 
HIS CA     C  N S 190 
HIS C      C  N N 191 
HIS O      O  N N 192 
HIS CB     C  N N 193 
HIS CG     C  Y N 194 
HIS ND1    N  Y N 195 
HIS CD2    C  Y N 196 
HIS CE1    C  Y N 197 
HIS NE2    N  Y N 198 
HIS OXT    O  N N 199 
HIS H      H  N N 200 
HIS H2     H  N N 201 
HIS HA     H  N N 202 
HIS HB2    H  N N 203 
HIS HB3    H  N N 204 
HIS HD1    H  N N 205 
HIS HD2    H  N N 206 
HIS HE1    H  N N 207 
HIS HE2    H  N N 208 
HIS HXT    H  N N 209 
HOH O      O  N N 210 
HOH H1     H  N N 211 
HOH H2     H  N N 212 
ILE N      N  N N 213 
ILE CA     C  N S 214 
ILE C      C  N N 215 
ILE O      O  N N 216 
ILE CB     C  N S 217 
ILE CG1    C  N N 218 
ILE CG2    C  N N 219 
ILE CD1    C  N N 220 
ILE OXT    O  N N 221 
ILE H      H  N N 222 
ILE H2     H  N N 223 
ILE HA     H  N N 224 
ILE HB     H  N N 225 
ILE HG12   H  N N 226 
ILE HG13   H  N N 227 
ILE HG21   H  N N 228 
ILE HG22   H  N N 229 
ILE HG23   H  N N 230 
ILE HD11   H  N N 231 
ILE HD12   H  N N 232 
ILE HD13   H  N N 233 
ILE HXT    H  N N 234 
LEU N      N  N N 235 
LEU CA     C  N S 236 
LEU C      C  N N 237 
LEU O      O  N N 238 
LEU CB     C  N N 239 
LEU CG     C  N N 240 
LEU CD1    C  N N 241 
LEU CD2    C  N N 242 
LEU OXT    O  N N 243 
LEU H      H  N N 244 
LEU H2     H  N N 245 
LEU HA     H  N N 246 
LEU HB2    H  N N 247 
LEU HB3    H  N N 248 
LEU HG     H  N N 249 
LEU HD11   H  N N 250 
LEU HD12   H  N N 251 
LEU HD13   H  N N 252 
LEU HD21   H  N N 253 
LEU HD22   H  N N 254 
LEU HD23   H  N N 255 
LEU HXT    H  N N 256 
LYS N      N  N N 257 
LYS CA     C  N S 258 
LYS C      C  N N 259 
LYS O      O  N N 260 
LYS CB     C  N N 261 
LYS CG     C  N N 262 
LYS CD     C  N N 263 
LYS CE     C  N N 264 
LYS NZ     N  N N 265 
LYS OXT    O  N N 266 
LYS H      H  N N 267 
LYS H2     H  N N 268 
LYS HA     H  N N 269 
LYS HB2    H  N N 270 
LYS HB3    H  N N 271 
LYS HG2    H  N N 272 
LYS HG3    H  N N 273 
LYS HD2    H  N N 274 
LYS HD3    H  N N 275 
LYS HE2    H  N N 276 
LYS HE3    H  N N 277 
LYS HZ1    H  N N 278 
LYS HZ2    H  N N 279 
LYS HZ3    H  N N 280 
LYS HXT    H  N N 281 
MET N      N  N N 282 
MET CA     C  N S 283 
MET C      C  N N 284 
MET O      O  N N 285 
MET CB     C  N N 286 
MET CG     C  N N 287 
MET SD     S  N N 288 
MET CE     C  N N 289 
MET OXT    O  N N 290 
MET H      H  N N 291 
MET H2     H  N N 292 
MET HA     H  N N 293 
MET HB2    H  N N 294 
MET HB3    H  N N 295 
MET HG2    H  N N 296 
MET HG3    H  N N 297 
MET HE1    H  N N 298 
MET HE2    H  N N 299 
MET HE3    H  N N 300 
MET HXT    H  N N 301 
PHE N      N  N N 302 
PHE CA     C  N S 303 
PHE C      C  N N 304 
PHE O      O  N N 305 
PHE CB     C  N N 306 
PHE CG     C  Y N 307 
PHE CD1    C  Y N 308 
PHE CD2    C  Y N 309 
PHE CE1    C  Y N 310 
PHE CE2    C  Y N 311 
PHE CZ     C  Y N 312 
PHE OXT    O  N N 313 
PHE H      H  N N 314 
PHE H2     H  N N 315 
PHE HA     H  N N 316 
PHE HB2    H  N N 317 
PHE HB3    H  N N 318 
PHE HD1    H  N N 319 
PHE HD2    H  N N 320 
PHE HE1    H  N N 321 
PHE HE2    H  N N 322 
PHE HZ     H  N N 323 
PHE HXT    H  N N 324 
PRO N      N  N N 325 
PRO CA     C  N S 326 
PRO C      C  N N 327 
PRO O      O  N N 328 
PRO CB     C  N N 329 
PRO CG     C  N N 330 
PRO CD     C  N N 331 
PRO OXT    O  N N 332 
PRO H      H  N N 333 
PRO HA     H  N N 334 
PRO HB2    H  N N 335 
PRO HB3    H  N N 336 
PRO HG2    H  N N 337 
PRO HG3    H  N N 338 
PRO HD2    H  N N 339 
PRO HD3    H  N N 340 
PRO HXT    H  N N 341 
SER N      N  N N 342 
SER CA     C  N S 343 
SER C      C  N N 344 
SER O      O  N N 345 
SER CB     C  N N 346 
SER OG     O  N N 347 
SER OXT    O  N N 348 
SER H      H  N N 349 
SER H2     H  N N 350 
SER HA     H  N N 351 
SER HB2    H  N N 352 
SER HB3    H  N N 353 
SER HG     H  N N 354 
SER HXT    H  N N 355 
SV1 O1     O  N N 356 
SV1 C8     C  N N 357 
SV1 C7     C  N N 358 
SV1 C6     C  Y N 359 
SV1 C5     C  Y N 360 
SV1 C4     C  Y N 361 
SV1 C3     C  Y N 362 
SV1 N      N  N N 363 
SV1 C2     C  Y N 364 
SV1 C1     C  Y N 365 
SV1 C      C  N N 366 
SV1 O      O  N N 367 
SV1 O2     O  N N 368 
SV1 C9     C  N N 369 
SV1 C10    C  N N 370 
SV1 C11    C  Y N 371 
SV1 C16    C  Y N 372 
SV1 C15    C  Y N 373 
SV1 C14    C  Y N 374 
SV1 C13    C  Y N 375 
SV1 C12    C  Y N 376 
SV1 H      H  N N 377 
SV1 H72    H  N N 378 
SV1 H71    H  N N 379 
SV1 H5     H  N N 380 
SV1 H4     H  N N 381 
SV1 HN1    H  N N 382 
SV1 HN2    H  N N 383 
SV1 H2     H  N N 384 
SV1 H91C   H  N N 385 
SV1 H92C   H  N N 386 
SV1 H101   H  N N 387 
SV1 H102   H  N N 388 
SV1 H16    H  N N 389 
SV1 H12    H  N N 390 
SV1 H15    H  N N 391 
SV1 H14    H  N N 392 
SV1 H13    H  N N 393 
THR N      N  N N 394 
THR CA     C  N S 395 
THR C      C  N N 396 
THR O      O  N N 397 
THR CB     C  N R 398 
THR OG1    O  N N 399 
THR CG2    C  N N 400 
THR OXT    O  N N 401 
THR H      H  N N 402 
THR H2     H  N N 403 
THR HA     H  N N 404 
THR HB     H  N N 405 
THR HG1    H  N N 406 
THR HG21   H  N N 407 
THR HG22   H  N N 408 
THR HG23   H  N N 409 
THR HXT    H  N N 410 
TRP N      N  N N 411 
TRP CA     C  N S 412 
TRP C      C  N N 413 
TRP O      O  N N 414 
TRP CB     C  N N 415 
TRP CG     C  Y N 416 
TRP CD1    C  Y N 417 
TRP CD2    C  Y N 418 
TRP NE1    N  Y N 419 
TRP CE2    C  Y N 420 
TRP CE3    C  Y N 421 
TRP CZ2    C  Y N 422 
TRP CZ3    C  Y N 423 
TRP CH2    C  Y N 424 
TRP OXT    O  N N 425 
TRP H      H  N N 426 
TRP H2     H  N N 427 
TRP HA     H  N N 428 
TRP HB2    H  N N 429 
TRP HB3    H  N N 430 
TRP HD1    H  N N 431 
TRP HE1    H  N N 432 
TRP HE3    H  N N 433 
TRP HZ2    H  N N 434 
TRP HZ3    H  N N 435 
TRP HH2    H  N N 436 
TRP HXT    H  N N 437 
TYR N      N  N N 438 
TYR CA     C  N S 439 
TYR C      C  N N 440 
TYR O      O  N N 441 
TYR CB     C  N N 442 
TYR CG     C  Y N 443 
TYR CD1    C  Y N 444 
TYR CD2    C  Y N 445 
TYR CE1    C  Y N 446 
TYR CE2    C  Y N 447 
TYR CZ     C  Y N 448 
TYR OH     O  N N 449 
TYR OXT    O  N N 450 
TYR H      H  N N 451 
TYR H2     H  N N 452 
TYR HA     H  N N 453 
TYR HB2    H  N N 454 
TYR HB3    H  N N 455 
TYR HD1    H  N N 456 
TYR HD2    H  N N 457 
TYR HE1    H  N N 458 
TYR HE2    H  N N 459 
TYR HH     H  N N 460 
TYR HXT    H  N N 461 
VAL N      N  N N 462 
VAL CA     C  N S 463 
VAL C      C  N N 464 
VAL O      O  N N 465 
VAL CB     C  N N 466 
VAL CG1    C  N N 467 
VAL CG2    C  N N 468 
VAL OXT    O  N N 469 
VAL H      H  N N 470 
VAL H2     H  N N 471 
VAL HA     H  N N 472 
VAL HB     H  N N 473 
VAL HG11   H  N N 474 
VAL HG12   H  N N 475 
VAL HG13   H  N N 476 
VAL HG21   H  N N 477 
VAL HG22   H  N N 478 
VAL HG23   H  N N 479 
VAL HXT    H  N N 480 
# 
loop_
_chem_comp_bond.comp_id 
_chem_comp_bond.atom_id_1 
_chem_comp_bond.atom_id_2 
_chem_comp_bond.value_order 
_chem_comp_bond.pdbx_aromatic_flag 
_chem_comp_bond.pdbx_stereo_config 
_chem_comp_bond.pdbx_ordinal 
ALA N     CA     sing N N 1   
ALA N     H      sing N N 2   
ALA N     H2     sing N N 3   
ALA CA    C      sing N N 4   
ALA CA    CB     sing N N 5   
ALA CA    HA     sing N N 6   
ALA C     O      doub N N 7   
ALA C     OXT    sing N N 8   
ALA CB    HB1    sing N N 9   
ALA CB    HB2    sing N N 10  
ALA CB    HB3    sing N N 11  
ALA OXT   HXT    sing N N 12  
ARG N     CA     sing N N 13  
ARG N     H      sing N N 14  
ARG N     H2     sing N N 15  
ARG CA    C      sing N N 16  
ARG CA    CB     sing N N 17  
ARG CA    HA     sing N N 18  
ARG C     O      doub N N 19  
ARG C     OXT    sing N N 20  
ARG CB    CG     sing N N 21  
ARG CB    HB2    sing N N 22  
ARG CB    HB3    sing N N 23  
ARG CG    CD     sing N N 24  
ARG CG    HG2    sing N N 25  
ARG CG    HG3    sing N N 26  
ARG CD    NE     sing N N 27  
ARG CD    HD2    sing N N 28  
ARG CD    HD3    sing N N 29  
ARG NE    CZ     sing N N 30  
ARG NE    HE     sing N N 31  
ARG CZ    NH1    sing N N 32  
ARG CZ    NH2    doub N N 33  
ARG NH1   HH11   sing N N 34  
ARG NH1   HH12   sing N N 35  
ARG NH2   HH21   sing N N 36  
ARG NH2   HH22   sing N N 37  
ARG OXT   HXT    sing N N 38  
ASN N     CA     sing N N 39  
ASN N     H      sing N N 40  
ASN N     H2     sing N N 41  
ASN CA    C      sing N N 42  
ASN CA    CB     sing N N 43  
ASN CA    HA     sing N N 44  
ASN C     O      doub N N 45  
ASN C     OXT    sing N N 46  
ASN CB    CG     sing N N 47  
ASN CB    HB2    sing N N 48  
ASN CB    HB3    sing N N 49  
ASN CG    OD1    doub N N 50  
ASN CG    ND2    sing N N 51  
ASN ND2   HD21   sing N N 52  
ASN ND2   HD22   sing N N 53  
ASN OXT   HXT    sing N N 54  
ASP N     CA     sing N N 55  
ASP N     H      sing N N 56  
ASP N     H2     sing N N 57  
ASP CA    C      sing N N 58  
ASP CA    CB     sing N N 59  
ASP CA    HA     sing N N 60  
ASP C     O      doub N N 61  
ASP C     OXT    sing N N 62  
ASP CB    CG     sing N N 63  
ASP CB    HB2    sing N N 64  
ASP CB    HB3    sing N N 65  
ASP CG    OD1    doub N N 66  
ASP CG    OD2    sing N N 67  
ASP OD2   HD2    sing N N 68  
ASP OXT   HXT    sing N N 69  
BNG C1    C2     sing N N 70  
BNG C1    O1     sing N N 71  
BNG C1    O5     sing N N 72  
BNG C1    H1     sing N N 73  
BNG C2    C3     sing N N 74  
BNG C2    O2     sing N N 75  
BNG C2    H2     sing N N 76  
BNG C3    C4     sing N N 77  
BNG C3    O3     sing N N 78  
BNG C3    H3     sing N N 79  
BNG C4    C5     sing N N 80  
BNG C4    O4     sing N N 81  
BNG C4    H4     sing N N 82  
BNG C5    C6     sing N N 83  
BNG C5    O5     sing N N 84  
BNG C5    H5     sing N N 85  
BNG C6    O6     sing N N 86  
BNG C6    H61    sing N N 87  
BNG C6    H62    sing N N 88  
BNG "C1'" "C2'"  sing N N 89  
BNG "C1'" O1     sing N N 90  
BNG "C1'" "H1'1" sing N N 91  
BNG "C1'" "H1'2" sing N N 92  
BNG "C2'" "C3'"  sing N N 93  
BNG "C2'" "H2'1" sing N N 94  
BNG "C2'" "H2'2" sing N N 95  
BNG "C3'" "C4'"  sing N N 96  
BNG "C3'" "H3'1" sing N N 97  
BNG "C3'" "H3'2" sing N N 98  
BNG "C4'" "C5'"  sing N N 99  
BNG "C4'" "H4'1" sing N N 100 
BNG "C4'" "H4'2" sing N N 101 
BNG "C5'" "C6'"  sing N N 102 
BNG "C5'" "H5'1" sing N N 103 
BNG "C5'" "H5'2" sing N N 104 
BNG "C6'" "C7'"  sing N N 105 
BNG "C6'" "H6'1" sing N N 106 
BNG "C6'" "H6'2" sing N N 107 
BNG "C7'" "C8'"  sing N N 108 
BNG "C7'" "H7'1" sing N N 109 
BNG "C7'" "H7'2" sing N N 110 
BNG "C8'" "C9'"  sing N N 111 
BNG "C8'" "H8'1" sing N N 112 
BNG "C8'" "H8'2" sing N N 113 
BNG "C9'" "H9'1" sing N N 114 
BNG "C9'" "H9'2" sing N N 115 
BNG "C9'" "H9'3" sing N N 116 
BNG O2    HO2    sing N N 117 
BNG O3    HO3    sing N N 118 
BNG O4    HO4    sing N N 119 
BNG O6    HO6    sing N N 120 
CYS N     CA     sing N N 121 
CYS N     H      sing N N 122 
CYS N     H2     sing N N 123 
CYS CA    C      sing N N 124 
CYS CA    CB     sing N N 125 
CYS CA    HA     sing N N 126 
CYS C     O      doub N N 127 
CYS C     OXT    sing N N 128 
CYS CB    SG     sing N N 129 
CYS CB    HB2    sing N N 130 
CYS CB    HB3    sing N N 131 
CYS SG    HG     sing N N 132 
CYS OXT   HXT    sing N N 133 
GLN N     CA     sing N N 134 
GLN N     H      sing N N 135 
GLN N     H2     sing N N 136 
GLN CA    C      sing N N 137 
GLN CA    CB     sing N N 138 
GLN CA    HA     sing N N 139 
GLN C     O      doub N N 140 
GLN C     OXT    sing N N 141 
GLN CB    CG     sing N N 142 
GLN CB    HB2    sing N N 143 
GLN CB    HB3    sing N N 144 
GLN CG    CD     sing N N 145 
GLN CG    HG2    sing N N 146 
GLN CG    HG3    sing N N 147 
GLN CD    OE1    doub N N 148 
GLN CD    NE2    sing N N 149 
GLN NE2   HE21   sing N N 150 
GLN NE2   HE22   sing N N 151 
GLN OXT   HXT    sing N N 152 
GLU N     CA     sing N N 153 
GLU N     H      sing N N 154 
GLU N     H2     sing N N 155 
GLU CA    C      sing N N 156 
GLU CA    CB     sing N N 157 
GLU CA    HA     sing N N 158 
GLU C     O      doub N N 159 
GLU C     OXT    sing N N 160 
GLU CB    CG     sing N N 161 
GLU CB    HB2    sing N N 162 
GLU CB    HB3    sing N N 163 
GLU CG    CD     sing N N 164 
GLU CG    HG2    sing N N 165 
GLU CG    HG3    sing N N 166 
GLU CD    OE1    doub N N 167 
GLU CD    OE2    sing N N 168 
GLU OE2   HE2    sing N N 169 
GLU OXT   HXT    sing N N 170 
GLY N     CA     sing N N 171 
GLY N     H      sing N N 172 
GLY N     H2     sing N N 173 
GLY CA    C      sing N N 174 
GLY CA    HA2    sing N N 175 
GLY CA    HA3    sing N N 176 
GLY C     O      doub N N 177 
GLY C     OXT    sing N N 178 
GLY OXT   HXT    sing N N 179 
HIS N     CA     sing N N 180 
HIS N     H      sing N N 181 
HIS N     H2     sing N N 182 
HIS CA    C      sing N N 183 
HIS CA    CB     sing N N 184 
HIS CA    HA     sing N N 185 
HIS C     O      doub N N 186 
HIS C     OXT    sing N N 187 
HIS CB    CG     sing N N 188 
HIS CB    HB2    sing N N 189 
HIS CB    HB3    sing N N 190 
HIS CG    ND1    sing Y N 191 
HIS CG    CD2    doub Y N 192 
HIS ND1   CE1    doub Y N 193 
HIS ND1   HD1    sing N N 194 
HIS CD2   NE2    sing Y N 195 
HIS CD2   HD2    sing N N 196 
HIS CE1   NE2    sing Y N 197 
HIS CE1   HE1    sing N N 198 
HIS NE2   HE2    sing N N 199 
HIS OXT   HXT    sing N N 200 
HOH O     H1     sing N N 201 
HOH O     H2     sing N N 202 
ILE N     CA     sing N N 203 
ILE N     H      sing N N 204 
ILE N     H2     sing N N 205 
ILE CA    C      sing N N 206 
ILE CA    CB     sing N N 207 
ILE CA    HA     sing N N 208 
ILE C     O      doub N N 209 
ILE C     OXT    sing N N 210 
ILE CB    CG1    sing N N 211 
ILE CB    CG2    sing N N 212 
ILE CB    HB     sing N N 213 
ILE CG1   CD1    sing N N 214 
ILE CG1   HG12   sing N N 215 
ILE CG1   HG13   sing N N 216 
ILE CG2   HG21   sing N N 217 
ILE CG2   HG22   sing N N 218 
ILE CG2   HG23   sing N N 219 
ILE CD1   HD11   sing N N 220 
ILE CD1   HD12   sing N N 221 
ILE CD1   HD13   sing N N 222 
ILE OXT   HXT    sing N N 223 
LEU N     CA     sing N N 224 
LEU N     H      sing N N 225 
LEU N     H2     sing N N 226 
LEU CA    C      sing N N 227 
LEU CA    CB     sing N N 228 
LEU CA    HA     sing N N 229 
LEU C     O      doub N N 230 
LEU C     OXT    sing N N 231 
LEU CB    CG     sing N N 232 
LEU CB    HB2    sing N N 233 
LEU CB    HB3    sing N N 234 
LEU CG    CD1    sing N N 235 
LEU CG    CD2    sing N N 236 
LEU CG    HG     sing N N 237 
LEU CD1   HD11   sing N N 238 
LEU CD1   HD12   sing N N 239 
LEU CD1   HD13   sing N N 240 
LEU CD2   HD21   sing N N 241 
LEU CD2   HD22   sing N N 242 
LEU CD2   HD23   sing N N 243 
LEU OXT   HXT    sing N N 244 
LYS N     CA     sing N N 245 
LYS N     H      sing N N 246 
LYS N     H2     sing N N 247 
LYS CA    C      sing N N 248 
LYS CA    CB     sing N N 249 
LYS CA    HA     sing N N 250 
LYS C     O      doub N N 251 
LYS C     OXT    sing N N 252 
LYS CB    CG     sing N N 253 
LYS CB    HB2    sing N N 254 
LYS CB    HB3    sing N N 255 
LYS CG    CD     sing N N 256 
LYS CG    HG2    sing N N 257 
LYS CG    HG3    sing N N 258 
LYS CD    CE     sing N N 259 
LYS CD    HD2    sing N N 260 
LYS CD    HD3    sing N N 261 
LYS CE    NZ     sing N N 262 
LYS CE    HE2    sing N N 263 
LYS CE    HE3    sing N N 264 
LYS NZ    HZ1    sing N N 265 
LYS NZ    HZ2    sing N N 266 
LYS NZ    HZ3    sing N N 267 
LYS OXT   HXT    sing N N 268 
MET N     CA     sing N N 269 
MET N     H      sing N N 270 
MET N     H2     sing N N 271 
MET CA    C      sing N N 272 
MET CA    CB     sing N N 273 
MET CA    HA     sing N N 274 
MET C     O      doub N N 275 
MET C     OXT    sing N N 276 
MET CB    CG     sing N N 277 
MET CB    HB2    sing N N 278 
MET CB    HB3    sing N N 279 
MET CG    SD     sing N N 280 
MET CG    HG2    sing N N 281 
MET CG    HG3    sing N N 282 
MET SD    CE     sing N N 283 
MET CE    HE1    sing N N 284 
MET CE    HE2    sing N N 285 
MET CE    HE3    sing N N 286 
MET OXT   HXT    sing N N 287 
PHE N     CA     sing N N 288 
PHE N     H      sing N N 289 
PHE N     H2     sing N N 290 
PHE CA    C      sing N N 291 
PHE CA    CB     sing N N 292 
PHE CA    HA     sing N N 293 
PHE C     O      doub N N 294 
PHE C     OXT    sing N N 295 
PHE CB    CG     sing N N 296 
PHE CB    HB2    sing N N 297 
PHE CB    HB3    sing N N 298 
PHE CG    CD1    doub Y N 299 
PHE CG    CD2    sing Y N 300 
PHE CD1   CE1    sing Y N 301 
PHE CD1   HD1    sing N N 302 
PHE CD2   CE2    doub Y N 303 
PHE CD2   HD2    sing N N 304 
PHE CE1   CZ     doub Y N 305 
PHE CE1   HE1    sing N N 306 
PHE CE2   CZ     sing Y N 307 
PHE CE2   HE2    sing N N 308 
PHE CZ    HZ     sing N N 309 
PHE OXT   HXT    sing N N 310 
PRO N     CA     sing N N 311 
PRO N     CD     sing N N 312 
PRO N     H      sing N N 313 
PRO CA    C      sing N N 314 
PRO CA    CB     sing N N 315 
PRO CA    HA     sing N N 316 
PRO C     O      doub N N 317 
PRO C     OXT    sing N N 318 
PRO CB    CG     sing N N 319 
PRO CB    HB2    sing N N 320 
PRO CB    HB3    sing N N 321 
PRO CG    CD     sing N N 322 
PRO CG    HG2    sing N N 323 
PRO CG    HG3    sing N N 324 
PRO CD    HD2    sing N N 325 
PRO CD    HD3    sing N N 326 
PRO OXT   HXT    sing N N 327 
SER N     CA     sing N N 328 
SER N     H      sing N N 329 
SER N     H2     sing N N 330 
SER CA    C      sing N N 331 
SER CA    CB     sing N N 332 
SER CA    HA     sing N N 333 
SER C     O      doub N N 334 
SER C     OXT    sing N N 335 
SER CB    OG     sing N N 336 
SER CB    HB2    sing N N 337 
SER CB    HB3    sing N N 338 
SER OG    HG     sing N N 339 
SER OXT   HXT    sing N N 340 
SV1 O1    C8     doub N N 341 
SV1 C8    C7     sing N N 342 
SV1 C8    O2     sing N N 343 
SV1 C7    C6     sing N N 344 
SV1 C6    C5     sing Y N 345 
SV1 C6    C1     doub Y N 346 
SV1 C5    C4     doub Y N 347 
SV1 C4    C3     sing Y N 348 
SV1 C3    N      sing N N 349 
SV1 C3    C2     doub Y N 350 
SV1 C2    C1     sing Y N 351 
SV1 C1    C      sing N N 352 
SV1 C     O      doub N N 353 
SV1 O2    C9     sing N N 354 
SV1 C9    C10    sing N N 355 
SV1 C10   C11    sing N N 356 
SV1 C11   C16    sing Y N 357 
SV1 C11   C12    doub Y N 358 
SV1 C16   C15    doub Y N 359 
SV1 C15   C14    sing Y N 360 
SV1 C14   C13    doub Y N 361 
SV1 C13   C12    sing Y N 362 
SV1 C     H      sing N N 363 
SV1 C7    H71    sing N N 364 
SV1 C7    H72    sing N N 365 
SV1 C5    H5     sing N N 366 
SV1 C4    H4     sing N N 367 
SV1 N     HN1    sing N N 368 
SV1 N     HN2    sing N N 369 
SV1 C2    H2     sing N N 370 
SV1 C9    H91C   sing N N 371 
SV1 C9    H92C   sing N N 372 
SV1 C10   H101   sing N N 373 
SV1 C10   H102   sing N N 374 
SV1 C16   H16    sing N N 375 
SV1 C12   H12    sing N N 376 
SV1 C15   H15    sing N N 377 
SV1 C14   H14    sing N N 378 
SV1 C13   H13    sing N N 379 
THR N     CA     sing N N 380 
THR N     H      sing N N 381 
THR N     H2     sing N N 382 
THR CA    C      sing N N 383 
THR CA    CB     sing N N 384 
THR CA    HA     sing N N 385 
THR C     O      doub N N 386 
THR C     OXT    sing N N 387 
THR CB    OG1    sing N N 388 
THR CB    CG2    sing N N 389 
THR CB    HB     sing N N 390 
THR OG1   HG1    sing N N 391 
THR CG2   HG21   sing N N 392 
THR CG2   HG22   sing N N 393 
THR CG2   HG23   sing N N 394 
THR OXT   HXT    sing N N 395 
TRP N     CA     sing N N 396 
TRP N     H      sing N N 397 
TRP N     H2     sing N N 398 
TRP CA    C      sing N N 399 
TRP CA    CB     sing N N 400 
TRP CA    HA     sing N N 401 
TRP C     O      doub N N 402 
TRP C     OXT    sing N N 403 
TRP CB    CG     sing N N 404 
TRP CB    HB2    sing N N 405 
TRP CB    HB3    sing N N 406 
TRP CG    CD1    doub Y N 407 
TRP CG    CD2    sing Y N 408 
TRP CD1   NE1    sing Y N 409 
TRP CD1   HD1    sing N N 410 
TRP CD2   CE2    doub Y N 411 
TRP CD2   CE3    sing Y N 412 
TRP NE1   CE2    sing Y N 413 
TRP NE1   HE1    sing N N 414 
TRP CE2   CZ2    sing Y N 415 
TRP CE3   CZ3    doub Y N 416 
TRP CE3   HE3    sing N N 417 
TRP CZ2   CH2    doub Y N 418 
TRP CZ2   HZ2    sing N N 419 
TRP CZ3   CH2    sing Y N 420 
TRP CZ3   HZ3    sing N N 421 
TRP CH2   HH2    sing N N 422 
TRP OXT   HXT    sing N N 423 
TYR N     CA     sing N N 424 
TYR N     H      sing N N 425 
TYR N     H2     sing N N 426 
TYR CA    C      sing N N 427 
TYR CA    CB     sing N N 428 
TYR CA    HA     sing N N 429 
TYR C     O      doub N N 430 
TYR C     OXT    sing N N 431 
TYR CB    CG     sing N N 432 
TYR CB    HB2    sing N N 433 
TYR CB    HB3    sing N N 434 
TYR CG    CD1    doub Y N 435 
TYR CG    CD2    sing Y N 436 
TYR CD1   CE1    sing Y N 437 
TYR CD1   HD1    sing N N 438 
TYR CD2   CE2    doub Y N 439 
TYR CD2   HD2    sing N N 440 
TYR CE1   CZ     doub Y N 441 
TYR CE1   HE1    sing N N 442 
TYR CE2   CZ     sing Y N 443 
TYR CE2   HE2    sing N N 444 
TYR CZ    OH     sing N N 445 
TYR OH    HH     sing N N 446 
TYR OXT   HXT    sing N N 447 
VAL N     CA     sing N N 448 
VAL N     H      sing N N 449 
VAL N     H2     sing N N 450 
VAL CA    C      sing N N 451 
VAL CA    CB     sing N N 452 
VAL CA    HA     sing N N 453 
VAL C     O      doub N N 454 
VAL C     OXT    sing N N 455 
VAL CB    CG1    sing N N 456 
VAL CB    CG2    sing N N 457 
VAL CB    HB     sing N N 458 
VAL CG1   HG11   sing N N 459 
VAL CG1   HG12   sing N N 460 
VAL CG1   HG13   sing N N 461 
VAL CG2   HG21   sing N N 462 
VAL CG2   HG22   sing N N 463 
VAL CG2   HG23   sing N N 464 
VAL OXT   HXT    sing N N 465 
# 
_pdbx_initial_refinement_model.id               1 
_pdbx_initial_refinement_model.entity_id_list   ? 
_pdbx_initial_refinement_model.type             'experimental model' 
_pdbx_initial_refinement_model.source_name      PDB 
_pdbx_initial_refinement_model.accession_code   2XOV 
_pdbx_initial_refinement_model.details          'PDB ENTRY 2XOV' 
# 
_atom_sites.entry_id                    3ZEB 
_atom_sites.fract_transf_matrix[1][1]   0.00910755 
_atom_sites.fract_transf_matrix[1][2]   -0.00230862 
_atom_sites.fract_transf_matrix[1][3]   0.00444085 
_atom_sites.fract_transf_matrix[2][1]   0.00869146 
_atom_sites.fract_transf_matrix[2][2]   0.00470100 
_atom_sites.fract_transf_matrix[2][3]   -0.00322080 
_atom_sites.fract_transf_matrix[3][1]   -0.00113979 
_atom_sites.fract_transf_matrix[3][2]   0.00576061 
_atom_sites.fract_transf_matrix[3][3]   0.00533225 
_atom_sites.fract_transf_vector[1]      0.082500 
_atom_sites.fract_transf_vector[2]      -0.118320 
_atom_sites.fract_transf_vector[3]      0.349298 
# 
loop_
_atom_type.symbol 
C  
CL 
N  
O  
S  
# 
loop_
_atom_site.group_PDB 
_atom_site.id 
_atom_site.type_symbol 
_atom_site.label_atom_id 
_atom_site.label_alt_id 
_atom_site.label_comp_id 
_atom_site.label_asym_id 
_atom_site.label_entity_id 
_atom_site.label_seq_id 
_atom_site.pdbx_PDB_ins_code 
_atom_site.Cartn_x 
_atom_site.Cartn_y 
_atom_site.Cartn_z 
_atom_site.occupancy 
_atom_site.B_iso_or_equiv 
_atom_site.pdbx_formal_charge 
_atom_site.auth_seq_id 
_atom_site.auth_comp_id 
_atom_site.auth_asym_id 
_atom_site.auth_atom_id 
_atom_site.pdbx_PDB_model_num 
ATOM   1    N  N     . ARG A 1 1   ? -4.513  -6.247  -19.933 1.00 83.96  ? 92   ARG A N     1 
ATOM   2    C  CA    . ARG A 1 1   ? -5.537  -5.733  -18.976 1.00 84.90  ? 92   ARG A CA    1 
ATOM   3    C  C     . ARG A 1 1   ? -5.174  -6.084  -17.536 1.00 84.33  ? 92   ARG A C     1 
ATOM   4    O  O     . ARG A 1 1   ? -4.689  -7.185  -17.266 1.00 85.26  ? 92   ARG A O     1 
ATOM   5    C  CB    . ARG A 1 1   ? -6.919  -6.307  -19.307 1.00 86.79  ? 92   ARG A CB    1 
ATOM   6    C  CG    . ARG A 1 1   ? -8.038  -5.778  -18.422 1.00 88.89  ? 92   ARG A CG    1 
ATOM   7    C  CD    . ARG A 1 1   ? -9.405  -6.291  -18.849 1.00 91.87  ? 92   ARG A CD    1 
ATOM   8    N  NE    . ARG A 1 1   ? -9.656  -7.668  -18.424 1.00 91.12  ? 92   ARG A NE    1 
ATOM   9    C  CZ    . ARG A 1 1   ? -10.839 -8.281  -18.502 1.00 94.71  ? 92   ARG A CZ    1 
ATOM   10   N  NH1   . ARG A 1 1   ? -11.905 -7.652  -18.990 1.00 94.84  ? 92   ARG A NH1   1 
ATOM   11   N  NH2   . ARG A 1 1   ? -10.963 -9.536  -18.086 1.00 98.46  ? 92   ARG A NH2   1 
ATOM   12   N  N     . ALA A 1 2   ? -5.423  -5.147  -16.618 1.00 81.17  ? 93   ALA A N     1 
ATOM   13   C  CA    . ALA A 1 2   ? -5.194  -5.368  -15.189 1.00 77.31  ? 93   ALA A CA    1 
ATOM   14   C  C     . ALA A 1 2   ? -6.029  -6.543  -14.666 1.00 71.19  ? 93   ALA A C     1 
ATOM   15   O  O     . ALA A 1 2   ? -7.225  -6.648  -14.956 1.00 66.41  ? 93   ALA A O     1 
ATOM   16   C  CB    . ALA A 1 2   ? -5.512  -4.104  -14.398 1.00 79.19  ? 93   ALA A CB    1 
ATOM   17   N  N     . GLY A 1 3   ? -5.387  -7.423  -13.899 1.00 63.84  ? 94   GLY A N     1 
ATOM   18   C  CA    . GLY A 1 3   ? -6.034  -8.633  -13.391 1.00 60.05  ? 94   GLY A CA    1 
ATOM   19   C  C     . GLY A 1 3   ? -7.055  -8.388  -12.291 1.00 56.69  ? 94   GLY A C     1 
ATOM   20   O  O     . GLY A 1 3   ? -7.238  -7.249  -11.836 1.00 57.08  ? 94   GLY A O     1 
ATOM   21   N  N     . PRO A 1 4   ? -7.713  -9.468  -11.827 1.00 54.91  ? 95   PRO A N     1 
ATOM   22   C  CA    . PRO A 1 4   ? -8.822  -9.347  -10.872 1.00 53.27  ? 95   PRO A CA    1 
ATOM   23   C  C     . PRO A 1 4   ? -8.476  -8.669  -9.539  1.00 50.76  ? 95   PRO A C     1 
ATOM   24   O  O     . PRO A 1 4   ? -9.270  -7.874  -9.039  1.00 56.52  ? 95   PRO A O     1 
ATOM   25   C  CB    . PRO A 1 4   ? -9.279  -10.804 -10.656 1.00 53.54  ? 95   PRO A CB    1 
ATOM   26   C  CG    . PRO A 1 4   ? -8.179  -11.662 -11.172 1.00 56.77  ? 95   PRO A CG    1 
ATOM   27   C  CD    . PRO A 1 4   ? -7.471  -10.867 -12.232 1.00 56.07  ? 95   PRO A CD    1 
ATOM   28   N  N     . VAL A 1 5   ? -7.309  -8.968  -8.972  1.00 51.57  ? 96   VAL A N     1 
ATOM   29   C  CA    . VAL A 1 5   ? -6.911  -8.358  -7.697  1.00 51.44  ? 96   VAL A CA    1 
ATOM   30   C  C     . VAL A 1 5   ? -6.509  -6.897  -7.884  1.00 48.58  ? 96   VAL A C     1 
ATOM   31   O  O     . VAL A 1 5   ? -6.872  -6.038  -7.067  1.00 46.99  ? 96   VAL A O     1 
ATOM   32   C  CB    . VAL A 1 5   ? -5.737  -9.111  -7.022  1.00 54.33  ? 96   VAL A CB    1 
ATOM   33   C  CG1   . VAL A 1 5   ? -5.357  -8.432  -5.704  1.00 53.59  ? 96   VAL A CG1   1 
ATOM   34   C  CG2   . VAL A 1 5   ? -6.084  -10.578 -6.787  1.00 56.65  ? 96   VAL A CG2   1 
ATOM   35   N  N     . THR A 1 6   ? -5.733  -6.623  -8.936  1.00 49.98  ? 97   THR A N     1 
ATOM   36   C  CA    . THR A 1 6   ? -5.332  -5.240  -9.252  1.00 50.45  ? 97   THR A CA    1 
ATOM   37   C  C     . THR A 1 6   ? -6.585  -4.388  -9.439  1.00 48.73  ? 97   THR A C     1 
ATOM   38   O  O     . THR A 1 6   ? -6.715  -3.313  -8.840  1.00 44.85  ? 97   THR A O     1 
ATOM   39   C  CB    . THR A 1 6   ? -4.452  -5.163  -10.513 1.00 53.10  ? 97   THR A CB    1 
ATOM   40   O  OG1   . THR A 1 6   ? -3.276  -5.955  -10.330 1.00 52.03  ? 97   THR A OG1   1 
ATOM   41   C  CG2   . THR A 1 6   ? -4.031  -3.726  -10.801 1.00 55.24  ? 97   THR A CG2   1 
ATOM   42   N  N     . TRP A 1 7   ? -7.521  -4.907  -10.229 1.00 48.04  ? 98   TRP A N     1 
ATOM   43   C  CA    . TRP A 1 7   ? -8.807  -4.246  -10.496 1.00 50.47  ? 98   TRP A CA    1 
ATOM   44   C  C     . TRP A 1 7   ? -9.695  -4.057  -9.263  1.00 49.93  ? 98   TRP A C     1 
ATOM   45   O  O     . TRP A 1 7   ? -10.178 -2.950  -8.996  1.00 45.93  ? 98   TRP A O     1 
ATOM   46   C  CB    . TRP A 1 7   ? -9.554  -5.062  -11.554 1.00 61.05  ? 98   TRP A CB    1 
ATOM   47   C  CG    . TRP A 1 7   ? -10.982 -4.686  -11.793 1.00 69.62  ? 98   TRP A CG    1 
ATOM   48   C  CD1   . TRP A 1 7   ? -12.080 -5.473  -11.575 1.00 74.82  ? 98   TRP A CD1   1 
ATOM   49   C  CD2   . TRP A 1 7   ? -11.474 -3.447  -12.316 1.00 73.83  ? 98   TRP A CD2   1 
ATOM   50   N  NE1   . TRP A 1 7   ? -13.222 -4.800  -11.928 1.00 80.92  ? 98   TRP A NE1   1 
ATOM   51   C  CE2   . TRP A 1 7   ? -12.881 -3.554  -12.385 1.00 81.72  ? 98   TRP A CE2   1 
ATOM   52   C  CE3   . TRP A 1 7   ? -10.864 -2.259  -12.732 1.00 73.11  ? 98   TRP A CE3   1 
ATOM   53   C  CZ2   . TRP A 1 7   ? -13.689 -2.516  -12.855 1.00 79.05  ? 98   TRP A CZ2   1 
ATOM   54   C  CZ3   . TRP A 1 7   ? -11.667 -1.230  -13.194 1.00 78.07  ? 98   TRP A CZ3   1 
ATOM   55   C  CH2   . TRP A 1 7   ? -13.065 -1.365  -13.255 1.00 78.40  ? 98   TRP A CH2   1 
ATOM   56   N  N     . VAL A 1 8   ? -9.921  -5.126  -8.499  1.00 48.87  ? 99   VAL A N     1 
ATOM   57   C  CA    . VAL A 1 8   ? -10.861 -5.020  -7.384  1.00 48.05  ? 99   VAL A CA    1 
ATOM   58   C  C     . VAL A 1 8   ? -10.356 -4.069  -6.301  1.00 44.82  ? 99   VAL A C     1 
ATOM   59   O  O     . VAL A 1 8   ? -11.150 -3.388  -5.672  1.00 45.96  ? 99   VAL A O     1 
ATOM   60   C  CB    . VAL A 1 8   ? -11.246 -6.402  -6.792  1.00 52.47  ? 99   VAL A CB    1 
ATOM   61   C  CG1   . VAL A 1 8   ? -10.155 -6.951  -5.881  1.00 54.32  ? 99   VAL A CG1   1 
ATOM   62   C  CG2   . VAL A 1 8   ? -12.552 -6.294  -6.025  1.00 55.86  ? 99   VAL A CG2   1 
ATOM   63   N  N     . MET A 1 9   ? -9.039  -4.014  -6.090  1.00 45.34  ? 100  MET A N     1 
ATOM   64   C  CA    . MET A 1 9   ? -8.459  -3.052  -5.133  1.00 46.24  ? 100  MET A CA    1 
ATOM   65   C  C     . MET A 1 9   ? -8.673  -1.605  -5.573  1.00 44.52  ? 100  MET A C     1 
ATOM   66   O  O     . MET A 1 9   ? -8.930  -0.728  -4.740  1.00 44.70  ? 100  MET A O     1 
ATOM   67   C  CB    . MET A 1 9   ? -6.964  -3.325  -4.948  1.00 47.77  ? 100  MET A CB    1 
ATOM   68   C  CG    . MET A 1 9   ? -6.180  -2.284  -4.153  1.00 47.94  ? 100  MET A CG    1 
ATOM   69   S  SD    . MET A 1 9   ? -6.691  -2.064  -2.438  1.00 50.63  ? 100  MET A SD    1 
ATOM   70   C  CE    . MET A 1 9   ? -5.744  -3.405  -1.704  1.00 54.99  ? 100  MET A CE    1 
ATOM   71   N  N     . MET A 1 10  ? -8.541  -1.348  -6.873  1.00 46.12  ? 101  MET A N     1 
ATOM   72   C  CA    . MET A 1 10  ? -8.768  0.008   -7.416  1.00 49.97  ? 101  MET A CA    1 
ATOM   73   C  C     . MET A 1 10  ? -10.216 0.440   -7.243  1.00 48.54  ? 101  MET A C     1 
ATOM   74   O  O     . MET A 1 10  ? -10.497 1.538   -6.704  1.00 46.04  ? 101  MET A O     1 
ATOM   75   C  CB    . MET A 1 10  ? -8.333  0.089   -8.880  1.00 50.02  ? 101  MET A CB    1 
ATOM   76   C  CG    . MET A 1 10  ? -6.821  -0.008  -9.041  1.00 52.28  ? 101  MET A CG    1 
ATOM   77   S  SD    . MET A 1 10  ? -6.236  -0.133  -10.750 1.00 53.17  ? 101  MET A SD    1 
ATOM   78   C  CE    . MET A 1 10  ? -6.226  1.592   -11.190 1.00 51.62  ? 101  MET A CE    1 
ATOM   79   N  N     . ILE A 1 11  ? -11.127 -0.438  -7.661  1.00 47.27  ? 102  ILE A N     1 
ATOM   80   C  CA    . ILE A 1 11  ? -12.583 -0.233  -7.466  1.00 51.47  ? 102  ILE A CA    1 
ATOM   81   C  C     . ILE A 1 11  ? -12.913 0.068   -6.011  1.00 46.80  ? 102  ILE A C     1 
ATOM   82   O  O     . ILE A 1 11  ? -13.556 1.083   -5.683  1.00 46.60  ? 102  ILE A O     1 
ATOM   83   C  CB    . ILE A 1 11  ? -13.375 -1.506  -7.886  1.00 60.70  ? 102  ILE A CB    1 
ATOM   84   C  CG1   . ILE A 1 11  ? -13.365 -1.676  -9.409  1.00 62.42  ? 102  ILE A CG1   1 
ATOM   85   C  CG2   . ILE A 1 11  ? -14.811 -1.466  -7.382  1.00 63.02  ? 102  ILE A CG2   1 
ATOM   86   C  CD1   . ILE A 1 11  ? -14.273 -0.698  -10.129 1.00 69.48  ? 102  ILE A CD1   1 
ATOM   87   N  N     . ALA A 1 12  ? -12.457 -0.818  -5.128  1.00 46.58  ? 103  ALA A N     1 
ATOM   88   C  CA    . ALA A 1 12  ? -12.732 -0.679  -3.698  1.00 47.47  ? 103  ALA A CA    1 
ATOM   89   C  C     . ALA A 1 12  ? -12.221 0.644   -3.160  1.00 45.41  ? 103  ALA A C     1 
ATOM   90   O  O     . ALA A 1 12  ? -12.884 1.308   -2.353  1.00 51.70  ? 103  ALA A O     1 
ATOM   91   C  CB    . ALA A 1 12  ? -12.111 -1.850  -2.932  1.00 48.50  ? 103  ALA A CB    1 
ATOM   92   N  N     . CYS A 1 13  ? -11.018 1.027   -3.579  1.00 44.19  ? 104  CYS A N     1 
ATOM   93   C  CA    . CYS A 1 13  ? -10.475 2.325   -3.172  1.00 44.37  ? 104  CYS A CA    1 
ATOM   94   C  C     . CYS A 1 13  ? -11.311 3.509   -3.680  1.00 43.60  ? 104  CYS A C     1 
ATOM   95   O  O     . CYS A 1 13  ? -11.535 4.483   -2.955  1.00 43.77  ? 104  CYS A O     1 
ATOM   96   C  CB    . CYS A 1 13  ? -9.012  2.440   -3.620  1.00 45.44  ? 104  CYS A CB    1 
ATOM   97   S  SG    . CYS A 1 13  ? -7.906  1.479   -2.541  1.00 43.81  ? 104  CYS A SG    1 
ATOM   98   N  N     . VAL A 1 14  ? -11.788 3.431   -4.918  1.00 44.41  ? 105  VAL A N     1 
ATOM   99   C  CA    . VAL A 1 14  ? -12.661 4.511   -5.428  1.00 48.96  ? 105  VAL A CA    1 
ATOM   100  C  C     . VAL A 1 14  ? -14.019 4.537   -4.716  1.00 48.12  ? 105  VAL A C     1 
ATOM   101  O  O     . VAL A 1 14  ? -14.466 5.600   -4.258  1.00 47.38  ? 105  VAL A O     1 
ATOM   102  C  CB    . VAL A 1 14  ? -12.813 4.443   -6.958  1.00 51.28  ? 105  VAL A CB    1 
ATOM   103  C  CG1   . VAL A 1 14  ? -13.891 5.404   -7.451  1.00 53.31  ? 105  VAL A CG1   1 
ATOM   104  C  CG2   . VAL A 1 14  ? -11.466 4.773   -7.598  1.00 54.39  ? 105  VAL A CG2   1 
ATOM   105  N  N     . VAL A 1 15  ? -14.656 3.374   -4.582  1.00 48.17  ? 106  VAL A N     1 
ATOM   106  C  CA    . VAL A 1 15  ? -15.939 3.295   -3.851  1.00 49.42  ? 106  VAL A CA    1 
ATOM   107  C  C     . VAL A 1 15  ? -15.819 3.943   -2.469  1.00 48.81  ? 106  VAL A C     1 
ATOM   108  O  O     . VAL A 1 15  ? -16.621 4.808   -2.117  1.00 51.62  ? 106  VAL A O     1 
ATOM   109  C  CB    . VAL A 1 15  ? -16.441 1.838   -3.732  1.00 51.95  ? 106  VAL A CB    1 
ATOM   110  C  CG1   . VAL A 1 15  ? -17.613 1.741   -2.768  1.00 55.76  ? 106  VAL A CG1   1 
ATOM   111  C  CG2   . VAL A 1 15  ? -16.839 1.292   -5.106  1.00 52.26  ? 106  VAL A CG2   1 
ATOM   112  N  N     . VAL A 1 16  ? -14.801 3.542   -1.700  1.00 48.33  ? 107  VAL A N     1 
ATOM   113  C  CA    . VAL A 1 16  ? -14.579 4.087   -0.361  1.00 46.99  ? 107  VAL A CA    1 
ATOM   114  C  C     . VAL A 1 16  ? -14.296 5.588   -0.417  1.00 47.27  ? 107  VAL A C     1 
ATOM   115  O  O     . VAL A 1 16  ? -14.779 6.325   0.436   1.00 46.62  ? 107  VAL A O     1 
ATOM   116  C  CB    . VAL A 1 16  ? -13.422 3.361   0.406   1.00 47.01  ? 107  VAL A CB    1 
ATOM   117  C  CG1   . VAL A 1 16  ? -13.130 4.024   1.748   1.00 45.54  ? 107  VAL A CG1   1 
ATOM   118  C  CG2   . VAL A 1 16  ? -13.752 1.890   0.635   1.00 49.75  ? 107  VAL A CG2   1 
ATOM   119  N  N     . PHE A 1 17  ? -13.483 6.038   -1.376  1.00 45.94  ? 108  PHE A N     1 
ATOM   120  C  CA    . PHE A 1 17  ? -13.190 7.477   -1.501  1.00 48.11  ? 108  PHE A CA    1 
ATOM   121  C  C     . PHE A 1 17  ? -14.463 8.279   -1.795  1.00 50.11  ? 108  PHE A C     1 
ATOM   122  O  O     . PHE A 1 17  ? -14.705 9.359   -1.216  1.00 41.27  ? 108  PHE A O     1 
ATOM   123  C  CB    . PHE A 1 17  ? -12.164 7.734   -2.603  1.00 49.28  ? 108  PHE A CB    1 
ATOM   124  C  CG    . PHE A 1 17  ? -11.610 9.132   -2.607  1.00 50.62  ? 108  PHE A CG    1 
ATOM   125  C  CD1   . PHE A 1 17  ? -10.868 9.604   -1.535  1.00 53.71  ? 108  PHE A CD1   1 
ATOM   126  C  CD2   . PHE A 1 17  ? -11.808 9.979   -3.707  1.00 57.37  ? 108  PHE A CD2   1 
ATOM   127  C  CE1   . PHE A 1 17  ? -10.351 10.899  -1.539  1.00 54.09  ? 108  PHE A CE1   1 
ATOM   128  C  CE2   . PHE A 1 17  ? -11.288 11.267  -3.720  1.00 51.44  ? 108  PHE A CE2   1 
ATOM   129  C  CZ    . PHE A 1 17  ? -10.559 11.727  -2.638  1.00 55.00  ? 108  PHE A CZ    1 
ATOM   130  N  N     . ILE A 1 18  ? -15.267 7.764   -2.714  1.00 47.52  ? 109  ILE A N     1 
ATOM   131  C  CA    . ILE A 1 18  ? -16.588 8.363   -2.948  1.00 54.60  ? 109  ILE A CA    1 
ATOM   132  C  C     . ILE A 1 18  ? -17.380 8.417   -1.636  1.00 55.25  ? 109  ILE A C     1 
ATOM   133  O  O     . ILE A 1 18  ? -17.813 9.497   -1.209  1.00 58.19  ? 109  ILE A O     1 
ATOM   134  C  CB    . ILE A 1 18  ? -17.342 7.622   -4.062  1.00 52.99  ? 109  ILE A CB    1 
ATOM   135  C  CG1   . ILE A 1 18  ? -16.700 7.976   -5.411  1.00 51.92  ? 109  ILE A CG1   1 
ATOM   136  C  CG2   . ILE A 1 18  ? -18.821 7.992   -4.057  1.00 58.20  ? 109  ILE A CG2   1 
ATOM   137  C  CD1   . ILE A 1 18  ? -16.890 6.932   -6.492  1.00 52.03  ? 109  ILE A CD1   1 
ATOM   138  N  N     . ALA A 1 19  ? -17.517 7.267   -0.966  1.00 56.98  ? 110  ALA A N     1 
ATOM   139  C  CA    . ALA A 1 19  ? -18.236 7.217   0.326   1.00 53.59  ? 110  ALA A CA    1 
ATOM   140  C  C     . ALA A 1 19  ? -17.718 8.246   1.314   1.00 50.91  ? 110  ALA A C     1 
ATOM   141  O  O     . ALA A 1 19  ? -18.492 8.830   2.070   1.00 52.75  ? 110  ALA A O     1 
ATOM   142  C  CB    . ALA A 1 19  ? -18.164 5.827   0.935   1.00 55.54  ? 110  ALA A CB    1 
ATOM   143  N  N     . MET A 1 20  ? -16.407 8.473   1.320   1.00 49.88  ? 111  MET A N     1 
ATOM   144  C  CA    . MET A 1 20  ? -15.819 9.475   2.216   1.00 53.59  ? 111  MET A CA    1 
ATOM   145  C  C     . MET A 1 20  ? -16.236 10.908  1.889   1.00 53.86  ? 111  MET A C     1 
ATOM   146  O  O     . MET A 1 20  ? -16.377 11.730  2.798   1.00 54.00  ? 111  MET A O     1 
ATOM   147  C  CB    . MET A 1 20  ? -14.290 9.354   2.231   1.00 53.07  ? 111  MET A CB    1 
ATOM   148  C  CG    . MET A 1 20  ? -13.806 8.080   2.921   1.00 53.22  ? 111  MET A CG    1 
ATOM   149  S  SD    . MET A 1 20  ? -12.028 7.784   2.783   1.00 47.74  ? 111  MET A SD    1 
ATOM   150  C  CE    . MET A 1 20  ? -11.450 8.987   3.990   1.00 47.71  ? 111  MET A CE    1 
ATOM   151  N  N     . GLN A 1 21  ? -16.409 11.219  0.603   1.00 53.81  ? 112  GLN A N     1 
ATOM   152  C  CA    . GLN A 1 21  ? -16.826 12.576  0.209   1.00 58.39  ? 112  GLN A CA    1 
ATOM   153  C  C     . GLN A 1 21  ? -18.288 12.823  0.595   1.00 58.15  ? 112  GLN A C     1 
ATOM   154  O  O     . GLN A 1 21  ? -18.620 13.860  1.151   1.00 55.64  ? 112  GLN A O     1 
ATOM   155  C  CB    . GLN A 1 21  ? -16.652 12.811  -1.306  1.00 55.89  ? 112  GLN A CB    1 
ATOM   156  C  CG    . GLN A 1 21  ? -15.242 12.624  -1.855  1.00 55.56  ? 112  GLN A CG    1 
ATOM   157  C  CD    . GLN A 1 21  ? -14.158 12.907  -0.826  1.00 56.79  ? 112  GLN A CD    1 
ATOM   158  O  OE1   . GLN A 1 21  ? -13.985 14.040  -0.379  1.00 57.13  ? 112  GLN A OE1   1 
ATOM   159  N  NE2   . GLN A 1 21  ? -13.434 11.865  -0.433  1.00 52.74  ? 112  GLN A NE2   1 
ATOM   160  N  N     . ILE A 1 22  ? -19.139 11.845  0.303   1.00 59.46  ? 113  ILE A N     1 
ATOM   161  C  CA    . ILE A 1 22  ? -20.576 11.945  0.560   1.00 61.67  ? 113  ILE A CA    1 
ATOM   162  C  C     . ILE A 1 22  ? -20.880 11.937  2.062   1.00 65.86  ? 113  ILE A C     1 
ATOM   163  O  O     . ILE A 1 22  ? -21.585 12.823  2.561   1.00 66.11  ? 113  ILE A O     1 
ATOM   164  C  CB    . ILE A 1 22  ? -21.343 10.789  -0.125  1.00 62.52  ? 113  ILE A CB    1 
ATOM   165  C  CG1   . ILE A 1 22  ? -21.196 10.872  -1.643  1.00 61.58  ? 113  ILE A CG1   1 
ATOM   166  C  CG2   . ILE A 1 22  ? -22.822 10.812  0.255   1.00 67.22  ? 113  ILE A CG2   1 
ATOM   167  C  CD1   . ILE A 1 22  ? -21.736 9.664   -2.383  1.00 60.47  ? 113  ILE A CD1   1 
ATOM   168  N  N     . LEU A 1 23  ? -20.351 10.947  2.784   1.00 61.56  ? 114  LEU A N     1 
ATOM   169  C  CA    . LEU A 1 23  ? -20.671 10.792  4.222   1.00 61.40  ? 114  LEU A CA    1 
ATOM   170  C  C     . LEU A 1 23  ? -19.739 11.567  5.145   1.00 58.34  ? 114  LEU A C     1 
ATOM   171  O  O     . LEU A 1 23  ? -20.107 11.859  6.268   1.00 58.75  ? 114  LEU A O     1 
ATOM   172  C  CB    . LEU A 1 23  ? -20.688 9.316   4.624   1.00 60.26  ? 114  LEU A CB    1 
ATOM   173  C  CG    . LEU A 1 23  ? -21.520 8.382   3.733   1.00 62.78  ? 114  LEU A CG    1 
ATOM   174  C  CD1   . LEU A 1 23  ? -21.105 6.941   3.960   1.00 65.12  ? 114  LEU A CD1   1 
ATOM   175  C  CD2   . LEU A 1 23  ? -23.024 8.544   3.967   1.00 65.30  ? 114  LEU A CD2   1 
ATOM   176  N  N     . GLY A 1 24  ? -18.548 11.920  4.664   1.00 61.87  ? 115  GLY A N     1 
ATOM   177  C  CA    . GLY A 1 24  ? -17.515 12.539  5.503   1.00 61.33  ? 115  GLY A CA    1 
ATOM   178  C  C     . GLY A 1 24  ? -16.424 11.528  5.860   1.00 58.87  ? 115  GLY A C     1 
ATOM   179  O  O     . GLY A 1 24  ? -16.670 10.317  5.875   1.00 56.31  ? 115  GLY A O     1 
ATOM   180  N  N     . ASP A 1 25  ? -15.220 12.031  6.134   1.00 60.15  ? 116  ASP A N     1 
ATOM   181  C  CA    . ASP A 1 25  ? -14.058 11.179  6.437   1.00 61.12  ? 116  ASP A CA    1 
ATOM   182  C  C     . ASP A 1 25  ? -14.269 10.398  7.729   1.00 60.60  ? 116  ASP A C     1 
ATOM   183  O  O     . ASP A 1 25  ? -14.117 9.181   7.751   1.00 52.68  ? 116  ASP A O     1 
ATOM   184  C  CB    . ASP A 1 25  ? -12.789 12.025  6.601   1.00 60.95  ? 116  ASP A CB    1 
ATOM   185  C  CG    . ASP A 1 25  ? -12.215 12.515  5.279   1.00 58.97  ? 116  ASP A CG    1 
ATOM   186  O  OD1   . ASP A 1 25  ? -12.641 12.046  4.209   1.00 55.02  ? 116  ASP A OD1   1 
ATOM   187  O  OD2   . ASP A 1 25  ? -11.304 13.369  5.330   1.00 58.93  ? 116  ASP A OD2   1 
ATOM   188  N  N     . GLN A 1 26  ? -14.635 11.127  8.786   1.00 56.54  ? 117  GLN A N     1 
ATOM   189  C  CA    . GLN A 1 26  ? -14.763 10.591  10.138  1.00 58.41  ? 117  GLN A CA    1 
ATOM   190  C  C     . GLN A 1 26  ? -15.756 9.441   10.212  1.00 61.46  ? 117  GLN A C     1 
ATOM   191  O  O     . GLN A 1 26  ? -15.482 8.428   10.866  1.00 64.83  ? 117  GLN A O     1 
ATOM   192  C  CB    . GLN A 1 26  ? -15.167 11.697  11.125  1.00 59.26  ? 117  GLN A CB    1 
ATOM   193  C  CG    . GLN A 1 26  ? -14.121 12.799  11.280  1.00 62.80  ? 117  GLN A CG    1 
ATOM   194  C  CD    . GLN A 1 26  ? -14.254 13.971  10.295  1.00 66.71  ? 117  GLN A CD    1 
ATOM   195  O  OE1   . GLN A 1 26  ? -14.765 13.836  9.173   1.00 60.96  ? 117  GLN A OE1   1 
ATOM   196  N  NE2   . GLN A 1 26  ? -13.776 15.140  10.722  1.00 69.40  ? 117  GLN A NE2   1 
ATOM   197  N  N     . GLU A 1 27  ? -16.888 9.588   9.528   1.00 59.93  ? 118  GLU A N     1 
ATOM   198  C  CA    . GLU A 1 27  ? -17.920 8.557   9.506   1.00 61.72  ? 118  GLU A CA    1 
ATOM   199  C  C     . GLU A 1 27  ? -17.448 7.282   8.824   1.00 63.20  ? 118  GLU A C     1 
ATOM   200  O  O     . GLU A 1 27  ? -17.829 6.191   9.243   1.00 60.54  ? 118  GLU A O     1 
ATOM   201  C  CB    . GLU A 1 27  ? -19.202 9.045   8.810   1.00 64.65  ? 118  GLU A CB    1 
ATOM   202  C  CG    . GLU A 1 27  ? -20.014 10.076  9.592   1.00 69.89  ? 118  GLU A CG    1 
ATOM   203  C  CD    . GLU A 1 27  ? -19.703 11.525  9.217   1.00 75.39  ? 118  GLU A CD    1 
ATOM   204  O  OE1   . GLU A 1 27  ? -18.561 11.821  8.787   1.00 72.50  ? 118  GLU A OE1   1 
ATOM   205  O  OE2   . GLU A 1 27  ? -20.614 12.381  9.354   1.00 79.95  ? 118  GLU A OE2   1 
ATOM   206  N  N     . VAL A 1 28  ? -16.658 7.404   7.754   1.00 58.48  ? 119  VAL A N     1 
ATOM   207  C  CA    . VAL A 1 28  ? -16.165 6.211   7.068   1.00 55.22  ? 119  VAL A CA    1 
ATOM   208  C  C     . VAL A 1 28  ? -15.135 5.509   7.980   1.00 57.48  ? 119  VAL A C     1 
ATOM   209  O  O     . VAL A 1 28  ? -15.106 4.279   8.044   1.00 49.14  ? 119  VAL A O     1 
ATOM   210  C  CB    . VAL A 1 28  ? -15.576 6.529   5.676   1.00 54.07  ? 119  VAL A CB    1 
ATOM   211  C  CG1   . VAL A 1 28  ? -14.829 5.329   5.093   1.00 54.08  ? 119  VAL A CG1   1 
ATOM   212  C  CG2   . VAL A 1 28  ? -16.686 6.953   4.726   1.00 57.24  ? 119  VAL A CG2   1 
ATOM   213  N  N     . MET A 1 29  ? -14.333 6.304   8.697   1.00 56.33  ? 120  MET A N     1 
ATOM   214  C  CA    . MET A 1 29  ? -13.320 5.784   9.607   1.00 61.02  ? 120  MET A CA    1 
ATOM   215  C  C     . MET A 1 29  ? -13.941 4.919   10.716  1.00 62.56  ? 120  MET A C     1 
ATOM   216  O  O     . MET A 1 29  ? -13.412 3.860   11.043  1.00 60.34  ? 120  MET A O     1 
ATOM   217  C  CB    . MET A 1 29  ? -12.458 6.928   10.179  1.00 61.05  ? 120  MET A CB    1 
ATOM   218  C  CG    . MET A 1 29  ? -11.456 7.491   9.168   1.00 66.15  ? 120  MET A CG    1 
ATOM   219  S  SD    . MET A 1 29  ? -10.026 8.363   9.851   1.00 65.54  ? 120  MET A SD    1 
ATOM   220  C  CE    . MET A 1 29  ? -10.844 9.735   10.656  1.00 69.57  ? 120  MET A CE    1 
ATOM   221  N  N     . LEU A 1 30  ? -15.085 5.342   11.250  1.00 63.16  ? 121  LEU A N     1 
ATOM   222  C  CA    . LEU A 1 30  ? -15.795 4.572   12.273  1.00 62.96  ? 121  LEU A CA    1 
ATOM   223  C  C     . LEU A 1 30  ? -16.033 3.115   11.858  1.00 65.24  ? 121  LEU A C     1 
ATOM   224  O  O     . LEU A 1 30  ? -16.040 2.222   12.712  1.00 63.86  ? 121  LEU A O     1 
ATOM   225  C  CB    . LEU A 1 30  ? -17.133 5.226   12.610  1.00 62.28  ? 121  LEU A CB    1 
ATOM   226  C  CG    . LEU A 1 30  ? -17.084 6.580   13.329  1.00 63.15  ? 121  LEU A CG    1 
ATOM   227  C  CD1   . LEU A 1 30  ? -18.491 7.171   13.426  1.00 63.86  ? 121  LEU A CD1   1 
ATOM   228  C  CD2   . LEU A 1 30  ? -16.458 6.452   14.707  1.00 61.15  ? 121  LEU A CD2   1 
ATOM   229  N  N     . TRP A 1 31  ? -16.224 2.880   10.563  1.00 59.77  ? 122  TRP A N     1 
ATOM   230  C  CA    . TRP A 1 31  ? -16.443 1.525   10.043  1.00 61.80  ? 122  TRP A CA    1 
ATOM   231  C  C     . TRP A 1 31  ? -15.175 0.794   9.570   1.00 59.66  ? 122  TRP A C     1 
ATOM   232  O  O     . TRP A 1 31  ? -15.099 -0.435  9.685   1.00 59.63  ? 122  TRP A O     1 
ATOM   233  C  CB    . TRP A 1 31  ? -17.472 1.556   8.902   1.00 66.28  ? 122  TRP A CB    1 
ATOM   234  C  CG    . TRP A 1 31  ? -18.882 1.822   9.384   1.00 78.89  ? 122  TRP A CG    1 
ATOM   235  C  CD1   . TRP A 1 31  ? -19.399 3.021   9.797   1.00 83.96  ? 122  TRP A CD1   1 
ATOM   236  C  CD2   . TRP A 1 31  ? -19.941 0.863   9.515   1.00 85.56  ? 122  TRP A CD2   1 
ATOM   237  N  NE1   . TRP A 1 31  ? -20.710 2.867   10.175  1.00 87.69  ? 122  TRP A NE1   1 
ATOM   238  C  CE2   . TRP A 1 31  ? -21.072 1.555   10.009  1.00 89.92  ? 122  TRP A CE2   1 
ATOM   239  C  CE3   . TRP A 1 31  ? -20.046 -0.512  9.260   1.00 88.64  ? 122  TRP A CE3   1 
ATOM   240  C  CZ2   . TRP A 1 31  ? -22.293 0.917   10.254  1.00 91.34  ? 122  TRP A CZ2   1 
ATOM   241  C  CZ3   . TRP A 1 31  ? -21.261 -1.144  9.502   1.00 91.19  ? 122  TRP A CZ3   1 
ATOM   242  C  CH2   . TRP A 1 31  ? -22.368 -0.428  9.995   1.00 92.47  ? 122  TRP A CH2   1 
ATOM   243  N  N     . LEU A 1 32  ? -14.193 1.526   9.032   1.00 55.01  ? 123  LEU A N     1 
ATOM   244  C  CA    . LEU A 1 32  ? -13.074 0.882   8.328   1.00 56.35  ? 123  LEU A CA    1 
ATOM   245  C  C     . LEU A 1 32  ? -11.705 1.030   9.006   1.00 51.13  ? 123  LEU A C     1 
ATOM   246  O  O     . LEU A 1 32  ? -10.784 0.301   8.662   1.00 48.22  ? 123  LEU A O     1 
ATOM   247  C  CB    . LEU A 1 32  ? -12.991 1.382   6.880   1.00 55.78  ? 123  LEU A CB    1 
ATOM   248  C  CG    . LEU A 1 32  ? -14.198 1.156   5.965   1.00 57.82  ? 123  LEU A CG    1 
ATOM   249  C  CD1   . LEU A 1 32  ? -13.833 1.460   4.511   1.00 57.43  ? 123  LEU A CD1   1 
ATOM   250  C  CD2   . LEU A 1 32  ? -14.733 -0.261  6.068   1.00 57.49  ? 123  LEU A CD2   1 
ATOM   251  N  N     . ALA A 1 33  ? -11.589 1.946   9.967   1.00 41.84  ? 124  ALA A N     1 
ATOM   252  C  CA    . ALA A 1 33  ? -10.333 2.210   10.648  1.00 45.86  ? 124  ALA A CA    1 
ATOM   253  C  C     . ALA A 1 33  ? -9.896  1.064   11.556  1.00 49.54  ? 124  ALA A C     1 
ATOM   254  O  O     . ALA A 1 33  ? -10.724 0.258   12.020  1.00 51.91  ? 124  ALA A O     1 
ATOM   255  C  CB    . ALA A 1 33  ? -10.437 3.480   11.494  1.00 48.11  ? 124  ALA A CB    1 
ATOM   256  N  N     . TRP A 1 34  ? -8.593  1.041   11.824  1.00 47.05  ? 125  TRP A N     1 
ATOM   257  C  CA    . TRP A 1 34  ? -7.981  0.146   12.794  1.00 48.00  ? 125  TRP A CA    1 
ATOM   258  C  C     . TRP A 1 34  ? -8.718  0.280   14.129  1.00 50.14  ? 125  TRP A C     1 
ATOM   259  O  O     . TRP A 1 34  ? -9.109  1.401   14.519  1.00 49.89  ? 125  TRP A O     1 
ATOM   260  C  CB    . TRP A 1 34  ? -6.512  0.535   12.955  1.00 48.48  ? 125  TRP A CB    1 
ATOM   261  C  CG    . TRP A 1 34  ? -5.667  -0.370  13.802  1.00 44.99  ? 125  TRP A CG    1 
ATOM   262  C  CD1   . TRP A 1 34  ? -5.601  -0.395  15.172  1.00 45.52  ? 125  TRP A CD1   1 
ATOM   263  C  CD2   . TRP A 1 34  ? -4.726  -1.331  13.339  1.00 44.86  ? 125  TRP A CD2   1 
ATOM   264  N  NE1   . TRP A 1 34  ? -4.694  -1.333  15.585  1.00 45.56  ? 125  TRP A NE1   1 
ATOM   265  C  CE2   . TRP A 1 34  ? -4.149  -1.933  14.478  1.00 47.02  ? 125  TRP A CE2   1 
ATOM   266  C  CE3   . TRP A 1 34  ? -4.316  -1.754  12.075  1.00 44.28  ? 125  TRP A CE3   1 
ATOM   267  C  CZ2   . TRP A 1 34  ? -3.174  -2.913  14.384  1.00 43.82  ? 125  TRP A CZ2   1 
ATOM   268  C  CZ3   . TRP A 1 34  ? -3.356  -2.741  11.982  1.00 48.85  ? 125  TRP A CZ3   1 
ATOM   269  C  CH2   . TRP A 1 34  ? -2.794  -3.311  13.132  1.00 47.59  ? 125  TRP A CH2   1 
ATOM   270  N  N     . PRO A 1 35  ? -8.926  -0.847  14.830  1.00 50.36  ? 126  PRO A N     1 
ATOM   271  C  CA    . PRO A 1 35  ? -9.645  -0.793  16.106  1.00 51.37  ? 126  PRO A CA    1 
ATOM   272  C  C     . PRO A 1 35  ? -9.181  0.333   17.012  1.00 52.63  ? 126  PRO A C     1 
ATOM   273  O  O     . PRO A 1 35  ? -8.017  0.397   17.358  1.00 55.11  ? 126  PRO A O     1 
ATOM   274  C  CB    . PRO A 1 35  ? -9.348  -2.156  16.725  1.00 53.92  ? 126  PRO A CB    1 
ATOM   275  C  CG    . PRO A 1 35  ? -9.236  -3.066  15.538  1.00 51.92  ? 126  PRO A CG    1 
ATOM   276  C  CD    . PRO A 1 35  ? -8.560  -2.234  14.474  1.00 51.58  ? 126  PRO A CD    1 
ATOM   277  N  N     . PHE A 1 36  ? -10.098 1.230   17.361  1.00 55.41  ? 127  PHE A N     1 
ATOM   278  C  CA    . PHE A 1 36  ? -9.806  2.370   18.237  1.00 59.95  ? 127  PHE A CA    1 
ATOM   279  C  C     . PHE A 1 36  ? -10.462 2.184   19.613  1.00 64.44  ? 127  PHE A C     1 
ATOM   280  O  O     . PHE A 1 36  ? -10.338 3.038   20.489  1.00 66.28  ? 127  PHE A O     1 
ATOM   281  C  CB    . PHE A 1 36  ? -10.278 3.686   17.590  1.00 62.93  ? 127  PHE A CB    1 
ATOM   282  C  CG    . PHE A 1 36  ? -11.660 3.616   16.998  1.00 63.11  ? 127  PHE A CG    1 
ATOM   283  C  CD1   . PHE A 1 36  ? -11.849 3.172   15.690  1.00 62.74  ? 127  PHE A CD1   1 
ATOM   284  C  CD2   . PHE A 1 36  ? -12.772 3.986   17.744  1.00 65.39  ? 127  PHE A CD2   1 
ATOM   285  C  CE1   . PHE A 1 36  ? -13.118 3.086   15.141  1.00 64.97  ? 127  PHE A CE1   1 
ATOM   286  C  CE2   . PHE A 1 36  ? -14.047 3.908   17.200  1.00 68.68  ? 127  PHE A CE2   1 
ATOM   287  C  CZ    . PHE A 1 36  ? -14.221 3.463   15.895  1.00 69.10  ? 127  PHE A CZ    1 
ATOM   288  N  N     . ASP A 1 37  ? -11.171 1.070   19.785  1.00 70.84  ? 128  ASP A N     1 
ATOM   289  C  CA    . ASP A 1 37  ? -11.758 0.689   21.060  1.00 71.93  ? 128  ASP A CA    1 
ATOM   290  C  C     . ASP A 1 37  ? -11.579 -0.823  21.223  1.00 71.68  ? 128  ASP A C     1 
ATOM   291  O  O     . ASP A 1 37  ? -11.703 -1.563  20.235  1.00 67.22  ? 128  ASP A O     1 
ATOM   292  C  CB    . ASP A 1 37  ? -13.246 1.050   21.090  1.00 76.74  ? 128  ASP A CB    1 
ATOM   293  C  CG    . ASP A 1 37  ? -13.858 0.915   22.482  1.00 81.02  ? 128  ASP A CG    1 
ATOM   294  O  OD1   . ASP A 1 37  ? -13.676 1.844   23.305  1.00 80.11  ? 128  ASP A OD1   1 
ATOM   295  O  OD2   . ASP A 1 37  ? -14.519 -0.116  22.746  1.00 79.16  ? 128  ASP A OD2   1 
ATOM   296  N  N     . PRO A 1 38  ? -11.283 -1.288  22.462  1.00 72.78  ? 129  PRO A N     1 
ATOM   297  C  CA    . PRO A 1 38  ? -11.160 -2.724  22.776  1.00 69.48  ? 129  PRO A CA    1 
ATOM   298  C  C     . PRO A 1 38  ? -12.313 -3.597  22.269  1.00 68.14  ? 129  PRO A C     1 
ATOM   299  O  O     . PRO A 1 38  ? -12.083 -4.746  21.858  1.00 64.80  ? 129  PRO A O     1 
ATOM   300  C  CB    . PRO A 1 38  ? -11.127 -2.748  24.311  1.00 74.49  ? 129  PRO A CB    1 
ATOM   301  C  CG    . PRO A 1 38  ? -10.593 -1.416  24.719  1.00 71.86  ? 129  PRO A CG    1 
ATOM   302  C  CD    . PRO A 1 38  ? -10.922 -0.439  23.620  1.00 73.67  ? 129  PRO A CD    1 
ATOM   303  N  N     . THR A 1 39  ? -13.533 -3.055  22.295  1.00 64.62  ? 130  THR A N     1 
ATOM   304  C  CA    . THR A 1 39  ? -14.727 -3.761  21.796  1.00 68.04  ? 130  THR A CA    1 
ATOM   305  C  C     . THR A 1 39  ? -14.681 -4.081  20.293  1.00 63.90  ? 130  THR A C     1 
ATOM   306  O  O     . THR A 1 39  ? -15.402 -4.962  19.821  1.00 57.47  ? 130  THR A O     1 
ATOM   307  C  CB    . THR A 1 39  ? -16.022 -2.950  22.048  1.00 72.70  ? 130  THR A CB    1 
ATOM   308  O  OG1   . THR A 1 39  ? -15.918 -1.663  21.422  1.00 73.01  ? 130  THR A OG1   1 
ATOM   309  C  CG2   . THR A 1 39  ? -16.289 -2.769  23.558  1.00 72.27  ? 130  THR A CG2   1 
ATOM   310  N  N     . LEU A 1 40  ? -13.838 -3.373  19.545  1.00 64.26  ? 131  LEU A N     1 
ATOM   311  C  CA    . LEU A 1 40  ? -13.751 -3.571  18.095  1.00 60.65  ? 131  LEU A CA    1 
ATOM   312  C  C     . LEU A 1 40  ? -12.661 -4.563  17.693  1.00 60.59  ? 131  LEU A C     1 
ATOM   313  O  O     . LEU A 1 40  ? -12.421 -4.764  16.499  1.00 56.26  ? 131  LEU A O     1 
ATOM   314  C  CB    . LEU A 1 40  ? -13.519 -2.220  17.417  1.00 63.23  ? 131  LEU A CB    1 
ATOM   315  C  CG    . LEU A 1 40  ? -14.536 -1.138  17.818  1.00 67.04  ? 131  LEU A CG    1 
ATOM   316  C  CD1   . LEU A 1 40  ? -14.105 0.246   17.351  1.00 66.37  ? 131  LEU A CD1   1 
ATOM   317  C  CD2   . LEU A 1 40  ? -15.927 -1.481  17.294  1.00 68.51  ? 131  LEU A CD2   1 
ATOM   318  N  N     . LYS A 1 41  ? -12.033 -5.208  18.683  1.00 57.55  ? 132  LYS A N     1 
ATOM   319  C  CA    . LYS A 1 41  ? -10.801 -5.978  18.465  1.00 56.79  ? 132  LYS A CA    1 
ATOM   320  C  C     . LYS A 1 41  ? -10.973 -7.192  17.572  1.00 54.02  ? 132  LYS A C     1 
ATOM   321  O  O     . LYS A 1 41  ? -10.032 -7.570  16.874  1.00 53.87  ? 132  LYS A O     1 
ATOM   322  C  CB    . LYS A 1 41  ? -10.190 -6.431  19.800  1.00 61.23  ? 132  LYS A CB    1 
ATOM   323  C  CG    . LYS A 1 41  ? -11.026 -7.455  20.560  1.00 60.14  ? 132  LYS A CG    1 
ATOM   324  C  CD    . LYS A 1 41  ? -10.307 -7.956  21.808  1.00 65.30  ? 132  LYS A CD    1 
ATOM   325  C  CE    . LYS A 1 41  ? -11.265 -8.710  22.721  1.00 60.83  ? 132  LYS A CE    1 
ATOM   326  N  NZ    . LYS A 1 41  ? -12.124 -7.762  23.482  1.00 61.71  ? 132  LYS A NZ    1 
ATOM   327  N  N     . PHE A 1 42  ? -12.159 -7.806  17.599  1.00 56.44  ? 133  PHE A N     1 
ATOM   328  C  CA    . PHE A 1 42  ? -12.424 -9.020  16.806  1.00 58.42  ? 133  PHE A CA    1 
ATOM   329  C  C     . PHE A 1 42  ? -13.019 -8.726  15.429  1.00 57.04  ? 133  PHE A C     1 
ATOM   330  O  O     . PHE A 1 42  ? -13.288 -9.654  14.661  1.00 52.12  ? 133  PHE A O     1 
ATOM   331  C  CB    . PHE A 1 42  ? -13.334 -10.007 17.571  1.00 65.67  ? 133  PHE A CB    1 
ATOM   332  C  CG    . PHE A 1 42  ? -12.620 -10.803 18.649  1.00 67.91  ? 133  PHE A CG    1 
ATOM   333  C  CD1   . PHE A 1 42  ? -11.456 -11.517 18.362  1.00 69.34  ? 133  PHE A CD1   1 
ATOM   334  C  CD2   . PHE A 1 42  ? -13.122 -10.849 19.948  1.00 71.06  ? 133  PHE A CD2   1 
ATOM   335  C  CE1   . PHE A 1 42  ? -10.805 -12.250 19.349  1.00 70.52  ? 133  PHE A CE1   1 
ATOM   336  C  CE2   . PHE A 1 42  ? -12.480 -11.580 20.937  1.00 70.98  ? 133  PHE A CE2   1 
ATOM   337  C  CZ    . PHE A 1 42  ? -11.318 -12.283 20.637  1.00 70.23  ? 133  PHE A CZ    1 
ATOM   338  N  N     . GLU A 1 43  ? -13.211 -7.448  15.105  1.00 57.22  ? 134  GLU A N     1 
ATOM   339  C  CA    . GLU A 1 43  ? -13.652 -7.065  13.753  1.00 57.70  ? 134  GLU A CA    1 
ATOM   340  C  C     . GLU A 1 43  ? -12.458 -7.097  12.800  1.00 54.25  ? 134  GLU A C     1 
ATOM   341  O  O     . GLU A 1 43  ? -11.796 -6.086  12.581  1.00 54.29  ? 134  GLU A O     1 
ATOM   342  C  CB    . GLU A 1 43  ? -14.351 -5.707  13.793  1.00 58.32  ? 134  GLU A CB    1 
ATOM   343  C  CG    . GLU A 1 43  ? -15.695 -5.793  14.508  1.00 62.66  ? 134  GLU A CG    1 
ATOM   344  C  CD    . GLU A 1 43  ? -16.360 -4.451  14.774  1.00 62.65  ? 134  GLU A CD    1 
ATOM   345  O  OE1   . GLU A 1 43  ? -15.835 -3.408  14.365  1.00 67.11  ? 134  GLU A OE1   1 
ATOM   346  O  OE2   . GLU A 1 43  ? -17.436 -4.443  15.403  1.00 65.78  ? 134  GLU A OE2   1 
ATOM   347  N  N     . PHE A 1 44  ? -12.191 -8.281  12.242  1.00 55.74  ? 135  PHE A N     1 
ATOM   348  C  CA    . PHE A 1 44  ? -10.890 -8.581  11.632  1.00 57.68  ? 135  PHE A CA    1 
ATOM   349  C  C     . PHE A 1 44  ? -10.550 -7.762  10.373  1.00 54.92  ? 135  PHE A C     1 
ATOM   350  O  O     . PHE A 1 44  ? -9.367  -7.529  10.097  1.00 50.52  ? 135  PHE A O     1 
ATOM   351  C  CB    . PHE A 1 44  ? -10.748 -10.086 11.335  1.00 63.34  ? 135  PHE A CB    1 
ATOM   352  C  CG    . PHE A 1 44  ? -10.655 -10.948 12.573  1.00 73.21  ? 135  PHE A CG    1 
ATOM   353  C  CD1   . PHE A 1 44  ? -9.576  -10.825 13.447  1.00 73.54  ? 135  PHE A CD1   1 
ATOM   354  C  CD2   . PHE A 1 44  ? -11.640 -11.896 12.862  1.00 74.73  ? 135  PHE A CD2   1 
ATOM   355  C  CE1   . PHE A 1 44  ? -9.489  -11.619 14.585  1.00 76.71  ? 135  PHE A CE1   1 
ATOM   356  C  CE2   . PHE A 1 44  ? -11.555 -12.689 13.997  1.00 74.01  ? 135  PHE A CE2   1 
ATOM   357  C  CZ    . PHE A 1 44  ? -10.481 -12.550 14.859  1.00 74.49  ? 135  PHE A CZ    1 
ATOM   358  N  N     . TRP A 1 45  ? -11.568 -7.348  9.615   1.00 49.30  ? 136  TRP A N     1 
ATOM   359  C  CA    . TRP A 1 45  ? -11.363 -6.509  8.420   1.00 50.80  ? 136  TRP A CA    1 
ATOM   360  C  C     . TRP A 1 45  ? -10.579 -5.215  8.736   1.00 49.35  ? 136  TRP A C     1 
ATOM   361  O  O     . TRP A 1 45  ? -9.722  -4.816  7.968   1.00 48.41  ? 136  TRP A O     1 
ATOM   362  C  CB    . TRP A 1 45  ? -12.707 -6.178  7.729   1.00 51.30  ? 136  TRP A CB    1 
ATOM   363  C  CG    . TRP A 1 45  ? -13.602 -5.258  8.527   1.00 52.18  ? 136  TRP A CG    1 
ATOM   364  C  CD1   . TRP A 1 45  ? -13.561 -3.890  8.564   1.00 54.13  ? 136  TRP A CD1   1 
ATOM   365  C  CD2   . TRP A 1 45  ? -14.661 -5.647  9.406   1.00 58.84  ? 136  TRP A CD2   1 
ATOM   366  N  NE1   . TRP A 1 45  ? -14.537 -3.402  9.415   1.00 55.79  ? 136  TRP A NE1   1 
ATOM   367  C  CE2   . TRP A 1 45  ? -15.221 -4.463  9.947   1.00 57.18  ? 136  TRP A CE2   1 
ATOM   368  C  CE3   . TRP A 1 45  ? -15.189 -6.883  9.798   1.00 59.48  ? 136  TRP A CE3   1 
ATOM   369  C  CZ2   . TRP A 1 45  ? -16.283 -4.484  10.848  1.00 61.21  ? 136  TRP A CZ2   1 
ATOM   370  C  CZ3   . TRP A 1 45  ? -16.244 -6.900  10.700  1.00 61.40  ? 136  TRP A CZ3   1 
ATOM   371  C  CH2   . TRP A 1 45  ? -16.778 -5.707  11.215  1.00 58.31  ? 136  TRP A CH2   1 
ATOM   372  N  N     . ARG A 1 46  ? -10.848 -4.611  9.892   1.00 48.25  ? 137  ARG A N     1 
ATOM   373  C  CA    . ARG A 1 46  ? -10.207 -3.363  10.306  1.00 48.37  ? 137  ARG A CA    1 
ATOM   374  C  C     . ARG A 1 46  ? -8.685  -3.342  10.348  1.00 51.55  ? 137  ARG A C     1 
ATOM   375  O  O     . ARG A 1 46  ? -8.086  -2.267  10.292  1.00 51.73  ? 137  ARG A O     1 
ATOM   376  C  CB    . ARG A 1 46  ? -10.659 -2.988  11.695  1.00 47.08  ? 137  ARG A CB    1 
ATOM   377  C  CG    . ARG A 1 46  ? -12.135 -2.732  11.847  1.00 51.31  ? 137  ARG A CG    1 
ATOM   378  C  CD    . ARG A 1 46  ? -12.390 -2.228  13.265  1.00 56.18  ? 137  ARG A CD    1 
ATOM   379  N  NE    . ARG A 1 46  ? -13.771 -1.803  13.476  1.00 55.59  ? 137  ARG A NE    1 
ATOM   380  C  CZ    . ARG A 1 46  ? -14.248 -0.587  13.229  1.00 59.62  ? 137  ARG A CZ    1 
ATOM   381  N  NH1   . ARG A 1 46  ? -13.471 0.372   12.727  1.00 61.57  ? 137  ARG A NH1   1 
ATOM   382  N  NH2   . ARG A 1 46  ? -15.523 -0.330  13.482  1.00 61.86  ? 137  ARG A NH2   1 
ATOM   383  N  N     . TYR A 1 47  ? -8.053  -4.501  10.502  1.00 51.12  ? 138  TYR A N     1 
ATOM   384  C  CA    . TYR A 1 47  ? -6.593  -4.563  10.477  1.00 52.05  ? 138  TYR A CA    1 
ATOM   385  C  C     . TYR A 1 47  ? -6.076  -4.404  9.048   1.00 49.38  ? 138  TYR A C     1 
ATOM   386  O  O     . TYR A 1 47  ? -4.872  -4.241  8.838   1.00 47.16  ? 138  TYR A O     1 
ATOM   387  C  CB    . TYR A 1 47  ? -6.063  -5.876  11.127  1.00 49.65  ? 138  TYR A CB    1 
ATOM   388  C  CG    . TYR A 1 47  ? -6.476  -6.005  12.577  1.00 46.48  ? 138  TYR A CG    1 
ATOM   389  C  CD1   . TYR A 1 47  ? -5.924  -5.178  13.547  1.00 46.00  ? 138  TYR A CD1   1 
ATOM   390  C  CD2   . TYR A 1 47  ? -7.446  -6.914  12.972  1.00 46.19  ? 138  TYR A CD2   1 
ATOM   391  C  CE1   . TYR A 1 47  ? -6.309  -5.263  14.870  1.00 43.66  ? 138  TYR A CE1   1 
ATOM   392  C  CE2   . TYR A 1 47  ? -7.842  -7.003  14.293  1.00 42.99  ? 138  TYR A CE2   1 
ATOM   393  C  CZ    . TYR A 1 47  ? -7.269  -6.179  15.236  1.00 46.12  ? 138  TYR A CZ    1 
ATOM   394  O  OH    . TYR A 1 47  ? -7.657  -6.255  16.560  1.00 46.85  ? 138  TYR A OH    1 
ATOM   395  N  N     . PHE A 1 48  ? -6.992  -4.449  8.079   1.00 48.94  ? 139  PHE A N     1 
ATOM   396  C  CA    . PHE A 1 48  ? -6.655  -4.348  6.658   1.00 50.04  ? 139  PHE A CA    1 
ATOM   397  C  C     . PHE A 1 48  ? -7.323  -3.182  5.917   1.00 50.06  ? 139  PHE A C     1 
ATOM   398  O  O     . PHE A 1 48  ? -6.701  -2.576  5.051   1.00 50.56  ? 139  PHE A O     1 
ATOM   399  C  CB    . PHE A 1 48  ? -7.057  -5.641  5.944   1.00 51.65  ? 139  PHE A CB    1 
ATOM   400  C  CG    . PHE A 1 48  ? -6.507  -6.877  6.581   1.00 55.64  ? 139  PHE A CG    1 
ATOM   401  C  CD1   . PHE A 1 48  ? -5.214  -7.310  6.289   1.00 60.18  ? 139  PHE A CD1   1 
ATOM   402  C  CD2   . PHE A 1 48  ? -7.276  -7.618  7.465   1.00 57.90  ? 139  PHE A CD2   1 
ATOM   403  C  CE1   . PHE A 1 48  ? -4.703  -8.457  6.872   1.00 61.44  ? 139  PHE A CE1   1 
ATOM   404  C  CE2   . PHE A 1 48  ? -6.770  -8.767  8.053   1.00 59.39  ? 139  PHE A CE2   1 
ATOM   405  C  CZ    . PHE A 1 48  ? -5.485  -9.184  7.758   1.00 58.93  ? 139  PHE A CZ    1 
ATOM   406  N  N     . THR A 1 49  ? -8.585  -2.899  6.243   1.00 48.43  ? 140  THR A N     1 
ATOM   407  C  CA    . THR A 1 49  ? -9.415  -1.970  5.469   1.00 49.83  ? 140  THR A CA    1 
ATOM   408  C  C     . THR A 1 49  ? -9.031  -0.499  5.659   1.00 51.89  ? 140  THR A C     1 
ATOM   409  O  O     . THR A 1 49  ? -9.515  0.363   4.922   1.00 50.72  ? 140  THR A O     1 
ATOM   410  C  CB    . THR A 1 49  ? -10.917 -2.112  5.807   1.00 48.01  ? 140  THR A CB    1 
ATOM   411  O  OG1   . THR A 1 49  ? -11.140 -1.824  7.191   1.00 47.11  ? 140  THR A OG1   1 
ATOM   412  C  CG2   . THR A 1 49  ? -11.413 -3.505  5.488   1.00 49.71  ? 140  THR A CG2   1 
ATOM   413  N  N     . HIS A 1 50  ? -8.195  -0.204  6.657   1.00 51.52  ? 141  HIS A N     1 
ATOM   414  C  CA    . HIS A 1 50  ? -7.559  1.113   6.742   1.00 46.67  ? 141  HIS A CA    1 
ATOM   415  C  C     . HIS A 1 50  ? -6.797  1.442   5.432   1.00 45.89  ? 141  HIS A C     1 
ATOM   416  O  O     . HIS A 1 50  ? -6.677  2.587   5.058   1.00 45.05  ? 141  HIS A O     1 
ATOM   417  C  CB    . HIS A 1 50  ? -6.615  1.183   7.936   1.00 50.64  ? 141  HIS A CB    1 
ATOM   418  C  CG    . HIS A 1 50  ? -5.505  0.177   7.875   1.00 53.19  ? 141  HIS A CG    1 
ATOM   419  N  ND1   . HIS A 1 50  ? -4.306  0.431   7.251   1.00 52.10  ? 141  HIS A ND1   1 
ATOM   420  C  CD2   . HIS A 1 50  ? -5.429  -1.096  8.332   1.00 54.11  ? 141  HIS A CD2   1 
ATOM   421  C  CE1   . HIS A 1 50  ? -3.532  -0.634  7.336   1.00 55.92  ? 141  HIS A CE1   1 
ATOM   422  N  NE2   . HIS A 1 50  ? -4.189  -1.576  7.988   1.00 55.66  ? 141  HIS A NE2   1 
ATOM   423  N  N     . ALA A 1 51  ? -6.356  0.431   4.688   1.00 45.20  ? 142  ALA A N     1 
ATOM   424  C  CA    . ALA A 1 51  ? -5.615  0.673   3.454   1.00 42.31  ? 142  ALA A CA    1 
ATOM   425  C  C     . ALA A 1 51  ? -6.481  1.224   2.300   1.00 44.93  ? 142  ALA A C     1 
ATOM   426  O  O     . ALA A 1 51  ? -5.951  1.750   1.321   1.00 42.96  ? 142  ALA A O     1 
ATOM   427  C  CB    . ALA A 1 51  ? -4.891  -0.596  3.029   1.00 45.08  ? 142  ALA A CB    1 
ATOM   428  N  N     . LEU A 1 52  ? -7.805  1.125   2.441   1.00 46.75  ? 143  LEU A N     1 
ATOM   429  C  CA    . LEU A 1 52  ? -8.771  1.539   1.414   1.00 45.01  ? 143  LEU A CA    1 
ATOM   430  C  C     . LEU A 1 52  ? -9.280  2.994   1.551   1.00 45.15  ? 143  LEU A C     1 
ATOM   431  O  O     . LEU A 1 52  ? -9.987  3.502   0.668   1.00 43.62  ? 143  LEU A O     1 
ATOM   432  C  CB    . LEU A 1 52  ? -9.987  0.608   1.466   1.00 46.51  ? 143  LEU A CB    1 
ATOM   433  C  CG    . LEU A 1 52  ? -9.723  -0.894  1.338   1.00 45.99  ? 143  LEU A CG    1 
ATOM   434  C  CD1   . LEU A 1 52  ? -11.025 -1.662  1.440   1.00 48.31  ? 143  LEU A CD1   1 
ATOM   435  C  CD2   . LEU A 1 52  ? -9.018  -1.225  0.041   1.00 47.12  ? 143  LEU A CD2   1 
ATOM   436  N  N     . MET A 1 53  ? -8.938  3.638   2.654   1.00 45.39  ? 144  MET A N     1 
ATOM   437  C  CA    . MET A 1 53  ? -9.340  5.021   2.920   1.00 44.52  ? 144  MET A CA    1 
ATOM   438  C  C     . MET A 1 53  ? -8.268  6.021   2.534   1.00 46.90  ? 144  MET A C     1 
ATOM   439  O  O     . MET A 1 53  ? -7.134  5.899   2.975   1.00 49.09  ? 144  MET A O     1 
ATOM   440  C  CB    . MET A 1 53  ? -9.593  5.202   4.400   1.00 45.29  ? 144  MET A CB    1 
ATOM   441  C  CG    . MET A 1 53  ? -10.832 4.486   4.895   1.00 47.01  ? 144  MET A CG    1 
ATOM   442  S  SD    . MET A 1 53  ? -11.223 5.055   6.543   1.00 51.95  ? 144  MET A SD    1 
ATOM   443  C  CE    . MET A 1 53  ? -9.883  4.295   7.478   1.00 52.00  ? 144  MET A CE    1 
ATOM   444  N  N     . HIS A 1 54  ? -8.627  7.019   1.723   1.00 47.49  ? 145  HIS A N     1 
ATOM   445  C  CA    . HIS A 1 54  ? -7.718  8.123   1.417   1.00 46.32  ? 145  HIS A CA    1 
ATOM   446  C  C     . HIS A 1 54  ? -8.337  9.475   1.746   1.00 49.48  ? 145  HIS A C     1 
ATOM   447  O  O     . HIS A 1 54  ? -9.553  9.652   1.629   1.00 49.78  ? 145  HIS A O     1 
ATOM   448  C  CB    . HIS A 1 54  ? -7.304  8.100   -0.039  1.00 45.01  ? 145  HIS A CB    1 
ATOM   449  C  CG    . HIS A 1 54  ? -6.520  6.888   -0.415  1.00 42.12  ? 145  HIS A CG    1 
ATOM   450  N  ND1   . HIS A 1 54  ? -7.113  5.724   -0.846  1.00 42.24  ? 145  HIS A ND1   1 
ATOM   451  C  CD2   . HIS A 1 54  ? -5.187  6.653   -0.416  1.00 44.16  ? 145  HIS A CD2   1 
ATOM   452  C  CE1   . HIS A 1 54  ? -6.180  4.822   -1.103  1.00 40.54  ? 145  HIS A CE1   1 
ATOM   453  N  NE2   . HIS A 1 54  ? -5.003  5.361   -0.852  1.00 42.28  ? 145  HIS A NE2   1 
ATOM   454  N  N     . PHE A 1 55  ? -7.473  10.416  2.117   1.00 50.22  ? 146  PHE A N     1 
ATOM   455  C  CA    . PHE A 1 55  ? -7.857  11.738  2.602   1.00 57.16  ? 146  PHE A CA    1 
ATOM   456  C  C     . PHE A 1 55  ? -7.549  12.854  1.619   1.00 58.13  ? 146  PHE A C     1 
ATOM   457  O  O     . PHE A 1 55  ? -7.970  13.988  1.826   1.00 51.81  ? 146  PHE A O     1 
ATOM   458  C  CB    . PHE A 1 55  ? -7.133  12.021  3.923   1.00 58.42  ? 146  PHE A CB    1 
ATOM   459  C  CG    . PHE A 1 55  ? -7.340  10.945  4.944   1.00 62.48  ? 146  PHE A CG    1 
ATOM   460  C  CD1   . PHE A 1 55  ? -8.450  10.966  5.770   1.00 62.54  ? 146  PHE A CD1   1 
ATOM   461  C  CD2   . PHE A 1 55  ? -6.454  9.877   5.034   1.00 65.92  ? 146  PHE A CD2   1 
ATOM   462  C  CE1   . PHE A 1 55  ? -8.666  9.953   6.691   1.00 66.71  ? 146  PHE A CE1   1 
ATOM   463  C  CE2   . PHE A 1 55  ? -6.659  8.864   5.952   1.00 67.61  ? 146  PHE A CE2   1 
ATOM   464  C  CZ    . PHE A 1 55  ? -7.765  8.905   6.787   1.00 68.39  ? 146  PHE A CZ    1 
ATOM   465  N  N     . SER A 1 56  ? -6.829  12.527  0.551   1.00 59.32  ? 147  SER A N     1 
ATOM   466  C  CA    . SER A 1 56  ? -6.374  13.524  -0.403  1.00 59.42  ? 147  SER A CA    1 
ATOM   467  C  C     . SER A 1 56  ? -6.525  12.981  -1.803  1.00 57.86  ? 147  SER A C     1 
ATOM   468  O  O     . SER A 1 56  ? -6.293  11.785  -2.048  1.00 55.02  ? 147  SER A O     1 
ATOM   469  C  CB    . SER A 1 56  ? -4.901  13.872  -0.128  1.00 66.25  ? 147  SER A CB    1 
ATOM   470  O  OG    . SER A 1 56  ? -4.200  14.163  -1.333  1.00 66.85  ? 147  SER A OG    1 
ATOM   471  N  N     . LEU A 1 57  ? -6.906  13.860  -2.726  1.00 53.08  ? 148  LEU A N     1 
ATOM   472  C  CA    . LEU A 1 57  ? -6.945  13.501  -4.140  1.00 53.08  ? 148  LEU A CA    1 
ATOM   473  C  C     . LEU A 1 57  ? -5.579  12.991  -4.617  1.00 50.20  ? 148  LEU A C     1 
ATOM   474  O  O     . LEU A 1 57  ? -5.476  11.947  -5.285  1.00 53.69  ? 148  LEU A O     1 
ATOM   475  C  CB    . LEU A 1 57  ? -7.376  14.724  -4.976  1.00 55.05  ? 148  LEU A CB    1 
ATOM   476  C  CG    . LEU A 1 57  ? -7.347  14.551  -6.497  1.00 54.31  ? 148  LEU A CG    1 
ATOM   477  C  CD1   . LEU A 1 57  ? -8.258  13.402  -6.904  1.00 58.12  ? 148  LEU A CD1   1 
ATOM   478  C  CD2   . LEU A 1 57  ? -7.746  15.838  -7.198  1.00 57.55  ? 148  LEU A CD2   1 
ATOM   479  N  N     . MET A 1 58  ? -4.532  13.724  -4.251  1.00 50.74  ? 149  MET A N     1 
ATOM   480  C  CA    . MET A 1 58  ? -3.174  13.428  -4.716  1.00 54.12  ? 149  MET A CA    1 
ATOM   481  C  C     . MET A 1 58  ? -2.620  12.078  -4.240  1.00 51.73  ? 149  MET A C     1 
ATOM   482  O  O     . MET A 1 58  ? -1.999  11.363  -5.040  1.00 49.23  ? 149  MET A O     1 
ATOM   483  C  CB    . MET A 1 58  ? -2.216  14.562  -4.332  1.00 55.52  ? 149  MET A CB    1 
ATOM   484  C  CG    . MET A 1 58  ? -2.422  15.825  -5.158  1.00 62.64  ? 149  MET A CG    1 
ATOM   485  S  SD    . MET A 1 58  ? -2.023  15.579  -6.903  1.00 67.48  ? 149  MET A SD    1 
ATOM   486  C  CE    . MET A 1 58  ? -0.234  15.689  -6.806  1.00 70.71  ? 149  MET A CE    1 
ATOM   487  N  N     . HIS A 1 59  ? -2.830  11.707  -2.974  1.00 49.19  ? 150  HIS A N     1 
ATOM   488  C  CA    . HIS A 1 59  ? -2.337  10.386  -2.547  1.00 50.27  ? 150  HIS A CA    1 
ATOM   489  C  C     . HIS A 1 59  ? -3.142  9.248   -3.191  1.00 45.57  ? 150  HIS A C     1 
ATOM   490  O  O     . HIS A 1 59  ? -2.553  8.262   -3.606  1.00 48.31  ? 150  HIS A O     1 
ATOM   491  C  CB    . HIS A 1 59  ? -2.252  10.198  -1.024  1.00 55.27  ? 150  HIS A CB    1 
ATOM   492  C  CG    . HIS A 1 59  ? -1.188  11.015  -0.337  1.00 55.65  ? 150  HIS A CG    1 
ATOM   493  N  ND1   . HIS A 1 59  ? 0.180   10.852  -0.540  1.00 60.12  ? 150  HIS A ND1   1 
ATOM   494  C  CD2   . HIS A 1 59  ? -1.322  11.998  0.590   1.00 58.65  ? 150  HIS A CD2   1 
ATOM   495  C  CE1   . HIS A 1 59  ? 0.838   11.725  0.236   1.00 59.73  ? 150  HIS A CE1   1 
ATOM   496  N  NE2   . HIS A 1 59  ? -0.063  12.431  0.931   1.00 64.96  ? 150  HIS A NE2   1 
ATOM   497  N  N     . ILE A 1 60  ? -4.462  9.374   -3.329  1.00 48.30  ? 151  ILE A N     1 
ATOM   498  C  CA    . ILE A 1 60  ? -5.214  8.274   -3.965  1.00 46.21  ? 151  ILE A CA    1 
ATOM   499  C  C     . ILE A 1 60  ? -4.788  8.115   -5.420  1.00 44.89  ? 151  ILE A C     1 
ATOM   500  O  O     . ILE A 1 60  ? -4.584  6.997   -5.913  1.00 45.62  ? 151  ILE A O     1 
ATOM   501  C  CB    . ILE A 1 60  ? -6.755  8.391   -3.809  1.00 45.37  ? 151  ILE A CB    1 
ATOM   502  C  CG1   . ILE A 1 60  ? -7.448  7.178   -4.437  1.00 44.35  ? 151  ILE A CG1   1 
ATOM   503  C  CG2   . ILE A 1 60  ? -7.328  9.656   -4.446  1.00 48.44  ? 151  ILE A CG2   1 
ATOM   504  C  CD1   . ILE A 1 60  ? -8.901  7.015   -4.031  1.00 42.19  ? 151  ILE A CD1   1 
ATOM   505  N  N     . LEU A 1 61  ? -4.628  9.240   -6.103  1.00 46.13  ? 152  LEU A N     1 
ATOM   506  C  CA    A LEU A 1 61  ? -4.225  9.226   -7.503  0.50 44.99  ? 152  LEU A CA    1 
ATOM   507  C  CA    B LEU A 1 61  ? -4.235  9.222   -7.506  0.50 44.50  ? 152  LEU A CA    1 
ATOM   508  C  C     . LEU A 1 61  ? -2.894  8.534   -7.678  1.00 42.94  ? 152  LEU A C     1 
ATOM   509  O  O     . LEU A 1 61  ? -2.767  7.592   -8.463  1.00 41.03  ? 152  LEU A O     1 
ATOM   510  C  CB    A LEU A 1 61  ? -4.139  10.653  -8.058  0.50 46.99  ? 152  LEU A CB    1 
ATOM   511  C  CB    B LEU A 1 61  ? -4.179  10.647  -8.074  0.50 45.76  ? 152  LEU A CB    1 
ATOM   512  C  CG    A LEU A 1 61  ? -5.487  11.203  -8.496  0.50 45.83  ? 152  LEU A CG    1 
ATOM   513  C  CG    B LEU A 1 61  ? -3.773  10.767  -9.543  0.50 44.18  ? 152  LEU A CG    1 
ATOM   514  C  CD1   A LEU A 1 61  ? -5.396  12.685  -8.810  0.50 48.00  ? 152  LEU A CD1   1 
ATOM   515  C  CD1   B LEU A 1 61  ? -4.586  9.809   -10.392 0.50 43.48  ? 152  LEU A CD1   1 
ATOM   516  C  CD2   A LEU A 1 61  ? -5.951  10.417  -9.708  0.50 47.21  ? 152  LEU A CD2   1 
ATOM   517  C  CD2   B LEU A 1 61  ? -3.938  12.205  -10.030 0.50 46.27  ? 152  LEU A CD2   1 
ATOM   518  N  N     . PHE A 1 62  ? -1.891  8.995   -6.946  1.00 42.25  ? 153  PHE A N     1 
ATOM   519  C  CA    . PHE A 1 62  ? -0.567  8.410   -7.128  1.00 46.03  ? 153  PHE A CA    1 
ATOM   520  C  C     . PHE A 1 62  ? -0.430  7.013   -6.505  1.00 47.10  ? 153  PHE A C     1 
ATOM   521  O  O     . PHE A 1 62  ? 0.217   6.133   -7.123  1.00 43.52  ? 153  PHE A O     1 
ATOM   522  C  CB    . PHE A 1 62  ? 0.528   9.407   -6.733  1.00 49.20  ? 153  PHE A CB    1 
ATOM   523  C  CG    . PHE A 1 62  ? 0.725   10.484  -7.770  1.00 54.46  ? 153  PHE A CG    1 
ATOM   524  C  CD1   . PHE A 1 62  ? -0.049  11.635  -7.753  1.00 56.80  ? 153  PHE A CD1   1 
ATOM   525  C  CD2   . PHE A 1 62  ? 1.623   10.304  -8.813  1.00 56.82  ? 153  PHE A CD2   1 
ATOM   526  C  CE1   . PHE A 1 62  ? 0.098   12.609  -8.727  1.00 61.04  ? 153  PHE A CE1   1 
ATOM   527  C  CE2   . PHE A 1 62  ? 1.772   11.268  -9.797  1.00 60.77  ? 153  PHE A CE2   1 
ATOM   528  C  CZ    . PHE A 1 62  ? 1.007   12.419  -9.757  1.00 60.23  ? 153  PHE A CZ    1 
ATOM   529  N  N     . ASN A 1 63  ? -1.089  6.769   -5.362  1.00 42.69  ? 154  ASN A N     1 
ATOM   530  C  CA    . ASN A 1 63  ? -1.103  5.398   -4.790  1.00 43.25  ? 154  ASN A CA    1 
ATOM   531  C  C     . ASN A 1 63  ? -1.649  4.405   -5.798  1.00 41.13  ? 154  ASN A C     1 
ATOM   532  O  O     . ASN A 1 63  ? -1.039  3.376   -6.052  1.00 46.43  ? 154  ASN A O     1 
ATOM   533  C  CB    . ASN A 1 63  ? -1.848  5.325   -3.429  1.00 41.66  ? 154  ASN A CB    1 
ATOM   534  C  CG    . ASN A 1 63  ? -1.079  6.018   -2.304  1.00 42.21  ? 154  ASN A CG    1 
ATOM   535  O  OD1   . ASN A 1 63  ? 0.103   6.317   -2.454  1.00 44.68  ? 154  ASN A OD1   1 
ATOM   536  N  ND2   . ASN A 1 63  ? -1.749  6.304   -1.184  1.00 41.84  ? 154  ASN A ND2   1 
ATOM   537  N  N     . LEU A 1 64  ? -2.758  4.747   -6.447  1.00 47.80  ? 155  LEU A N     1 
ATOM   538  C  CA    . LEU A 1 64  ? -3.381  3.834   -7.414  1.00 43.09  ? 155  LEU A CA    1 
ATOM   539  C  C     . LEU A 1 64  ? -2.614  3.680   -8.717  1.00 45.86  ? 155  LEU A C     1 
ATOM   540  O  O     . LEU A 1 64  ? -2.689  2.621   -9.371  1.00 42.89  ? 155  LEU A O     1 
ATOM   541  C  CB    . LEU A 1 64  ? -4.828  4.241   -7.696  1.00 45.16  ? 155  LEU A CB    1 
ATOM   542  C  CG    . LEU A 1 64  ? -5.848  4.074   -6.567  1.00 45.38  ? 155  LEU A CG    1 
ATOM   543  C  CD1   . LEU A 1 64  ? -7.253  4.048   -7.142  1.00 45.06  ? 155  LEU A CD1   1 
ATOM   544  C  CD2   . LEU A 1 64  ? -5.601  2.826   -5.739  1.00 45.60  ? 155  LEU A CD2   1 
ATOM   545  N  N     . LEU A 1 65  ? -1.885  4.723   -9.112  1.00 44.81  ? 156  LEU A N     1 
ATOM   546  C  CA    A LEU A 1 65  ? -1.016  4.633   -10.284 0.50 44.98  ? 156  LEU A CA    1 
ATOM   547  C  CA    B LEU A 1 65  ? -1.008  4.633   -10.288 0.50 45.30  ? 156  LEU A CA    1 
ATOM   548  C  C     . LEU A 1 65  ? 0.106   3.623   -10.049 1.00 44.93  ? 156  LEU A C     1 
ATOM   549  O  O     . LEU A 1 65  ? 0.348   2.743   -10.884 1.00 43.86  ? 156  LEU A O     1 
ATOM   550  C  CB    A LEU A 1 65  ? -0.439  6.007   -10.625 0.50 44.72  ? 156  LEU A CB    1 
ATOM   551  C  CB    B LEU A 1 65  ? -0.406  5.996   -10.652 0.50 45.46  ? 156  LEU A CB    1 
ATOM   552  C  CG    A LEU A 1 65  ? 0.395   6.093   -11.895 0.50 45.02  ? 156  LEU A CG    1 
ATOM   553  C  CG    B LEU A 1 65  ? -1.344  6.948   -11.392 0.50 46.04  ? 156  LEU A CG    1 
ATOM   554  C  CD1   A LEU A 1 65  ? -0.253  5.334   -13.045 0.50 45.32  ? 156  LEU A CD1   1 
ATOM   555  C  CD1   B LEU A 1 65  ? -0.811  8.371   -11.344 0.50 48.29  ? 156  LEU A CD1   1 
ATOM   556  C  CD2   A LEU A 1 65  ? 0.599   7.555   -12.250 0.50 45.15  ? 156  LEU A CD2   1 
ATOM   557  C  CD2   B LEU A 1 65  ? -1.536  6.496   -12.831 0.50 46.61  ? 156  LEU A CD2   1 
ATOM   558  N  N     . TRP A 1 66  ? 0.795   3.753   -8.917  1.00 42.79  ? 157  TRP A N     1 
ATOM   559  C  CA    . TRP A 1 66  ? 1.835   2.782   -8.554  1.00 43.37  ? 157  TRP A CA    1 
ATOM   560  C  C     . TRP A 1 66  ? 1.262   1.375   -8.402  1.00 44.43  ? 157  TRP A C     1 
ATOM   561  O  O     . TRP A 1 66  ? 1.826   0.411   -8.937  1.00 41.79  ? 157  TRP A O     1 
ATOM   562  C  CB    . TRP A 1 66  ? 2.516   3.167   -7.248  1.00 48.93  ? 157  TRP A CB    1 
ATOM   563  C  CG    . TRP A 1 66  ? 3.527   4.257   -7.370  1.00 48.33  ? 157  TRP A CG    1 
ATOM   564  C  CD1   . TRP A 1 66  ? 3.494   5.478   -6.764  1.00 50.07  ? 157  TRP A CD1   1 
ATOM   565  C  CD2   . TRP A 1 66  ? 4.736   4.208   -8.124  1.00 47.63  ? 157  TRP A CD2   1 
ATOM   566  N  NE1   . TRP A 1 66  ? 4.611   6.204   -7.103  1.00 51.24  ? 157  TRP A NE1   1 
ATOM   567  C  CE2   . TRP A 1 66  ? 5.391   5.445   -7.941  1.00 48.89  ? 157  TRP A CE2   1 
ATOM   568  C  CE3   . TRP A 1 66  ? 5.333   3.235   -8.941  1.00 46.77  ? 157  TRP A CE3   1 
ATOM   569  C  CZ2   . TRP A 1 66  ? 6.629   5.736   -8.537  1.00 48.57  ? 157  TRP A CZ2   1 
ATOM   570  C  CZ3   . TRP A 1 66  ? 6.556   3.524   -9.541  1.00 47.53  ? 157  TRP A CZ3   1 
ATOM   571  C  CH2   . TRP A 1 66  ? 7.186   4.765   -9.341  1.00 49.23  ? 157  TRP A CH2   1 
ATOM   572  N  N     . TRP A 1 67  ? 0.148   1.261   -7.670  1.00 46.38  ? 158  TRP A N     1 
ATOM   573  C  CA    . TRP A 1 67  ? -0.559  -0.029  -7.518  1.00 46.00  ? 158  TRP A CA    1 
ATOM   574  C  C     . TRP A 1 67  ? -0.896  -0.651  -8.857  1.00 47.64  ? 158  TRP A C     1 
ATOM   575  O  O     . TRP A 1 67  ? -0.587  -1.827  -9.109  1.00 47.42  ? 158  TRP A O     1 
ATOM   576  C  CB    . TRP A 1 67  ? -1.843  0.147   -6.712  1.00 46.72  ? 158  TRP A CB    1 
ATOM   577  C  CG    . TRP A 1 67  ? -2.762  -1.058  -6.767  1.00 48.40  ? 158  TRP A CG    1 
ATOM   578  C  CD1   . TRP A 1 67  ? -3.815  -1.243  -7.607  1.00 47.49  ? 158  TRP A CD1   1 
ATOM   579  C  CD2   . TRP A 1 67  ? -2.711  -2.223  -5.928  1.00 46.21  ? 158  TRP A CD2   1 
ATOM   580  N  NE1   . TRP A 1 67  ? -4.425  -2.442  -7.352  1.00 51.90  ? 158  TRP A NE1   1 
ATOM   581  C  CE2   . TRP A 1 67  ? -3.765  -3.071  -6.328  1.00 49.27  ? 158  TRP A CE2   1 
ATOM   582  C  CE3   . TRP A 1 67  ? -1.877  -2.632  -4.885  1.00 46.89  ? 158  TRP A CE3   1 
ATOM   583  C  CZ2   . TRP A 1 67  ? -4.008  -4.317  -5.720  1.00 48.18  ? 158  TRP A CZ2   1 
ATOM   584  C  CZ3   . TRP A 1 67  ? -2.119  -3.879  -4.273  1.00 47.64  ? 158  TRP A CZ3   1 
ATOM   585  C  CH2   . TRP A 1 67  ? -3.183  -4.698  -4.696  1.00 46.88  ? 158  TRP A CH2   1 
ATOM   586  N  N     . TRP A 1 68  ? -1.540  0.140   -9.716  1.00 49.61  ? 159  TRP A N     1 
ATOM   587  C  CA    . TRP A 1 68  ? -1.912  -0.316  -11.044 1.00 49.92  ? 159  TRP A CA    1 
ATOM   588  C  C     . TRP A 1 68  ? -0.703  -0.863  -11.784 1.00 49.97  ? 159  TRP A C     1 
ATOM   589  O  O     . TRP A 1 68  ? -0.780  -1.931  -12.401 1.00 49.50  ? 159  TRP A O     1 
ATOM   590  C  CB    . TRP A 1 68  ? -2.580  0.815   -11.862 1.00 53.20  ? 159  TRP A CB    1 
ATOM   591  C  CG    . TRP A 1 68  ? -3.016  0.391   -13.261 1.00 61.23  ? 159  TRP A CG    1 
ATOM   592  C  CD1   . TRP A 1 68  ? -3.493  -0.830  -13.631 1.00 65.89  ? 159  TRP A CD1   1 
ATOM   593  C  CD2   . TRP A 1 68  ? -3.036  1.198   -14.449 1.00 72.41  ? 159  TRP A CD2   1 
ATOM   594  N  NE1   . TRP A 1 68  ? -3.796  -0.844  -14.971 1.00 68.28  ? 159  TRP A NE1   1 
ATOM   595  C  CE2   . TRP A 1 68  ? -3.526  0.388   -15.497 1.00 74.01  ? 159  TRP A CE2   1 
ATOM   596  C  CE3   . TRP A 1 68  ? -2.692  2.527   -14.729 1.00 78.66  ? 159  TRP A CE3   1 
ATOM   597  C  CZ2   . TRP A 1 68  ? -3.678  0.861   -16.807 1.00 81.04  ? 159  TRP A CZ2   1 
ATOM   598  C  CZ3   . TRP A 1 68  ? -2.849  3.001   -16.034 1.00 83.17  ? 159  TRP A CZ3   1 
ATOM   599  C  CH2   . TRP A 1 68  ? -3.336  2.166   -17.055 1.00 82.93  ? 159  TRP A CH2   1 
ATOM   600  N  N     . TYR A 1 69  ? 0.416   -0.147  -11.720 1.00 49.66  ? 160  TYR A N     1 
ATOM   601  C  CA    . TYR A 1 69  ? 1.599   -0.559  -12.479 1.00 51.07  ? 160  TYR A CA    1 
ATOM   602  C  C     . TYR A 1 69  ? 2.368   -1.721  -11.832 1.00 50.74  ? 160  TYR A C     1 
ATOM   603  O  O     . TYR A 1 69  ? 2.674   -2.714  -12.504 1.00 47.52  ? 160  TYR A O     1 
ATOM   604  C  CB    . TYR A 1 69  ? 2.552   0.618   -12.728 1.00 53.94  ? 160  TYR A CB    1 
ATOM   605  C  CG    . TYR A 1 69  ? 3.703   0.194   -13.608 1.00 58.32  ? 160  TYR A CG    1 
ATOM   606  C  CD1   . TYR A 1 69  ? 3.517   -0.007  -14.972 1.00 62.42  ? 160  TYR A CD1   1 
ATOM   607  C  CD2   . TYR A 1 69  ? 4.954   -0.083  -13.070 1.00 60.23  ? 160  TYR A CD2   1 
ATOM   608  C  CE1   . TYR A 1 69  ? 4.557   -0.439  -15.783 1.00 65.65  ? 160  TYR A CE1   1 
ATOM   609  C  CE2   . TYR A 1 69  ? 5.993   -0.527  -13.871 1.00 66.16  ? 160  TYR A CE2   1 
ATOM   610  C  CZ    . TYR A 1 69  ? 5.789   -0.698  -15.227 1.00 65.14  ? 160  TYR A CZ    1 
ATOM   611  O  OH    . TYR A 1 69  ? 6.821   -1.121  -16.027 1.00 74.10  ? 160  TYR A OH    1 
ATOM   612  N  N     . LEU A 1 70  ? 2.705   -1.588  -10.549 1.00 47.18  ? 161  LEU A N     1 
ATOM   613  C  CA    . LEU A 1 70  ? 3.526   -2.609  -9.865  1.00 50.24  ? 161  LEU A CA    1 
ATOM   614  C  C     . LEU A 1 70  ? 2.696   -3.841  -9.470  1.00 50.05  ? 161  LEU A C     1 
ATOM   615  O  O     . LEU A 1 70  ? 3.093   -4.987  -9.729  1.00 50.26  ? 161  LEU A O     1 
ATOM   616  C  CB    . LEU A 1 70  ? 4.231   -2.019  -8.643  1.00 48.69  ? 161  LEU A CB    1 
ATOM   617  C  CG    . LEU A 1 70  ? 5.139   -0.819  -8.927  1.00 48.88  ? 161  LEU A CG    1 
ATOM   618  C  CD1   . LEU A 1 70  ? 5.568   -0.141  -7.629  1.00 49.49  ? 161  LEU A CD1   1 
ATOM   619  C  CD2   . LEU A 1 70  ? 6.341   -1.232  -9.755  1.00 48.54  ? 161  LEU A CD2   1 
ATOM   620  N  N     . GLY A 1 71  ? 1.536   -3.596  -8.872  1.00 47.71  ? 162  GLY A N     1 
ATOM   621  C  CA    . GLY A 1 71  ? 0.580   -4.660  -8.569  1.00 51.05  ? 162  GLY A CA    1 
ATOM   622  C  C     . GLY A 1 71  ? 0.217   -5.425  -9.828  1.00 55.59  ? 162  GLY A C     1 
ATOM   623  O  O     . GLY A 1 71  ? 0.270   -6.651  -9.846  1.00 53.49  ? 162  GLY A O     1 
ATOM   624  N  N     . GLY A 1 72  ? -0.127  -4.696  -10.891 1.00 56.53  ? 163  GLY A N     1 
ATOM   625  C  CA    . GLY A 1 72  ? -0.488  -5.306  -12.177 1.00 52.01  ? 163  GLY A CA    1 
ATOM   626  C  C     . GLY A 1 72  ? 0.580   -6.217  -12.753 1.00 54.40  ? 163  GLY A C     1 
ATOM   627  O  O     . GLY A 1 72  ? 0.280   -7.312  -13.239 1.00 54.29  ? 163  GLY A O     1 
ATOM   628  N  N     . ALA A 1 73  ? 1.833   -5.777  -12.690 1.00 54.48  ? 164  ALA A N     1 
ATOM   629  C  CA    . ALA A 1 73  ? 2.953   -6.591  -13.175 1.00 56.33  ? 164  ALA A CA    1 
ATOM   630  C  C     . ALA A 1 73  ? 3.200   -7.839  -12.296 1.00 56.80  ? 164  ALA A C     1 
ATOM   631  O  O     . ALA A 1 73  ? 3.475   -8.937  -12.813 1.00 52.98  ? 164  ALA A O     1 
ATOM   632  C  CB    . ALA A 1 73  ? 4.211   -5.744  -13.258 1.00 54.35  ? 164  ALA A CB    1 
ATOM   633  N  N     . VAL A 1 74  ? 3.128   -7.668  -10.979 1.00 51.46  ? 165  VAL A N     1 
ATOM   634  C  CA    . VAL A 1 74  ? 3.211   -8.811  -10.055 1.00 56.97  ? 165  VAL A CA    1 
ATOM   635  C  C     . VAL A 1 74  ? 2.100   -9.838  -10.364 1.00 57.46  ? 165  VAL A C     1 
ATOM   636  O  O     . VAL A 1 74  ? 2.378   -11.021 -10.576 1.00 56.17  ? 165  VAL A O     1 
ATOM   637  C  CB    . VAL A 1 74  ? 3.133   -8.362  -8.577  1.00 58.44  ? 165  VAL A CB    1 
ATOM   638  C  CG1   . VAL A 1 74  ? 2.940   -9.559  -7.649  1.00 61.10  ? 165  VAL A CG1   1 
ATOM   639  C  CG2   . VAL A 1 74  ? 4.386   -7.582  -8.190  1.00 58.79  ? 165  VAL A CG2   1 
ATOM   640  N  N     . GLU A 1 75  ? 0.857   -9.373  -10.424 1.00 56.44  ? 166  GLU A N     1 
ATOM   641  C  CA    . GLU A 1 75  ? -0.284  -10.235 -10.764 1.00 57.25  ? 166  GLU A CA    1 
ATOM   642  C  C     . GLU A 1 75  ? -0.114  -11.008 -12.082 1.00 63.05  ? 166  GLU A C     1 
ATOM   643  O  O     . GLU A 1 75  ? -0.358  -12.218 -12.131 1.00 58.55  ? 166  GLU A O     1 
ATOM   644  C  CB    . GLU A 1 75  ? -1.562  -9.413  -10.836 1.00 56.11  ? 166  GLU A CB    1 
ATOM   645  C  CG    . GLU A 1 75  ? -2.786  -10.198 -11.280 1.00 57.86  ? 166  GLU A CG    1 
ATOM   646  C  CD    . GLU A 1 75  ? -4.065  -9.717  -10.623 1.00 60.04  ? 166  GLU A CD    1 
ATOM   647  O  OE1   . GLU A 1 75  ? -4.276  -8.482  -10.511 1.00 60.61  ? 166  GLU A OE1   1 
ATOM   648  O  OE2   . GLU A 1 75  ? -4.867  -10.587 -10.214 1.00 61.29  ? 166  GLU A OE2   1 
ATOM   649  N  N     . LYS A 1 76  ? 0.291   -10.315 -13.143 1.00 60.75  ? 167  LYS A N     1 
ATOM   650  C  CA    . LYS A 1 76  ? 0.403   -10.944 -14.453 1.00 64.92  ? 167  LYS A CA    1 
ATOM   651  C  C     . LYS A 1 76  ? 1.536   -11.968 -14.502 1.00 63.29  ? 167  LYS A C     1 
ATOM   652  O  O     . LYS A 1 76  ? 1.376   -13.052 -15.055 1.00 63.14  ? 167  LYS A O     1 
ATOM   653  C  CB    . LYS A 1 76  ? 0.616   -9.890  -15.548 1.00 71.60  ? 167  LYS A CB    1 
ATOM   654  C  CG    . LYS A 1 76  ? 0.463   -10.450 -16.961 1.00 78.89  ? 167  LYS A CG    1 
ATOM   655  C  CD    . LYS A 1 76  ? 1.195   -9.624  -18.008 1.00 84.22  ? 167  LYS A CD    1 
ATOM   656  C  CE    . LYS A 1 76  ? 1.249   -10.376 -19.328 1.00 88.11  ? 167  LYS A CE    1 
ATOM   657  N  NZ    . LYS A 1 76  ? 1.842   -9.553  -20.415 1.00 93.04  ? 167  LYS A NZ    1 
ATOM   658  N  N     . ARG A 1 77  ? 2.681   -11.617 -13.930 1.00 62.97  ? 168  ARG A N     1 
ATOM   659  C  CA    . ARG A 1 77  ? 3.872   -12.442 -14.053 1.00 63.80  ? 168  ARG A CA    1 
ATOM   660  C  C     . ARG A 1 77  ? 4.015   -13.478 -12.942 1.00 65.64  ? 168  ARG A C     1 
ATOM   661  O  O     . ARG A 1 77  ? 4.575   -14.545 -13.186 1.00 66.45  ? 168  ARG A O     1 
ATOM   662  C  CB    . ARG A 1 77  ? 5.111   -11.558 -14.142 1.00 69.58  ? 168  ARG A CB    1 
ATOM   663  C  CG    . ARG A 1 77  ? 5.157   -10.800 -15.459 1.00 75.90  ? 168  ARG A CG    1 
ATOM   664  C  CD    . ARG A 1 77  ? 6.140   -9.648  -15.446 1.00 82.58  ? 168  ARG A CD    1 
ATOM   665  N  NE    . ARG A 1 77  ? 6.188   -8.986  -16.751 1.00 91.42  ? 168  ARG A NE    1 
ATOM   666  C  CZ    . ARG A 1 77  ? 6.799   -9.470  -17.835 1.00 93.32  ? 168  ARG A CZ    1 
ATOM   667  N  NH1   . ARG A 1 77  ? 7.437   -10.639 -17.802 1.00 93.50  ? 168  ARG A NH1   1 
ATOM   668  N  NH2   . ARG A 1 77  ? 6.772   -8.775  -18.970 1.00 95.80  ? 168  ARG A NH2   1 
ATOM   669  N  N     . LEU A 1 78  ? 3.507   -13.177 -11.744 1.00 59.65  ? 169  LEU A N     1 
ATOM   670  C  CA    . LEU A 1 78  ? 3.681   -14.067 -10.581 1.00 59.63  ? 169  LEU A CA    1 
ATOM   671  C  C     . LEU A 1 78  ? 2.383   -14.609 -9.981  1.00 57.03  ? 169  LEU A C     1 
ATOM   672  O  O     . LEU A 1 78  ? 2.427   -15.401 -9.048  1.00 64.46  ? 169  LEU A O     1 
ATOM   673  C  CB    . LEU A 1 78  ? 4.497   -13.366 -9.496  1.00 56.41  ? 169  LEU A CB    1 
ATOM   674  C  CG    . LEU A 1 78  ? 5.848   -12.820 -9.960  1.00 58.65  ? 169  LEU A CG    1 
ATOM   675  C  CD1   . LEU A 1 78  ? 6.496   -11.997 -8.863  1.00 57.79  ? 169  LEU A CD1   1 
ATOM   676  C  CD2   . LEU A 1 78  ? 6.768   -13.950 -10.408 1.00 61.43  ? 169  LEU A CD2   1 
ATOM   677  N  N     . GLY A 1 79  ? 1.235   -14.200 -10.518 1.00 57.61  ? 170  GLY A N     1 
ATOM   678  C  CA    . GLY A 1 79  ? -0.057  -14.699 -10.062 1.00 54.35  ? 170  GLY A CA    1 
ATOM   679  C  C     . GLY A 1 79  ? -0.750  -13.789 -9.070  1.00 54.99  ? 170  GLY A C     1 
ATOM   680  O  O     . GLY A 1 79  ? -0.118  -12.966 -8.406  1.00 52.04  ? 170  GLY A O     1 
ATOM   681  N  N     . SER A 1 80  ? -2.061  -13.975 -8.964  1.00 57.40  ? 171  SER A N     1 
ATOM   682  C  CA    . SER A 1 80  ? -2.923  -13.181 -8.096  1.00 56.56  ? 171  SER A CA    1 
ATOM   683  C  C     . SER A 1 80  ? -2.694  -13.416 -6.609  1.00 57.34  ? 171  SER A C     1 
ATOM   684  O  O     . SER A 1 80  ? -2.787  -12.475 -5.802  1.00 54.57  ? 171  SER A O     1 
ATOM   685  C  CB    . SER A 1 80  ? -4.376  -13.499 -8.413  1.00 57.67  ? 171  SER A CB    1 
ATOM   686  O  OG    . SER A 1 80  ? -4.664  -13.206 -9.761  1.00 56.78  ? 171  SER A OG    1 
ATOM   687  N  N     . GLY A 1 81  ? -2.447  -14.677 -6.244  1.00 55.21  ? 172  GLY A N     1 
ATOM   688  C  CA    . GLY A 1 81  ? -2.227  -15.049 -4.849  1.00 51.59  ? 172  GLY A CA    1 
ATOM   689  C  C     . GLY A 1 81  ? -1.048  -14.305 -4.261  1.00 49.55  ? 172  GLY A C     1 
ATOM   690  O  O     . GLY A 1 81  ? -1.124  -13.797 -3.140  1.00 55.17  ? 172  GLY A O     1 
ATOM   691  N  N     . LYS A 1 82  ? 0.036   -14.227 -5.036  1.00 49.37  ? 173  LYS A N     1 
ATOM   692  C  CA    . LYS A 1 82  ? 1.235   -13.466 -4.659  1.00 49.24  ? 173  LYS A CA    1 
ATOM   693  C  C     . LYS A 1 82  ? 0.922   -12.011 -4.312  1.00 48.50  ? 173  LYS A C     1 
ATOM   694  O  O     . LYS A 1 82  ? 1.413   -11.483 -3.313  1.00 50.18  ? 173  LYS A O     1 
ATOM   695  C  CB    . LYS A 1 82  ? 2.256   -13.492 -5.798  1.00 53.44  ? 173  LYS A CB    1 
ATOM   696  C  CG    . LYS A 1 82  ? 3.601   -12.842 -5.472  1.00 54.87  ? 173  LYS A CG    1 
ATOM   697  C  CD    . LYS A 1 82  ? 4.476   -13.727 -4.603  1.00 60.26  ? 173  LYS A CD    1 
ATOM   698  C  CE    . LYS A 1 82  ? 4.998   -14.923 -5.392  1.00 60.47  ? 173  LYS A CE    1 
ATOM   699  N  NZ    . LYS A 1 82  ? 5.811   -15.830 -4.549  1.00 60.58  ? 173  LYS A NZ    1 
ATOM   700  N  N     . LEU A 1 83  ? 0.123   -11.358 -5.146  1.00 52.34  ? 174  LEU A N     1 
ATOM   701  C  CA    . LEU A 1 83  ? -0.242  -9.951  -4.902  1.00 48.63  ? 174  LEU A CA    1 
ATOM   702  C  C     . LEU A 1 83  ? -1.089  -9.836  -3.656  1.00 47.09  ? 174  LEU A C     1 
ATOM   703  O  O     . LEU A 1 83  ? -0.916  -8.909  -2.853  1.00 46.54  ? 174  LEU A O     1 
ATOM   704  C  CB    . LEU A 1 83  ? -0.996  -9.369  -6.113  1.00 48.69  ? 174  LEU A CB    1 
ATOM   705  C  CG    . LEU A 1 83  ? -1.402  -7.893  -6.032  1.00 46.87  ? 174  LEU A CG    1 
ATOM   706  C  CD1   . LEU A 1 83  ? -0.201  -7.010  -5.710  1.00 48.79  ? 174  LEU A CD1   1 
ATOM   707  C  CD2   . LEU A 1 83  ? -2.105  -7.449  -7.310  1.00 48.44  ? 174  LEU A CD2   1 
ATOM   708  N  N     . ILE A 1 84  ? -2.009  -10.782 -3.482  1.00 48.51  ? 175  ILE A N     1 
ATOM   709  C  CA    . ILE A 1 84  ? -2.854  -10.787 -2.287  1.00 48.01  ? 175  ILE A CA    1 
ATOM   710  C  C     . ILE A 1 84  ? -2.024  -10.823 -1.012  1.00 48.19  ? 175  ILE A C     1 
ATOM   711  O  O     . ILE A 1 84  ? -2.271  -10.016 -0.089  1.00 46.46  ? 175  ILE A O     1 
ATOM   712  C  CB    . ILE A 1 84  ? -3.871  -11.950 -2.292  1.00 50.91  ? 175  ILE A CB    1 
ATOM   713  C  CG1   . ILE A 1 84  ? -4.951  -11.701 -3.355  1.00 52.10  ? 175  ILE A CG1   1 
ATOM   714  C  CG2   . ILE A 1 84  ? -4.534  -12.100 -0.926  1.00 50.95  ? 175  ILE A CG2   1 
ATOM   715  C  CD1   . ILE A 1 84  ? -5.684  -12.956 -3.792  1.00 53.81  ? 175  ILE A CD1   1 
ATOM   716  N  N     . VAL A 1 85  ? -1.031  -11.718 -0.955  1.00 45.40  ? 176  VAL A N     1 
ATOM   717  C  CA    . VAL A 1 85  ? -0.277  -11.923 0.295   1.00 44.57  ? 176  VAL A CA    1 
ATOM   718  C  C     . VAL A 1 85  ? 0.601   -10.718 0.574   1.00 45.72  ? 176  VAL A C     1 
ATOM   719  O  O     . VAL A 1 85  ? 0.669   -10.217 1.710   1.00 43.76  ? 176  VAL A O     1 
ATOM   720  C  CB    . VAL A 1 85  ? 0.597   -13.198 0.276   1.00 50.07  ? 176  VAL A CB    1 
ATOM   721  C  CG1   . VAL A 1 85  ? 1.414   -13.304 1.551   1.00 49.41  ? 176  VAL A CG1   1 
ATOM   722  C  CG2   . VAL A 1 85  ? -0.260  -14.450 0.122   1.00 51.59  ? 176  VAL A CG2   1 
ATOM   723  N  N     . ILE A 1 86  ? 1.261   -10.223 -0.466  1.00 46.98  ? 177  ILE A N     1 
ATOM   724  C  CA    . ILE A 1 86  ? 2.042   -8.996  -0.309  1.00 45.00  ? 177  ILE A CA    1 
ATOM   725  C  C     . ILE A 1 86  ? 1.161   -7.887  0.261   1.00 40.85  ? 177  ILE A C     1 
ATOM   726  O  O     . ILE A 1 86  ? 1.566   -7.190  1.200   1.00 42.33  ? 177  ILE A O     1 
ATOM   727  C  CB    . ILE A 1 86  ? 2.689   -8.551  -1.639  1.00 49.34  ? 177  ILE A CB    1 
ATOM   728  C  CG1   . ILE A 1 86  ? 3.705   -9.597  -2.108  1.00 51.08  ? 177  ILE A CG1   1 
ATOM   729  C  CG2   . ILE A 1 86  ? 3.370   -7.196  -1.475  1.00 51.86  ? 177  ILE A CG2   1 
ATOM   730  C  CD1   . ILE A 1 86  ? 4.012   -9.532  -3.587  1.00 52.94  ? 177  ILE A CD1   1 
ATOM   731  N  N     . THR A 1 87  ? -0.055  -7.741  -0.271  1.00 43.35  ? 178  THR A N     1 
ATOM   732  C  CA    . THR A 1 87  ? -0.952  -6.664  0.193   1.00 45.46  ? 178  THR A CA    1 
ATOM   733  C  C     . THR A 1 87  ? -1.361  -6.853  1.634   1.00 43.14  ? 178  THR A C     1 
ATOM   734  O  O     . THR A 1 87  ? -1.289  -5.915  2.453   1.00 48.89  ? 178  THR A O     1 
ATOM   735  C  CB    . THR A 1 87  ? -2.225  -6.539  -0.695  1.00 46.49  ? 178  THR A CB    1 
ATOM   736  O  OG1   . THR A 1 87  ? -1.833  -6.304  -2.048  1.00 41.50  ? 178  THR A OG1   1 
ATOM   737  C  CG2   . THR A 1 87  ? -3.096  -5.370  -0.239  1.00 44.57  ? 178  THR A CG2   1 
ATOM   738  N  N     . LEU A 1 88  ? -1.802  -8.066  1.958   1.00 44.73  ? 179  LEU A N     1 
ATOM   739  C  CA    . LEU A 1 88  ? -2.285  -8.362  3.313   1.00 43.73  ? 179  LEU A CA    1 
ATOM   740  C  C     . LEU A 1 88  ? -1.204  -8.199  4.353   1.00 41.57  ? 179  LEU A C     1 
ATOM   741  O  O     . LEU A 1 88  ? -1.418  -7.554  5.394   1.00 40.85  ? 179  LEU A O     1 
ATOM   742  C  CB    . LEU A 1 88  ? -2.877  -9.777  3.391   1.00 46.87  ? 179  LEU A CB    1 
ATOM   743  C  CG    . LEU A 1 88  ? -4.176  -10.013 2.641   1.00 46.20  ? 179  LEU A CG    1 
ATOM   744  C  CD1   . LEU A 1 88  ? -4.530  -11.489 2.714   1.00 50.36  ? 179  LEU A CD1   1 
ATOM   745  C  CD2   . LEU A 1 88  ? -5.319  -9.159  3.184   1.00 46.23  ? 179  LEU A CD2   1 
ATOM   746  N  N     . ILE A 1 89  ? -0.012  -8.718  4.073   1.00 41.66  ? 180  ILE A N     1 
ATOM   747  C  CA    . ILE A 1 89  ? 1.058   -8.589  5.082   1.00 46.39  ? 180  ILE A CA    1 
ATOM   748  C  C     . ILE A 1 89  ? 1.492   -7.121  5.255   1.00 46.84  ? 180  ILE A C     1 
ATOM   749  O  O     . ILE A 1 89  ? 1.649   -6.642  6.391   1.00 45.85  ? 180  ILE A O     1 
ATOM   750  C  CB    . ILE A 1 89  ? 2.263   -9.495  4.771   1.00 50.69  ? 180  ILE A CB    1 
ATOM   751  C  CG1   . ILE A 1 89  ? 1.800   -10.950 4.672   1.00 54.85  ? 180  ILE A CG1   1 
ATOM   752  C  CG2   . ILE A 1 89  ? 3.329   -9.386  5.863   1.00 52.74  ? 180  ILE A CG2   1 
ATOM   753  C  CD1   . ILE A 1 89  ? 2.839   -11.904 4.121   1.00 56.00  ? 180  ILE A CD1   1 
ATOM   754  N  N     . SER A 1 90  ? 1.663   -6.397  4.142   1.00 46.66  ? 181  SER A N     1 
ATOM   755  C  CA    . SER A 1 90  ? 2.200   -5.029  4.223   1.00 42.44  ? 181  SER A CA    1 
ATOM   756  C  C     . SER A 1 90  ? 1.178   -4.095  4.855   1.00 40.66  ? 181  SER A C     1 
ATOM   757  O  O     . SER A 1 90  ? 1.519   -3.272  5.695   1.00 38.65  ? 181  SER A O     1 
ATOM   758  C  CB    . SER A 1 90  ? 2.666   -4.516  2.859   1.00 42.72  ? 181  SER A CB    1 
ATOM   759  O  OG    . SER A 1 90  ? 1.634   -4.501  1.904   1.00 41.06  ? 181  SER A OG    1 
ATOM   760  N  N     . ALA A 1 91  ? -0.087  -4.284  4.502   1.00 43.28  ? 182  ALA A N     1 
ATOM   761  C  CA    . ALA A 1 91  ? -1.157  -3.532  5.135   1.00 43.48  ? 182  ALA A CA    1 
ATOM   762  C  C     . ALA A 1 91  ? -1.198  -3.788  6.626   1.00 45.26  ? 182  ALA A C     1 
ATOM   763  O  O     . ALA A 1 91  ? -1.313  -2.851  7.425   1.00 42.77  ? 182  ALA A O     1 
ATOM   764  C  CB    . ALA A 1 91  ? -2.507  -3.835  4.489   1.00 41.92  ? 182  ALA A CB    1 
ATOM   765  N  N     . LEU A 1 92  ? -1.065  -5.049  7.019   1.00 48.51  ? 183  LEU A N     1 
ATOM   766  C  CA    . LEU A 1 92  ? -1.134  -5.394  8.448   1.00 47.84  ? 183  LEU A CA    1 
ATOM   767  C  C     . LEU A 1 92  ? 0.052   -4.806  9.192   1.00 45.44  ? 183  LEU A C     1 
ATOM   768  O  O     . LEU A 1 92  ? -0.115  -4.092  10.207  1.00 40.26  ? 183  LEU A O     1 
ATOM   769  C  CB    . LEU A 1 92  ? -1.211  -6.920  8.604   1.00 53.35  ? 183  LEU A CB    1 
ATOM   770  C  CG    . LEU A 1 92  ? -1.725  -7.560  9.891   1.00 59.85  ? 183  LEU A CG    1 
ATOM   771  C  CD1   . LEU A 1 92  ? -2.827  -6.783  10.583  1.00 57.73  ? 183  LEU A CD1   1 
ATOM   772  C  CD2   . LEU A 1 92  ? -2.213  -8.961  9.562   1.00 62.60  ? 183  LEU A CD2   1 
ATOM   773  N  N     . LEU A 1 93  ? 1.260   -5.052  8.690   1.00 42.37  ? 184  LEU A N     1 
ATOM   774  C  CA    . LEU A 1 93  ? 2.438   -4.556  9.429   1.00 47.50  ? 184  LEU A CA    1 
ATOM   775  C  C     . LEU A 1 93  ? 2.559   -3.027  9.410   1.00 46.51  ? 184  LEU A C     1 
ATOM   776  O  O     . LEU A 1 93  ? 2.871   -2.420  10.447  1.00 42.84  ? 184  LEU A O     1 
ATOM   777  C  CB    . LEU A 1 93  ? 3.734   -5.211  8.944   1.00 51.60  ? 184  LEU A CB    1 
ATOM   778  C  CG    . LEU A 1 93  ? 4.975   -4.902  9.791   1.00 55.81  ? 184  LEU A CG    1 
ATOM   779  C  CD1   . LEU A 1 93  ? 4.782   -5.333  11.240  1.00 57.13  ? 184  LEU A CD1   1 
ATOM   780  C  CD2   . LEU A 1 93  ? 6.209   -5.560  9.180   1.00 57.66  ? 184  LEU A CD2   1 
ATOM   781  N  N     . SER A 1 94  ? 2.285   -2.393  8.262   1.00 46.26  ? 185  SER A N     1 
ATOM   782  C  CA    . SER A 1 94  ? 2.374   -0.919  8.200   1.00 46.32  ? 185  SER A CA    1 
ATOM   783  C  C     . SER A 1 94  ? 1.313   -0.315  9.089   1.00 43.71  ? 185  SER A C     1 
ATOM   784  O  O     . SER A 1 94  ? 1.561   0.662   9.797   1.00 47.00  ? 185  SER A O     1 
ATOM   785  C  CB    . SER A 1 94  ? 2.305   -0.362  6.758   1.00 47.93  ? 185  SER A CB    1 
ATOM   786  O  OG    . SER A 1 94  ? 1.183   -0.837  6.029   1.00 50.94  ? 185  SER A OG    1 
ATOM   787  N  N     . GLY A 1 95  ? 0.130   -0.920  9.086   1.00 44.59  ? 186  GLY A N     1 
ATOM   788  C  CA    . GLY A 1 95  ? -0.922  -0.488  9.972   1.00 45.41  ? 186  GLY A CA    1 
ATOM   789  C  C     . GLY A 1 95  ? -0.502  -0.593  11.416  1.00 45.47  ? 186  GLY A C     1 
ATOM   790  O  O     . GLY A 1 95  ? -0.664  0.361   12.192  1.00 43.89  ? 186  GLY A O     1 
ATOM   791  N  N     . TYR A 1 96  ? 0.055   -1.750  11.779  1.00 47.05  ? 187  TYR A N     1 
ATOM   792  C  CA    . TYR A 1 96  ? 0.518   -1.968  13.155  1.00 48.45  ? 187  TYR A CA    1 
ATOM   793  C  C     . TYR A 1 96  ? 1.518   -0.912  13.578  1.00 49.95  ? 187  TYR A C     1 
ATOM   794  O  O     . TYR A 1 96  ? 1.391   -0.327  14.654  1.00 44.27  ? 187  TYR A O     1 
ATOM   795  C  CB    . TYR A 1 96  ? 1.155   -3.346  13.362  1.00 49.31  ? 187  TYR A CB    1 
ATOM   796  C  CG    . TYR A 1 96  ? 1.667   -3.464  14.776  1.00 54.29  ? 187  TYR A CG    1 
ATOM   797  C  CD1   . TYR A 1 96  ? 0.778   -3.591  15.842  1.00 57.51  ? 187  TYR A CD1   1 
ATOM   798  C  CD2   . TYR A 1 96  ? 3.026   -3.369  15.059  1.00 55.88  ? 187  TYR A CD2   1 
ATOM   799  C  CE1   . TYR A 1 96  ? 1.230   -3.655  17.146  1.00 62.07  ? 187  TYR A CE1   1 
ATOM   800  C  CE2   . TYR A 1 96  ? 3.492   -3.427  16.359  1.00 56.37  ? 187  TYR A CE2   1 
ATOM   801  C  CZ    . TYR A 1 96  ? 2.592   -3.571  17.397  1.00 63.13  ? 187  TYR A CZ    1 
ATOM   802  O  OH    . TYR A 1 96  ? 3.041   -3.634  18.690  1.00 61.57  ? 187  TYR A OH    1 
ATOM   803  N  N     . VAL A 1 97  ? 2.524   -0.669  12.746  1.00 51.58  ? 188  VAL A N     1 
ATOM   804  C  CA    . VAL A 1 97  ? 3.518   0.351   13.107  1.00 53.48  ? 188  VAL A CA    1 
ATOM   805  C  C     . VAL A 1 97  ? 2.888   1.743   13.222  1.00 53.72  ? 188  VAL A C     1 
ATOM   806  O  O     . VAL A 1 97  ? 3.150   2.469   14.180  1.00 51.86  ? 188  VAL A O     1 
ATOM   807  C  CB    . VAL A 1 97  ? 4.716   0.375   12.151  1.00 54.07  ? 188  VAL A CB    1 
ATOM   808  C  CG1   . VAL A 1 97  ? 5.659   1.506   12.527  1.00 55.97  ? 188  VAL A CG1   1 
ATOM   809  C  CG2   . VAL A 1 97  ? 5.438   -0.967  12.184  1.00 55.60  ? 188  VAL A CG2   1 
ATOM   810  N  N     . GLN A 1 98  ? 2.046   2.106   12.260  1.00 55.19  ? 189  GLN A N     1 
ATOM   811  C  CA    . GLN A 1 98  ? 1.410   3.425   12.266  1.00 54.63  ? 189  GLN A CA    1 
ATOM   812  C  C     . GLN A 1 98  ? 0.652   3.657   13.571  1.00 55.11  ? 189  GLN A C     1 
ATOM   813  O  O     . GLN A 1 98  ? 0.875   4.664   14.258  1.00 53.82  ? 189  GLN A O     1 
ATOM   814  C  CB    . GLN A 1 98  ? 0.454   3.557   11.068  1.00 57.27  ? 189  GLN A CB    1 
ATOM   815  C  CG    . GLN A 1 98  ? -0.171  4.930   10.892  1.00 58.01  ? 189  GLN A CG    1 
ATOM   816  C  CD    . GLN A 1 98  ? 0.848   5.989   10.501  1.00 60.50  ? 189  GLN A CD    1 
ATOM   817  O  OE1   . GLN A 1 98  ? 1.757   5.735   9.704   1.00 55.28  ? 189  GLN A OE1   1 
ATOM   818  N  NE2   . GLN A 1 98  ? 0.704   7.178   11.065  1.00 56.70  ? 189  GLN A NE2   1 
ATOM   819  N  N     . GLN A 1 99  ? -0.226  2.722   13.932  1.00 54.05  ? 190  GLN A N     1 
ATOM   820  C  CA    . GLN A 1 99  ? -1.053  2.912   15.130  1.00 57.58  ? 190  GLN A CA    1 
ATOM   821  C  C     . GLN A 1 99  ? -0.222  3.000   16.391  1.00 58.13  ? 190  GLN A C     1 
ATOM   822  O  O     . GLN A 1 99  ? -0.596  3.716   17.325  1.00 51.58  ? 190  GLN A O     1 
ATOM   823  C  CB    . GLN A 1 99  ? -2.153  1.840   15.282  1.00 56.76  ? 190  GLN A CB    1 
ATOM   824  C  CG    . GLN A 1 99  ? -1.687  0.459   15.728  1.00 60.43  ? 190  GLN A CG    1 
ATOM   825  C  CD    . GLN A 1 99  ? -1.377  0.329   17.224  1.00 59.41  ? 190  GLN A CD    1 
ATOM   826  O  OE1   . GLN A 1 99  ? -1.919  1.056   18.069  1.00 58.25  ? 190  GLN A OE1   1 
ATOM   827  N  NE2   . GLN A 1 99  ? -0.478  -0.601  17.550  1.00 58.69  ? 190  GLN A NE2   1 
ATOM   828  N  N     . LYS A 1 100 ? 0.901   2.282   16.409  1.00 63.30  ? 191  LYS A N     1 
ATOM   829  C  CA    . LYS A 1 100 ? 1.773   2.244   17.585  1.00 69.63  ? 191  LYS A CA    1 
ATOM   830  C  C     . LYS A 1 100 ? 2.295   3.635   17.946  1.00 70.94  ? 191  LYS A C     1 
ATOM   831  O  O     . LYS A 1 100 ? 2.291   4.021   19.116  1.00 74.76  ? 191  LYS A O     1 
ATOM   832  C  CB    . LYS A 1 100 ? 2.944   1.277   17.357  1.00 72.50  ? 191  LYS A CB    1 
ATOM   833  C  CG    . LYS A 1 100 ? 3.813   1.029   18.584  1.00 75.39  ? 191  LYS A CG    1 
ATOM   834  C  CD    . LYS A 1 100 ? 3.141   0.094   19.581  1.00 81.67  ? 191  LYS A CD    1 
ATOM   835  C  CE    . LYS A 1 100 ? 3.513   0.433   21.022  1.00 84.63  ? 191  LYS A CE    1 
ATOM   836  N  NZ    . LYS A 1 100 ? 4.982   0.570   21.221  1.00 86.27  ? 191  LYS A NZ    1 
ATOM   837  N  N     . PHE A 1 101 ? 2.729   4.389   16.943  1.00 73.05  ? 192  PHE A N     1 
ATOM   838  C  CA    . PHE A 1 101 ? 3.325   5.707   17.184  1.00 70.81  ? 192  PHE A CA    1 
ATOM   839  C  C     . PHE A 1 101 ? 2.370   6.891   17.023  1.00 69.35  ? 192  PHE A C     1 
ATOM   840  O  O     . PHE A 1 101 ? 2.608   7.940   17.620  1.00 69.43  ? 192  PHE A O     1 
ATOM   841  C  CB    . PHE A 1 101 ? 4.544   5.884   16.292  1.00 72.43  ? 192  PHE A CB    1 
ATOM   842  C  CG    . PHE A 1 101 ? 5.596   4.844   16.522  1.00 77.70  ? 192  PHE A CG    1 
ATOM   843  C  CD1   . PHE A 1 101 ? 6.307   4.818   17.719  1.00 81.44  ? 192  PHE A CD1   1 
ATOM   844  C  CD2   . PHE A 1 101 ? 5.866   3.876   15.562  1.00 78.88  ? 192  PHE A CD2   1 
ATOM   845  C  CE1   . PHE A 1 101 ? 7.274   3.851   17.953  1.00 82.77  ? 192  PHE A CE1   1 
ATOM   846  C  CE2   . PHE A 1 101 ? 6.836   2.911   15.787  1.00 81.98  ? 192  PHE A CE2   1 
ATOM   847  C  CZ    . PHE A 1 101 ? 7.540   2.898   16.984  1.00 85.20  ? 192  PHE A CZ    1 
ATOM   848  N  N     . SER A 1 102 ? 1.284   6.726   16.261  1.00 65.69  ? 193  SER A N     1 
ATOM   849  C  CA    . SER A 1 102 ? 0.387   7.862   15.953  1.00 63.89  ? 193  SER A CA    1 
ATOM   850  C  C     . SER A 1 102 ? -1.113  7.622   16.189  1.00 61.58  ? 193  SER A C     1 
ATOM   851  O  O     . SER A 1 102 ? -1.939  8.438   15.789  1.00 56.68  ? 193  SER A O     1 
ATOM   852  C  CB    . SER A 1 102 ? 0.611   8.297   14.503  1.00 59.71  ? 193  SER A CB    1 
ATOM   853  O  OG    . SER A 1 102 ? 1.997   8.350   14.224  1.00 61.58  ? 193  SER A OG    1 
ATOM   854  N  N     . GLY A 1 103 ? -1.475  6.522   16.835  1.00 61.29  ? 194  GLY A N     1 
ATOM   855  C  CA    . GLY A 1 103 ? -2.882  6.232   17.094  1.00 61.56  ? 194  GLY A CA    1 
ATOM   856  C  C     . GLY A 1 103 ? -3.605  5.619   15.900  1.00 57.41  ? 194  GLY A C     1 
ATOM   857  O  O     . GLY A 1 103 ? -3.019  5.463   14.826  1.00 55.81  ? 194  GLY A O     1 
ATOM   858  N  N     . PRO A 1 104 ? -4.896  5.284   16.079  1.00 54.27  ? 195  PRO A N     1 
ATOM   859  C  CA    . PRO A 1 104 ? -5.650  4.453   15.122  1.00 54.01  ? 195  PRO A CA    1 
ATOM   860  C  C     . PRO A 1 104 ? -6.299  5.187   13.910  1.00 54.37  ? 195  PRO A C     1 
ATOM   861  O  O     . PRO A 1 104 ? -6.877  4.542   13.018  1.00 52.27  ? 195  PRO A O     1 
ATOM   862  C  CB    . PRO A 1 104 ? -6.704  3.806   16.015  1.00 52.09  ? 195  PRO A CB    1 
ATOM   863  C  CG    . PRO A 1 104 ? -6.963  4.821   17.093  1.00 54.90  ? 195  PRO A CG    1 
ATOM   864  C  CD    . PRO A 1 104 ? -5.709  5.643   17.257  1.00 55.48  ? 195  PRO A CD    1 
ATOM   865  N  N     . TRP A 1 105 ? -6.178  6.510   13.858  1.00 56.55  ? 196  TRP A N     1 
ATOM   866  C  CA    . TRP A 1 105 ? -6.874  7.313   12.843  1.00 56.43  ? 196  TRP A CA    1 
ATOM   867  C  C     . TRP A 1 105 ? -5.958  7.647   11.655  1.00 52.71  ? 196  TRP A C     1 
ATOM   868  O  O     . TRP A 1 105 ? -5.238  8.637   11.667  1.00 55.52  ? 196  TRP A O     1 
ATOM   869  C  CB    . TRP A 1 105 ? -7.447  8.577   13.492  1.00 55.19  ? 196  TRP A CB    1 
ATOM   870  C  CG    . TRP A 1 105 ? -8.320  8.261   14.657  1.00 54.89  ? 196  TRP A CG    1 
ATOM   871  C  CD1   . TRP A 1 105 ? -8.007  8.418   15.969  1.00 56.10  ? 196  TRP A CD1   1 
ATOM   872  C  CD2   . TRP A 1 105 ? -9.639  7.700   14.623  1.00 54.51  ? 196  TRP A CD2   1 
ATOM   873  N  NE1   . TRP A 1 105 ? -9.050  8.002   16.759  1.00 54.00  ? 196  TRP A NE1   1 
ATOM   874  C  CE2   . TRP A 1 105 ? -10.066 7.560   15.958  1.00 54.70  ? 196  TRP A CE2   1 
ATOM   875  C  CE3   . TRP A 1 105 ? -10.502 7.315   13.598  1.00 63.52  ? 196  TRP A CE3   1 
ATOM   876  C  CZ2   . TRP A 1 105 ? -11.316 7.039   16.297  1.00 59.95  ? 196  TRP A CZ2   1 
ATOM   877  C  CZ3   . TRP A 1 105 ? -11.755 6.801   13.932  1.00 65.98  ? 196  TRP A CZ3   1 
ATOM   878  C  CH2   . TRP A 1 105 ? -12.146 6.669   15.271  1.00 64.79  ? 196  TRP A CH2   1 
ATOM   879  N  N     . PHE A 1 106 ? -6.010  6.799   10.631  1.00 47.27  ? 197  PHE A N     1 
ATOM   880  C  CA    . PHE A 1 106 ? -5.096  6.857   9.497   1.00 45.93  ? 197  PHE A CA    1 
ATOM   881  C  C     . PHE A 1 106 ? -5.634  5.965   8.403   1.00 42.56  ? 197  PHE A C     1 
ATOM   882  O  O     . PHE A 1 106 ? -6.553  5.179   8.638   1.00 44.09  ? 197  PHE A O     1 
ATOM   883  C  CB    . PHE A 1 106 ? -3.678  6.393   9.897   1.00 48.86  ? 197  PHE A CB    1 
ATOM   884  C  CG    . PHE A 1 106 ? -3.585  4.923   10.246  1.00 50.20  ? 197  PHE A CG    1 
ATOM   885  C  CD1   . PHE A 1 106 ? -3.782  4.492   11.554  1.00 52.21  ? 197  PHE A CD1   1 
ATOM   886  C  CD2   . PHE A 1 106 ? -3.295  3.972   9.266   1.00 45.74  ? 197  PHE A CD2   1 
ATOM   887  C  CE1   . PHE A 1 106 ? -3.700  3.138   11.879  1.00 52.53  ? 197  PHE A CE1   1 
ATOM   888  C  CE2   . PHE A 1 106 ? -3.216  2.626   9.585   1.00 48.97  ? 197  PHE A CE2   1 
ATOM   889  C  CZ    . PHE A 1 106 ? -3.418  2.209   10.898  1.00 50.07  ? 197  PHE A CZ    1 
ATOM   890  N  N     . GLY A 1 107 ? -5.075  6.080   7.205   1.00 40.94  ? 198  GLY A N     1 
ATOM   891  C  CA    . GLY A 1 107 ? -5.438  5.158   6.117   1.00 40.05  ? 198  GLY A CA    1 
ATOM   892  C  C     . GLY A 1 107 ? -4.606  5.377   4.880   1.00 40.59  ? 198  GLY A C     1 
ATOM   893  O  O     . GLY A 1 107 ? -3.778  6.286   4.844   1.00 42.70  ? 198  GLY A O     1 
ATOM   894  N  N     . GLY A 1 108 ? -4.790  4.523   3.880   1.00 41.87  ? 199  GLY A N     1 
ATOM   895  C  CA    . GLY A 1 108 ? -4.126  4.694   2.588   1.00 41.32  ? 199  GLY A CA    1 
ATOM   896  C  C     . GLY A 1 108 ? -3.296  3.504   2.141   1.00 44.76  ? 199  GLY A C     1 
ATOM   897  O  O     . GLY A 1 108 ? -2.816  2.702   2.961   1.00 48.15  ? 199  GLY A O     1 
ATOM   898  N  N     . LEU A 1 109 ? -3.114  3.396   0.832   1.00 40.21  ? 200  LEU A N     1 
ATOM   899  C  CA    . LEU A 1 109 ? -2.307  2.342   0.244   1.00 43.78  ? 200  LEU A CA    1 
ATOM   900  C  C     . LEU A 1 109 ? -0.803  2.688   0.241   1.00 44.32  ? 200  LEU A C     1 
ATOM   901  O  O     . LEU A 1 109 ? -0.030  2.015   -0.429  1.00 39.30  ? 200  LEU A O     1 
ATOM   902  C  CB    . LEU A 1 109 ? -2.772  2.055   -1.197  1.00 46.31  ? 200  LEU A CB    1 
ATOM   903  C  CG    . LEU A 1 109 ? -3.732  0.918   -1.525  1.00 50.50  ? 200  LEU A CG    1 
ATOM   904  C  CD1   . LEU A 1 109 ? -3.923  0.877   -3.039  1.00 50.07  ? 200  LEU A CD1   1 
ATOM   905  C  CD2   . LEU A 1 109 ? -3.279  -0.455  -1.027  1.00 47.73  ? 200  LEU A CD2   1 
ATOM   906  N  N     . SER A 1 110 ? -0.391  3.712   0.992   1.00 44.96  ? 201  SER A N     1 
ATOM   907  C  CA    . SER A 1 110 ? 0.984   4.224   0.918   1.00 49.92  ? 201  SER A CA    1 
ATOM   908  C  C     . SER A 1 110 ? 1.975   3.115   1.304   1.00 49.49  ? 201  SER A C     1 
ATOM   909  O  O     . SER A 1 110 ? 2.951   2.850   0.581   1.00 49.01  ? 201  SER A O     1 
ATOM   910  C  CB    . SER A 1 110 ? 1.148   5.454   1.842   1.00 52.26  ? 201  SER A CB    1 
ATOM   911  O  OG    . SER A 1 110 ? 1.991   6.439   1.271   1.00 58.52  ? 201  SER A OG    1 
ATOM   912  N  N     . GLY A 1 111 ? 1.685   2.454   2.429   1.00 44.17  ? 202  GLY A N     1 
ATOM   913  C  CA    . GLY A 1 111 ? 2.466   1.320   2.949   1.00 38.31  ? 202  GLY A CA    1 
ATOM   914  C  C     . GLY A 1 111 ? 2.545   0.148   1.990   1.00 39.26  ? 202  GLY A C     1 
ATOM   915  O  O     . GLY A 1 111 ? 3.618   -0.411  1.769   1.00 40.83  ? 202  GLY A O     1 
ATOM   916  N  N     . VAL A 1 112 ? 1.420   -0.221  1.401   1.00 40.06  ? 203  VAL A N     1 
ATOM   917  C  CA    . VAL A 1 112 ? 1.400   -1.314  0.417   1.00 40.87  ? 203  VAL A CA    1 
ATOM   918  C  C     . VAL A 1 112 ? 2.245   -0.959  -0.803  1.00 43.42  ? 203  VAL A C     1 
ATOM   919  O  O     . VAL A 1 112 ? 2.949   -1.819  -1.330  1.00 48.53  ? 203  VAL A O     1 
ATOM   920  C  CB    . VAL A 1 112 ? -0.036  -1.682  -0.024  1.00 39.41  ? 203  VAL A CB    1 
ATOM   921  C  CG1   . VAL A 1 112 ? -0.018  -2.701  -1.158  1.00 37.84  ? 203  VAL A CG1   1 
ATOM   922  C  CG2   . VAL A 1 112 ? -0.839  -2.241  1.146   1.00 42.37  ? 203  VAL A CG2   1 
ATOM   923  N  N     . VAL A 1 113 ? 2.179   0.300   -1.252  1.00 45.98  ? 204  VAL A N     1 
ATOM   924  C  CA    . VAL A 1 113 ? 3.017   0.763   -2.372  1.00 45.94  ? 204  VAL A CA    1 
ATOM   925  C  C     . VAL A 1 113 ? 4.533   0.620   -2.085  1.00 43.89  ? 204  VAL A C     1 
ATOM   926  O  O     . VAL A 1 113 ? 5.267   0.126   -2.933  1.00 42.04  ? 204  VAL A O     1 
ATOM   927  C  CB    . VAL A 1 113 ? 2.661   2.213   -2.792  1.00 47.57  ? 204  VAL A CB    1 
ATOM   928  C  CG1   . VAL A 1 113 ? 3.693   2.767   -3.772  1.00 47.13  ? 204  VAL A CG1   1 
ATOM   929  C  CG2   . VAL A 1 113 ? 1.257   2.249   -3.396  1.00 46.35  ? 204  VAL A CG2   1 
ATOM   930  N  N     . TYR A 1 114 ? 4.996   1.040   -0.908  1.00 44.65  ? 205  TYR A N     1 
ATOM   931  C  CA    . TYR A 1 114 ? 6.399   0.795   -0.506  1.00 48.51  ? 205  TYR A CA    1 
ATOM   932  C  C     . TYR A 1 114 ? 6.803   -0.679  -0.625  1.00 48.03  ? 205  TYR A C     1 
ATOM   933  O  O     . TYR A 1 114 ? 7.929   -0.992  -1.018  1.00 52.30  ? 205  TYR A O     1 
ATOM   934  C  CB    . TYR A 1 114 ? 6.666   1.252   0.923   1.00 49.33  ? 205  TYR A CB    1 
ATOM   935  C  CG    . TYR A 1 114 ? 6.978   2.726   1.087   1.00 51.11  ? 205  TYR A CG    1 
ATOM   936  C  CD1   . TYR A 1 114 ? 5.961   3.670   1.205   1.00 51.14  ? 205  TYR A CD1   1 
ATOM   937  C  CD2   . TYR A 1 114 ? 8.302   3.173   1.175   1.00 54.52  ? 205  TYR A CD2   1 
ATOM   938  C  CE1   . TYR A 1 114 ? 6.247   5.024   1.377   1.00 53.79  ? 205  TYR A CE1   1 
ATOM   939  C  CE2   . TYR A 1 114 ? 8.603   4.517   1.348   1.00 52.40  ? 205  TYR A CE2   1 
ATOM   940  C  CZ    . TYR A 1 114 ? 7.574   5.443   1.447   1.00 56.04  ? 205  TYR A CZ    1 
ATOM   941  O  OH    . TYR A 1 114 ? 7.872   6.783   1.628   1.00 56.62  ? 205  TYR A OH    1 
ATOM   942  N  N     . ALA A 1 115 ? 5.879   -1.577  -0.295  1.00 47.07  ? 206  ALA A N     1 
ATOM   943  C  CA    . ALA A 1 115 ? 6.142   -3.008  -0.331  1.00 46.68  ? 206  ALA A CA    1 
ATOM   944  C  C     . ALA A 1 115 ? 6.282   -3.536  -1.743  1.00 48.19  ? 206  ALA A C     1 
ATOM   945  O  O     . ALA A 1 115 ? 7.165   -4.363  -2.014  1.00 52.22  ? 206  ALA A O     1 
ATOM   946  C  CB    . ALA A 1 115 ? 5.057   -3.768  0.420   1.00 48.79  ? 206  ALA A CB    1 
ATOM   947  N  N     . LEU A 1 116 ? 5.420   -3.077  -2.648  1.00 47.69  ? 207  LEU A N     1 
ATOM   948  C  CA    . LEU A 1 116 ? 5.543   -3.444  -4.064  1.00 47.57  ? 207  LEU A CA    1 
ATOM   949  C  C     . LEU A 1 116 ? 6.828   -2.875  -4.702  1.00 48.20  ? 207  LEU A C     1 
ATOM   950  O  O     . LEU A 1 116 ? 7.466   -3.535  -5.524  1.00 47.62  ? 207  LEU A O     1 
ATOM   951  C  CB    . LEU A 1 116 ? 4.306   -2.987  -4.853  1.00 48.42  ? 207  LEU A CB    1 
ATOM   952  C  CG    . LEU A 1 116 ? 3.000   -3.723  -4.523  1.00 52.62  ? 207  LEU A CG    1 
ATOM   953  C  CD1   . LEU A 1 116 ? 1.778   -2.953  -5.015  1.00 49.78  ? 207  LEU A CD1   1 
ATOM   954  C  CD2   . LEU A 1 116 ? 3.009   -5.132  -5.105  1.00 54.97  ? 207  LEU A CD2   1 
ATOM   955  N  N     . MET A 1 117 ? 7.190   -1.651  -4.342  1.00 46.64  ? 208  MET A N     1 
ATOM   956  C  CA    . MET A 1 117 ? 8.451   -1.067  -4.807  1.00 49.78  ? 208  MET A CA    1 
ATOM   957  C  C     . MET A 1 117 ? 9.621   -1.955  -4.360  1.00 51.44  ? 208  MET A C     1 
ATOM   958  O  O     . MET A 1 117 ? 10.362  -2.471  -5.198  1.00 53.20  ? 208  MET A O     1 
ATOM   959  C  CB    . MET A 1 117 ? 8.617   0.360   -4.268  1.00 48.96  ? 208  MET A CB    1 
ATOM   960  C  CG    . MET A 1 117 ? 7.809   1.420   -5.007  1.00 46.95  ? 208  MET A CG    1 
ATOM   961  S  SD    . MET A 1 117 ? 7.926   3.034   -4.183  1.00 47.63  ? 208  MET A SD    1 
ATOM   962  C  CE    . MET A 1 117 ? 6.956   4.003   -5.332  1.00 50.38  ? 208  MET A CE    1 
ATOM   963  N  N     . GLY A 1 118 ? 9.743   -2.162  -3.045  1.00 50.99  ? 209  GLY A N     1 
ATOM   964  C  CA    . GLY A 1 118 ? 10.732  -3.086  -2.471  1.00 51.90  ? 209  GLY A CA    1 
ATOM   965  C  C     . GLY A 1 118 ? 10.739  -4.443  -3.164  1.00 53.89  ? 209  GLY A C     1 
ATOM   966  O  O     . GLY A 1 118 ? 11.775  -4.917  -3.628  1.00 55.07  ? 209  GLY A O     1 
ATOM   967  N  N     . TYR A 1 119 ? 9.567   -5.051  -3.275  1.00 52.82  ? 210  TYR A N     1 
ATOM   968  C  CA    . TYR A 1 119 ? 9.472   -6.382  -3.836  1.00 51.15  ? 210  TYR A CA    1 
ATOM   969  C  C     . TYR A 1 119 ? 9.975   -6.442  -5.268  1.00 52.70  ? 210  TYR A C     1 
ATOM   970  O  O     . TYR A 1 119 ? 10.864  -7.234  -5.578  1.00 53.52  ? 210  TYR A O     1 
ATOM   971  C  CB    . TYR A 1 119 ? 8.037   -6.915  -3.780  1.00 51.20  ? 210  TYR A CB    1 
ATOM   972  C  CG    . TYR A 1 119 ? 7.968   -8.338  -4.261  1.00 49.22  ? 210  TYR A CG    1 
ATOM   973  C  CD1   . TYR A 1 119 ? 8.201   -9.398  -3.389  1.00 50.05  ? 210  TYR A CD1   1 
ATOM   974  C  CD2   . TYR A 1 119 ? 7.735   -8.623  -5.600  1.00 51.06  ? 210  TYR A CD2   1 
ATOM   975  C  CE1   . TYR A 1 119 ? 8.171   -10.708 -3.832  1.00 50.80  ? 210  TYR A CE1   1 
ATOM   976  C  CE2   . TYR A 1 119 ? 7.703   -9.932  -6.058  1.00 53.79  ? 210  TYR A CE2   1 
ATOM   977  C  CZ    . TYR A 1 119 ? 7.929   -10.971 -5.168  1.00 51.09  ? 210  TYR A CZ    1 
ATOM   978  O  OH    . TYR A 1 119 ? 7.903   -12.259 -5.627  1.00 50.46  ? 210  TYR A OH    1 
ATOM   979  N  N     . VAL A 1 120 ? 9.374   -5.626  -6.134  1.00 53.10  ? 211  VAL A N     1 
ATOM   980  C  CA    . VAL A 1 120 ? 9.666   -5.647  -7.567  1.00 52.70  ? 211  VAL A CA    1 
ATOM   981  C  C     . VAL A 1 120 ? 11.148  -5.319  -7.851  1.00 55.20  ? 211  VAL A C     1 
ATOM   982  O  O     . VAL A 1 120 ? 11.782  -5.968  -8.680  1.00 51.35  ? 211  VAL A O     1 
ATOM   983  C  CB    . VAL A 1 120 ? 8.729   -4.688  -8.341  1.00 54.47  ? 211  VAL A CB    1 
ATOM   984  C  CG1   . VAL A 1 120 ? 9.140   -4.551  -9.804  1.00 52.25  ? 211  VAL A CG1   1 
ATOM   985  C  CG2   . VAL A 1 120 ? 7.287   -5.167  -8.263  1.00 57.76  ? 211  VAL A CG2   1 
ATOM   986  N  N     . TRP A 1 121 ? 11.698  -4.332  -7.149  1.00 56.15  ? 212  TRP A N     1 
ATOM   987  C  CA    . TRP A 1 121 ? 13.094  -3.957  -7.343  1.00 59.60  ? 212  TRP A CA    1 
ATOM   988  C  C     . TRP A 1 121 ? 14.045  -5.077  -6.921  1.00 60.08  ? 212  TRP A C     1 
ATOM   989  O  O     . TRP A 1 121 ? 14.846  -5.553  -7.730  1.00 58.23  ? 212  TRP A O     1 
ATOM   990  C  CB    . TRP A 1 121 ? 13.439  -2.679  -6.576  1.00 61.18  ? 212  TRP A CB    1 
ATOM   991  C  CG    . TRP A 1 121 ? 14.916  -2.420  -6.552  1.00 65.82  ? 212  TRP A CG    1 
ATOM   992  C  CD1   . TRP A 1 121 ? 15.694  -2.004  -7.597  1.00 66.33  ? 212  TRP A CD1   1 
ATOM   993  C  CD2   . TRP A 1 121 ? 15.798  -2.586  -5.437  1.00 67.18  ? 212  TRP A CD2   1 
ATOM   994  N  NE1   . TRP A 1 121 ? 17.001  -1.888  -7.195  1.00 65.15  ? 212  TRP A NE1   1 
ATOM   995  C  CE2   . TRP A 1 121 ? 17.092  -2.234  -5.873  1.00 67.87  ? 212  TRP A CE2   1 
ATOM   996  C  CE3   . TRP A 1 121 ? 15.620  -2.996  -4.113  1.00 70.25  ? 212  TRP A CE3   1 
ATOM   997  C  CZ2   . TRP A 1 121 ? 18.203  -2.281  -5.032  1.00 69.83  ? 212  TRP A CZ2   1 
ATOM   998  C  CZ3   . TRP A 1 121 ? 16.728  -3.036  -3.273  1.00 72.52  ? 212  TRP A CZ3   1 
ATOM   999  C  CH2   . TRP A 1 121 ? 18.002  -2.682  -3.740  1.00 71.52  ? 212  TRP A CH2   1 
ATOM   1000 N  N     . LEU A 1 122 ? 13.938  -5.505  -5.662  1.00 61.37  ? 213  LEU A N     1 
ATOM   1001 C  CA    . LEU A 1 122 ? 14.848  -6.528  -5.123  1.00 62.73  ? 213  LEU A CA    1 
ATOM   1002 C  C     . LEU A 1 122 ? 14.722  -7.862  -5.848  1.00 62.27  ? 213  LEU A C     1 
ATOM   1003 O  O     . LEU A 1 122 ? 15.707  -8.579  -5.999  1.00 70.50  ? 213  LEU A O     1 
ATOM   1004 C  CB    . LEU A 1 122 ? 14.649  -6.729  -3.614  1.00 60.35  ? 213  LEU A CB    1 
ATOM   1005 C  CG    . LEU A 1 122 ? 15.682  -7.661  -2.954  1.00 63.49  ? 213  LEU A CG    1 
ATOM   1006 C  CD1   . LEU A 1 122 ? 17.111  -7.161  -3.157  1.00 64.70  ? 213  LEU A CD1   1 
ATOM   1007 C  CD2   . LEU A 1 122 ? 15.414  -7.850  -1.468  1.00 63.57  ? 213  LEU A CD2   1 
ATOM   1008 N  N     . ARG A 1 123 ? 13.521  -8.191  -6.312  1.00 61.89  ? 214  ARG A N     1 
ATOM   1009 C  CA    . ARG A 1 123 ? 13.314  -9.429  -7.059  1.00 62.13  ? 214  ARG A CA    1 
ATOM   1010 C  C     . ARG A 1 123 ? 13.953  -9.379  -8.452  1.00 67.19  ? 214  ARG A C     1 
ATOM   1011 O  O     . ARG A 1 123 ? 14.485  -10.383 -8.935  1.00 68.06  ? 214  ARG A O     1 
ATOM   1012 C  CB    . ARG A 1 123 ? 11.825  -9.731  -7.172  1.00 61.12  ? 214  ARG A CB    1 
ATOM   1013 C  CG    . ARG A 1 123 ? 11.493  -11.082 -7.790  1.00 64.60  ? 214  ARG A CG    1 
ATOM   1014 C  CD    . ARG A 1 123 ? 11.702  -12.233 -6.822  1.00 63.76  ? 214  ARG A CD    1 
ATOM   1015 N  NE    . ARG A 1 123 ? 11.622  -13.511 -7.527  1.00 62.89  ? 214  ARG A NE    1 
ATOM   1016 C  CZ    . ARG A 1 123 ? 10.503  -14.184 -7.791  1.00 60.28  ? 214  ARG A CZ    1 
ATOM   1017 N  NH1   . ARG A 1 123 ? 9.315   -13.732 -7.406  1.00 58.35  ? 214  ARG A NH1   1 
ATOM   1018 N  NH2   . ARG A 1 123 ? 10.576  -15.337 -8.452  1.00 60.38  ? 214  ARG A NH2   1 
ATOM   1019 N  N     . GLY A 1 124 ? 13.883  -8.226  -9.115  1.00 67.62  ? 215  GLY A N     1 
ATOM   1020 C  CA    . GLY A 1 124 ? 14.551  -8.057  -10.403 1.00 70.72  ? 215  GLY A CA    1 
ATOM   1021 C  C     . GLY A 1 124 ? 16.060  -8.140  -10.245 1.00 70.86  ? 215  GLY A C     1 
ATOM   1022 O  O     . GLY A 1 124 ? 16.746  -8.781  -11.037 1.00 75.73  ? 215  GLY A O     1 
ATOM   1023 N  N     . GLU A 1 125 ? 16.554  -7.507  -9.187  1.00 72.60  ? 216  GLU A N     1 
ATOM   1024 C  CA    . GLU A 1 125 ? 17.974  -7.454  -8.879  1.00 79.36  ? 216  GLU A CA    1 
ATOM   1025 C  C     . GLU A 1 125 ? 18.568  -8.836  -8.579  1.00 84.22  ? 216  GLU A C     1 
ATOM   1026 O  O     . GLU A 1 125 ? 19.638  -9.178  -9.095  1.00 82.95  ? 216  GLU A O     1 
ATOM   1027 C  CB    . GLU A 1 125 ? 18.201  -6.511  -7.688  1.00 82.59  ? 216  GLU A CB    1 
ATOM   1028 C  CG    . GLU A 1 125 ? 19.612  -5.955  -7.577  1.00 90.39  ? 216  GLU A CG    1 
ATOM   1029 C  CD    . GLU A 1 125 ? 19.929  -4.889  -8.622  1.00 89.45  ? 216  GLU A CD    1 
ATOM   1030 O  OE1   . GLU A 1 125 ? 19.130  -4.684  -9.562  1.00 86.93  ? 216  GLU A OE1   1 
ATOM   1031 O  OE2   . GLU A 1 125 ? 20.993  -4.248  -8.498  1.00 94.30  ? 216  GLU A OE2   1 
ATOM   1032 N  N     . ARG A 1 126 ? 17.876  -9.625  -7.756  1.00 81.27  ? 217  ARG A N     1 
ATOM   1033 C  CA    . ARG A 1 126 ? 18.407  -10.912 -7.298  1.00 80.48  ? 217  ARG A CA    1 
ATOM   1034 C  C     . ARG A 1 126 ? 18.023  -12.071 -8.207  1.00 82.86  ? 217  ARG A C     1 
ATOM   1035 O  O     . ARG A 1 126 ? 18.747  -13.058 -8.290  1.00 86.08  ? 217  ARG A O     1 
ATOM   1036 C  CB    . ARG A 1 126 ? 17.952  -11.205 -5.867  1.00 82.57  ? 217  ARG A CB    1 
ATOM   1037 C  CG    . ARG A 1 126 ? 18.730  -10.440 -4.811  1.00 84.83  ? 217  ARG A CG    1 
ATOM   1038 C  CD    . ARG A 1 126 ? 18.093  -10.588 -3.444  1.00 87.25  ? 217  ARG A CD    1 
ATOM   1039 N  NE    . ARG A 1 126 ? 17.825  -11.988 -3.113  1.00 91.74  ? 217  ARG A NE    1 
ATOM   1040 C  CZ    . ARG A 1 126 ? 18.613  -12.780 -2.386  1.00 94.20  ? 217  ARG A CZ    1 
ATOM   1041 N  NH1   . ARG A 1 126 ? 19.761  -12.335 -1.878  1.00 92.40  ? 217  ARG A NH1   1 
ATOM   1042 N  NH2   . ARG A 1 126 ? 18.243  -14.041 -2.157  1.00 93.19  ? 217  ARG A NH2   1 
ATOM   1043 N  N     . ASP A 1 127 ? 16.892  -11.944 -8.889  1.00 83.14  ? 218  ASP A N     1 
ATOM   1044 C  CA    . ASP A 1 127 ? 16.336  -13.033 -9.680  1.00 84.41  ? 218  ASP A CA    1 
ATOM   1045 C  C     . ASP A 1 127 ? 15.819  -12.493 -11.021 1.00 89.26  ? 218  ASP A C     1 
ATOM   1046 O  O     . ASP A 1 127 ? 14.607  -12.415 -11.237 1.00 91.13  ? 218  ASP A O     1 
ATOM   1047 C  CB    . ASP A 1 127 ? 15.212  -13.703 -8.870  1.00 84.77  ? 218  ASP A CB    1 
ATOM   1048 C  CG    . ASP A 1 127 ? 14.690  -14.989 -9.506  1.00 82.10  ? 218  ASP A CG    1 
ATOM   1049 O  OD1   . ASP A 1 127 ? 15.269  -15.481 -10.500 1.00 81.68  ? 218  ASP A OD1   1 
ATOM   1050 O  OD2   . ASP A 1 127 ? 13.681  -15.510 -8.989  1.00 77.29  ? 218  ASP A OD2   1 
ATOM   1051 N  N     . PRO A 1 128 ? 16.745  -12.108 -11.926 1.00 92.86  ? 219  PRO A N     1 
ATOM   1052 C  CA    . PRO A 1 128 ? 16.361  -11.590 -13.248 1.00 94.85  ? 219  PRO A CA    1 
ATOM   1053 C  C     . PRO A 1 128 ? 15.406  -12.505 -14.032 1.00 95.08  ? 219  PRO A C     1 
ATOM   1054 O  O     . PRO A 1 128 ? 14.469  -12.016 -14.668 1.00 90.24  ? 219  PRO A O     1 
ATOM   1055 C  CB    . PRO A 1 128 ? 17.704  -11.463 -13.982 1.00 95.32  ? 219  PRO A CB    1 
ATOM   1056 C  CG    . PRO A 1 128 ? 18.721  -11.318 -12.906 1.00 93.76  ? 219  PRO A CG    1 
ATOM   1057 C  CD    . PRO A 1 128 ? 18.210  -12.122 -11.746 1.00 93.00  ? 219  PRO A CD    1 
ATOM   1058 N  N     . GLN A 1 129 ? 15.630  -13.817 -13.951 1.00 95.45  ? 220  GLN A N     1 
ATOM   1059 C  CA    . GLN A 1 129 ? 14.869  -14.799 -14.737 1.00 96.15  ? 220  GLN A CA    1 
ATOM   1060 C  C     . GLN A 1 129 ? 13.387  -14.971 -14.342 1.00 98.53  ? 220  GLN A C     1 
ATOM   1061 O  O     . GLN A 1 129 ? 12.674  -15.759 -14.968 1.00 98.88  ? 220  GLN A O     1 
ATOM   1062 C  CB    . GLN A 1 129 ? 15.573  -16.162 -14.680 1.00 93.99  ? 220  GLN A CB    1 
ATOM   1063 N  N     . SER A 1 130 ? 12.927  -14.249 -13.316 1.00 97.20  ? 221  SER A N     1 
ATOM   1064 C  CA    . SER A 1 130 ? 11.517  -14.297 -12.888 1.00 90.71  ? 221  SER A CA    1 
ATOM   1065 C  C     . SER A 1 130 ? 10.575  -13.525 -13.817 1.00 87.42  ? 221  SER A C     1 
ATOM   1066 O  O     . SER A 1 130 ? 9.358   -13.739 -13.788 1.00 84.50  ? 221  SER A O     1 
ATOM   1067 C  CB    . SER A 1 130 ? 11.377  -13.738 -11.469 1.00 88.28  ? 221  SER A CB    1 
ATOM   1068 O  OG    . SER A 1 130 ? 11.771  -12.375 -11.420 1.00 86.71  ? 221  SER A OG    1 
ATOM   1069 N  N     . GLY A 1 131 ? 11.132  -12.614 -14.614 1.00 86.40  ? 222  GLY A N     1 
ATOM   1070 C  CA    . GLY A 1 131 ? 10.338  -11.799 -15.534 1.00 85.18  ? 222  GLY A CA    1 
ATOM   1071 C  C     . GLY A 1 131 ? 10.055  -10.392 -15.027 1.00 87.13  ? 222  GLY A C     1 
ATOM   1072 O  O     . GLY A 1 131 ? 9.916   -9.464  -15.828 1.00 89.11  ? 222  GLY A O     1 
ATOM   1073 N  N     . ILE A 1 132 ? 9.958   -10.219 -13.706 1.00 84.52  ? 223  ILE A N     1 
ATOM   1074 C  CA    . ILE A 1 132 ? 9.715   -8.889  -13.135 1.00 82.15  ? 223  ILE A CA    1 
ATOM   1075 C  C     . ILE A 1 132 ? 10.996  -8.199  -12.678 1.00 74.56  ? 223  ILE A C     1 
ATOM   1076 O  O     . ILE A 1 132 ? 11.911  -8.826  -12.149 1.00 74.47  ? 223  ILE A O     1 
ATOM   1077 C  CB    . ILE A 1 132 ? 8.726   -8.890  -11.938 1.00 84.34  ? 223  ILE A CB    1 
ATOM   1078 C  CG1   . ILE A 1 132 ? 9.243   -9.726  -10.767 1.00 82.05  ? 223  ILE A CG1   1 
ATOM   1079 C  CG2   . ILE A 1 132 ? 7.345   -9.363  -12.365 1.00 87.84  ? 223  ILE A CG2   1 
ATOM   1080 C  CD1   . ILE A 1 132 ? 8.801   -9.165  -9.436  1.00 86.02  ? 223  ILE A CD1   1 
ATOM   1081 N  N     . TYR A 1 133 ? 11.031  -6.892  -12.891 1.00 69.22  ? 224  TYR A N     1 
ATOM   1082 C  CA    . TYR A 1 133 ? 12.084  -6.030  -12.374 1.00 67.89  ? 224  TYR A CA    1 
ATOM   1083 C  C     . TYR A 1 133 ? 11.523  -4.616  -12.382 1.00 60.70  ? 224  TYR A C     1 
ATOM   1084 O  O     . TYR A 1 133 ? 10.513  -4.349  -13.034 1.00 54.23  ? 224  TYR A O     1 
ATOM   1085 C  CB    . TYR A 1 133 ? 13.345  -6.116  -13.247 1.00 69.97  ? 224  TYR A CB    1 
ATOM   1086 C  CG    . TYR A 1 133 ? 13.108  -5.734  -14.692 1.00 72.64  ? 224  TYR A CG    1 
ATOM   1087 C  CD1   . TYR A 1 133 ? 12.526  -6.634  -15.586 1.00 76.01  ? 224  TYR A CD1   1 
ATOM   1088 C  CD2   . TYR A 1 133 ? 13.460  -4.470  -15.167 1.00 77.62  ? 224  TYR A CD2   1 
ATOM   1089 C  CE1   . TYR A 1 133 ? 12.296  -6.282  -16.909 1.00 79.25  ? 224  TYR A CE1   1 
ATOM   1090 C  CE2   . TYR A 1 133 ? 13.236  -4.112  -16.487 1.00 78.57  ? 224  TYR A CE2   1 
ATOM   1091 C  CZ    . TYR A 1 133 ? 12.653  -5.018  -17.353 1.00 79.04  ? 224  TYR A CZ    1 
ATOM   1092 O  OH    . TYR A 1 133 ? 12.431  -4.663  -18.664 1.00 82.51  ? 224  TYR A OH    1 
ATOM   1093 N  N     . LEU A 1 134 ? 12.164  -3.721  -11.645 1.00 57.37  ? 225  LEU A N     1 
ATOM   1094 C  CA    . LEU A 1 134 ? 11.820  -2.312  -11.695 1.00 55.90  ? 225  LEU A CA    1 
ATOM   1095 C  C     . LEU A 1 134 ? 12.750  -1.578  -12.679 1.00 60.41  ? 225  LEU A C     1 
ATOM   1096 O  O     . LEU A 1 134 ? 13.937  -1.366  -12.397 1.00 60.63  ? 225  LEU A O     1 
ATOM   1097 C  CB    . LEU A 1 134 ? 11.936  -1.684  -10.309 1.00 53.29  ? 225  LEU A CB    1 
ATOM   1098 C  CG    . LEU A 1 134 ? 11.293  -0.303  -10.188 1.00 53.69  ? 225  LEU A CG    1 
ATOM   1099 C  CD1   . LEU A 1 134 ? 9.807   -0.373  -10.548 1.00 50.70  ? 225  LEU A CD1   1 
ATOM   1100 C  CD2   . LEU A 1 134 ? 11.499  0.243   -8.779  1.00 53.72  ? 225  LEU A CD2   1 
ATOM   1101 N  N     . GLN A 1 135 ? 12.187  -1.189  -13.816 1.00 60.52  ? 226  GLN A N     1 
ATOM   1102 C  CA    . GLN A 1 135 ? 12.868  -0.385  -14.837 1.00 63.54  ? 226  GLN A CA    1 
ATOM   1103 C  C     . GLN A 1 135 ? 13.610  0.861   -14.285 1.00 59.96  ? 226  GLN A C     1 
ATOM   1104 O  O     . GLN A 1 135 ? 13.136  1.546   -13.372 1.00 55.39  ? 226  GLN A O     1 
ATOM   1105 C  CB    . GLN A 1 135 ? 11.832  0.050   -15.877 1.00 67.94  ? 226  GLN A CB    1 
ATOM   1106 C  CG    . GLN A 1 135 ? 12.397  0.370   -17.248 1.00 74.66  ? 226  GLN A CG    1 
ATOM   1107 C  CD    . GLN A 1 135 ? 11.328  0.894   -18.191 1.00 79.17  ? 226  GLN A CD    1 
ATOM   1108 O  OE1   . GLN A 1 135 ? 10.138  0.632   -18.007 1.00 85.23  ? 226  GLN A OE1   1 
ATOM   1109 N  NE2   . GLN A 1 135 ? 11.747  1.641   -19.204 1.00 79.17  ? 226  GLN A NE2   1 
ATOM   1110 N  N     . ARG A 1 136 ? 14.770  1.142   -14.869 1.00 56.76  ? 227  ARG A N     1 
ATOM   1111 C  CA    . ARG A 1 136 ? 15.638  2.258   -14.455 1.00 59.68  ? 227  ARG A CA    1 
ATOM   1112 C  C     . ARG A 1 136 ? 14.940  3.583   -14.176 1.00 54.23  ? 227  ARG A C     1 
ATOM   1113 O  O     . ARG A 1 136 ? 15.122  4.168   -13.113 1.00 57.62  ? 227  ARG A O     1 
ATOM   1114 C  CB    . ARG A 1 136 ? 16.731  2.494   -15.501 1.00 61.38  ? 227  ARG A CB    1 
ATOM   1115 C  CG    . ARG A 1 136 ? 17.983  1.673   -15.266 1.00 65.46  ? 227  ARG A CG    1 
ATOM   1116 C  CD    . ARG A 1 136 ? 18.997  1.926   -16.362 1.00 67.51  ? 227  ARG A CD    1 
ATOM   1117 N  NE    . ARG A 1 136 ? 20.288  1.342   -16.025 1.00 73.09  ? 227  ARG A NE    1 
ATOM   1118 C  CZ    . ARG A 1 136 ? 21.381  1.421   -16.785 1.00 70.13  ? 227  ARG A CZ    1 
ATOM   1119 N  NH1   . ARG A 1 136 ? 21.354  2.065   -17.951 1.00 67.32  ? 227  ARG A NH1   1 
ATOM   1120 N  NH2   . ARG A 1 136 ? 22.504  0.849   -16.369 1.00 67.57  ? 227  ARG A NH2   1 
ATOM   1121 N  N     . GLY A 1 137 ? 14.156  4.059   -15.132 1.00 51.68  ? 228  GLY A N     1 
ATOM   1122 C  CA    . GLY A 1 137 ? 13.401  5.290   -14.949 1.00 52.73  ? 228  GLY A CA    1 
ATOM   1123 C  C     . GLY A 1 137 ? 12.490  5.250   -13.753 1.00 55.93  ? 228  GLY A C     1 
ATOM   1124 O  O     . GLY A 1 137 ? 12.384  6.236   -12.996 1.00 54.00  ? 228  GLY A O     1 
ATOM   1125 N  N     . LEU A 1 138 ? 11.833  4.106   -13.559 1.00 55.35  ? 229  LEU A N     1 
ATOM   1126 C  CA    . LEU A 1 138 ? 10.880  3.964   -12.458 1.00 54.45  ? 229  LEU A CA    1 
ATOM   1127 C  C     . LEU A 1 138 ? 11.568  3.898   -11.110 1.00 54.47  ? 229  LEU A C     1 
ATOM   1128 O  O     . LEU A 1 138 ? 11.049  4.434   -10.113 1.00 50.55  ? 229  LEU A O     1 
ATOM   1129 C  CB    . LEU A 1 138 ? 9.968   2.756   -12.671 1.00 58.74  ? 229  LEU A CB    1 
ATOM   1130 C  CG    . LEU A 1 138 ? 8.919   2.972   -13.758 1.00 58.84  ? 229  LEU A CG    1 
ATOM   1131 C  CD1   . LEU A 1 138 ? 8.105   1.708   -13.906 1.00 62.64  ? 229  LEU A CD1   1 
ATOM   1132 C  CD2   . LEU A 1 138 ? 8.016   4.159   -13.426 1.00 63.34  ? 229  LEU A CD2   1 
ATOM   1133 N  N     . ILE A 1 139 ? 12.749  3.283   -11.070 1.00 52.70  ? 230  ILE A N     1 
ATOM   1134 C  CA    . ILE A 1 139 ? 13.560  3.356   -9.854  1.00 52.84  ? 230  ILE A CA    1 
ATOM   1135 C  C     . ILE A 1 139 ? 13.723  4.829   -9.474  1.00 53.35  ? 230  ILE A C     1 
ATOM   1136 O  O     . ILE A 1 139 ? 13.598  5.206   -8.307  1.00 53.45  ? 230  ILE A O     1 
ATOM   1137 C  CB    . ILE A 1 139 ? 14.952  2.697   -10.017 1.00 53.86  ? 230  ILE A CB    1 
ATOM   1138 C  CG1   . ILE A 1 139 ? 14.819  1.209   -10.346 1.00 52.94  ? 230  ILE A CG1   1 
ATOM   1139 C  CG2   . ILE A 1 139 ? 15.771  2.873   -8.746  1.00 54.57  ? 230  ILE A CG2   1 
ATOM   1140 C  CD1   . ILE A 1 139 ? 16.136  0.477   -10.553 1.00 54.80  ? 230  ILE A CD1   1 
ATOM   1141 N  N     . ILE A 1 140 ? 13.990  5.674   -10.468 1.00 54.64  ? 231  ILE A N     1 
ATOM   1142 C  CA    . ILE A 1 140 ? 14.238  7.097   -10.199 1.00 50.78  ? 231  ILE A CA    1 
ATOM   1143 C  C     . ILE A 1 140 ? 12.994  7.759   -9.628  1.00 47.09  ? 231  ILE A C     1 
ATOM   1144 O  O     . ILE A 1 140 ? 13.046  8.472   -8.617  1.00 49.06  ? 231  ILE A O     1 
ATOM   1145 C  CB    . ILE A 1 140 ? 14.707  7.844   -11.476 1.00 52.71  ? 231  ILE A CB    1 
ATOM   1146 C  CG1   . ILE A 1 140 ? 16.070  7.301   -11.946 1.00 53.20  ? 231  ILE A CG1   1 
ATOM   1147 C  CG2   . ILE A 1 140 ? 14.743  9.351   -11.244 1.00 56.17  ? 231  ILE A CG2   1 
ATOM   1148 C  CD1   . ILE A 1 140 ? 17.209  7.510   -10.960 1.00 55.28  ? 231  ILE A CD1   1 
ATOM   1149 N  N     . PHE A 1 141 ? 11.867  7.534   -10.280 1.00 48.32  ? 232  PHE A N     1 
ATOM   1150 C  CA    . PHE A 1 141 ? 10.624  8.170   -9.859  1.00 51.50  ? 232  PHE A CA    1 
ATOM   1151 C  C     . PHE A 1 141 ? 10.096  7.580   -8.546  1.00 51.56  ? 232  PHE A C     1 
ATOM   1152 O  O     . PHE A 1 141 ? 9.532   8.307   -7.715  1.00 50.91  ? 232  PHE A O     1 
ATOM   1153 C  CB    . PHE A 1 141 ? 9.620   8.152   -11.012 1.00 53.73  ? 232  PHE A CB    1 
ATOM   1154 C  CG    . PHE A 1 141 ? 10.104  8.940   -12.200 1.00 57.41  ? 232  PHE A CG    1 
ATOM   1155 C  CD1   . PHE A 1 141 ? 10.285  10.320  -12.100 1.00 60.98  ? 232  PHE A CD1   1 
ATOM   1156 C  CD2   . PHE A 1 141 ? 10.449  8.312   -13.388 1.00 60.78  ? 232  PHE A CD2   1 
ATOM   1157 C  CE1   . PHE A 1 141 ? 10.768  11.055  -13.175 1.00 62.48  ? 232  PHE A CE1   1 
ATOM   1158 C  CE2   . PHE A 1 141 ? 10.934  9.042   -14.463 1.00 60.99  ? 232  PHE A CE2   1 
ATOM   1159 C  CZ    . PHE A 1 141 ? 11.091  10.412  -14.358 1.00 59.78  ? 232  PHE A CZ    1 
ATOM   1160 N  N     . ALA A 1 142 ? 10.344  6.292   -8.337  1.00 47.49  ? 233  ALA A N     1 
ATOM   1161 C  CA    . ALA A 1 142 ? 10.084  5.660   -7.049  1.00 52.33  ? 233  ALA A CA    1 
ATOM   1162 C  C     . ALA A 1 142 ? 10.898  6.336   -5.960  1.00 53.95  ? 233  ALA A C     1 
ATOM   1163 O  O     . ALA A 1 142 ? 10.356  6.722   -4.923  1.00 52.94  ? 233  ALA A O     1 
ATOM   1164 C  CB    . ALA A 1 142 ? 10.402  4.173   -7.111  1.00 53.62  ? 233  ALA A CB    1 
ATOM   1165 N  N     . LEU A 1 143 ? 12.199  6.510   -6.195  1.00 51.74  ? 234  LEU A N     1 
ATOM   1166 C  CA    . LEU A 1 143 ? 13.046  7.189   -5.216  1.00 51.16  ? 234  LEU A CA    1 
ATOM   1167 C  C     . LEU A 1 143 ? 12.592  8.627   -4.919  1.00 51.32  ? 234  LEU A C     1 
ATOM   1168 O  O     . LEU A 1 143 ? 12.647  9.063   -3.776  1.00 50.19  ? 234  LEU A O     1 
ATOM   1169 C  CB    . LEU A 1 143 ? 14.503  7.185   -5.663  1.00 55.45  ? 234  LEU A CB    1 
ATOM   1170 C  CG    . LEU A 1 143 ? 15.258  5.853   -5.622  1.00 57.07  ? 234  LEU A CG    1 
ATOM   1171 C  CD1   . LEU A 1 143 ? 16.565  6.012   -6.394  1.00 56.07  ? 234  LEU A CD1   1 
ATOM   1172 C  CD2   . LEU A 1 143 ? 15.510  5.387   -4.188  1.00 57.49  ? 234  LEU A CD2   1 
ATOM   1173 N  N     . ILE A 1 144 ? 12.137  9.361   -5.932  1.00 50.59  ? 235  ILE A N     1 
ATOM   1174 C  CA    . ILE A 1 144 ? 11.658  10.733  -5.710  1.00 53.22  ? 235  ILE A CA    1 
ATOM   1175 C  C     . ILE A 1 144 ? 10.399  10.715  -4.840  1.00 54.55  ? 235  ILE A C     1 
ATOM   1176 O  O     . ILE A 1 144 ? 10.258  11.518  -3.911  1.00 51.87  ? 235  ILE A O     1 
ATOM   1177 C  CB    . ILE A 1 144 ? 11.405  11.496  -7.041  1.00 49.91  ? 235  ILE A CB    1 
ATOM   1178 C  CG1   . ILE A 1 144 ? 12.725  11.712  -7.795  1.00 50.15  ? 235  ILE A CG1   1 
ATOM   1179 C  CG2   . ILE A 1 144 ? 10.770  12.857  -6.784  1.00 53.62  ? 235  ILE A CG2   1 
ATOM   1180 C  CD1   . ILE A 1 144 ? 12.551  12.193  -9.221  1.00 50.36  ? 235  ILE A CD1   1 
ATOM   1181 N  N     . TRP A 1 145 ? 9.493   9.790   -5.161  1.00 56.23  ? 236  TRP A N     1 
ATOM   1182 C  CA    . TRP A 1 145 ? 8.273   9.555   -4.381  1.00 56.01  ? 236  TRP A CA    1 
ATOM   1183 C  C     . TRP A 1 145 ? 8.631   9.230   -2.923  1.00 51.43  ? 236  TRP A C     1 
ATOM   1184 O  O     . TRP A 1 145 ? 8.176   9.907   -1.993  1.00 48.96  ? 236  TRP A O     1 
ATOM   1185 C  CB    . TRP A 1 145 ? 7.480   8.425   -5.041  1.00 58.30  ? 236  TRP A CB    1 
ATOM   1186 C  CG    . TRP A 1 145 ? 6.086   8.227   -4.547  1.00 63.23  ? 236  TRP A CG    1 
ATOM   1187 C  CD1   . TRP A 1 145 ? 4.961   8.877   -4.964  1.00 63.10  ? 236  TRP A CD1   1 
ATOM   1188 C  CD2   . TRP A 1 145 ? 5.658   7.267   -3.573  1.00 65.98  ? 236  TRP A CD2   1 
ATOM   1189 N  NE1   . TRP A 1 145 ? 3.860   8.393   -4.297  1.00 64.26  ? 236  TRP A NE1   1 
ATOM   1190 C  CE2   . TRP A 1 145 ? 4.260   7.407   -3.435  1.00 67.85  ? 236  TRP A CE2   1 
ATOM   1191 C  CE3   . TRP A 1 145 ? 6.326   6.308   -2.797  1.00 66.56  ? 236  TRP A CE3   1 
ATOM   1192 C  CZ2   . TRP A 1 145 ? 3.511   6.619   -2.548  1.00 69.67  ? 236  TRP A CZ2   1 
ATOM   1193 C  CZ3   . TRP A 1 145 ? 5.584   5.526   -1.906  1.00 69.17  ? 236  TRP A CZ3   1 
ATOM   1194 C  CH2   . TRP A 1 145 ? 4.191   5.687   -1.792  1.00 69.82  ? 236  TRP A CH2   1 
ATOM   1195 N  N     . ILE A 1 146 ? 9.501   8.244   -2.731  1.00 49.30  ? 237  ILE A N     1 
ATOM   1196 C  CA    . ILE A 1 146 ? 10.005  7.922   -1.388  1.00 53.17  ? 237  ILE A CA    1 
ATOM   1197 C  C     . ILE A 1 146 ? 10.560  9.150   -0.676  1.00 54.29  ? 237  ILE A C     1 
ATOM   1198 O  O     . ILE A 1 146 ? 10.219  9.392   0.483   1.00 53.54  ? 237  ILE A O     1 
ATOM   1199 C  CB    . ILE A 1 146 ? 11.084  6.824   -1.420  1.00 55.13  ? 237  ILE A CB    1 
ATOM   1200 C  CG1   . ILE A 1 146 ? 10.467  5.483   -1.856  1.00 56.62  ? 237  ILE A CG1   1 
ATOM   1201 C  CG2   . ILE A 1 146 ? 11.736  6.676   -0.054  1.00 56.56  ? 237  ILE A CG2   1 
ATOM   1202 C  CD1   . ILE A 1 146 ? 11.472  4.376   -2.059  1.00 54.65  ? 237  ILE A CD1   1 
ATOM   1203 N  N     . VAL A 1 147 ? 11.412  9.918   -1.370  1.00 56.79  ? 238  VAL A N     1 
ATOM   1204 C  CA    . VAL A 1 147 ? 12.063  11.094  -0.777  1.00 55.61  ? 238  VAL A CA    1 
ATOM   1205 C  C     . VAL A 1 147 ? 11.039  12.173  -0.424  1.00 54.96  ? 238  VAL A C     1 
ATOM   1206 O  O     . VAL A 1 147 ? 11.135  12.812  0.628   1.00 55.97  ? 238  VAL A O     1 
ATOM   1207 C  CB    . VAL A 1 147 ? 13.161  11.679  -1.725  1.00 57.41  ? 238  VAL A CB    1 
ATOM   1208 C  CG1   . VAL A 1 147 ? 13.579  13.080  -1.302  1.00 55.36  ? 238  VAL A CG1   1 
ATOM   1209 C  CG2   . VAL A 1 147 ? 14.377  10.765  -1.772  1.00 56.53  ? 238  VAL A CG2   1 
ATOM   1210 N  N     . ALA A 1 148 ? 10.070  12.400  -1.308  1.00 56.92  ? 239  ALA A N     1 
ATOM   1211 C  CA    . ALA A 1 148 ? 9.020   13.383  -1.030  1.00 59.29  ? 239  ALA A CA    1 
ATOM   1212 C  C     . ALA A 1 148 ? 8.300   13.065  0.287   1.00 63.46  ? 239  ALA A C     1 
ATOM   1213 O  O     . ALA A 1 148 ? 7.939   13.977  1.048   1.00 58.77  ? 239  ALA A O     1 
ATOM   1214 C  CB    . ALA A 1 148 ? 8.031   13.439  -2.179  1.00 62.45  ? 239  ALA A CB    1 
ATOM   1215 N  N     . GLY A 1 149 ? 8.110   11.768  0.549   1.00 61.49  ? 240  GLY A N     1 
ATOM   1216 C  CA    . GLY A 1 149 ? 7.442   11.315  1.762   1.00 64.33  ? 240  GLY A CA    1 
ATOM   1217 C  C     . GLY A 1 149 ? 8.323   11.457  2.981   1.00 62.93  ? 240  GLY A C     1 
ATOM   1218 O  O     . GLY A 1 149 ? 7.923   12.066  3.972   1.00 58.41  ? 240  GLY A O     1 
ATOM   1219 N  N     . TRP A 1 150 ? 9.532   10.907  2.899   1.00 59.45  ? 241  TRP A N     1 
ATOM   1220 C  CA    . TRP A 1 150 ? 10.475  10.972  4.005   1.00 57.58  ? 241  TRP A CA    1 
ATOM   1221 C  C     . TRP A 1 150 ? 10.670  12.404  4.530   1.00 60.87  ? 241  TRP A C     1 
ATOM   1222 O  O     . TRP A 1 150 ? 10.622  12.630  5.744   1.00 55.71  ? 241  TRP A O     1 
ATOM   1223 C  CB    . TRP A 1 150 ? 11.821  10.375  3.593   1.00 63.17  ? 241  TRP A CB    1 
ATOM   1224 C  CG    . TRP A 1 150 ? 12.730  10.190  4.756   1.00 70.83  ? 241  TRP A CG    1 
ATOM   1225 C  CD1   . TRP A 1 150 ? 13.643  11.082  5.230   1.00 75.93  ? 241  TRP A CD1   1 
ATOM   1226 C  CD2   . TRP A 1 150 ? 12.787  9.057   5.625   1.00 73.92  ? 241  TRP A CD2   1 
ATOM   1227 N  NE1   . TRP A 1 150 ? 14.281  10.570  6.331   1.00 77.36  ? 241  TRP A NE1   1 
ATOM   1228 C  CE2   . TRP A 1 150 ? 13.775  9.325   6.596   1.00 77.30  ? 241  TRP A CE2   1 
ATOM   1229 C  CE3   . TRP A 1 150 ? 12.107  7.835   5.671   1.00 76.73  ? 241  TRP A CE3   1 
ATOM   1230 C  CZ2   . TRP A 1 150 ? 14.100  8.418   7.610   1.00 78.89  ? 241  TRP A CZ2   1 
ATOM   1231 C  CZ3   . TRP A 1 150 ? 12.430  6.930   6.680   1.00 78.36  ? 241  TRP A CZ3   1 
ATOM   1232 C  CH2   . TRP A 1 150 ? 13.419  7.230   7.636   1.00 78.63  ? 241  TRP A CH2   1 
ATOM   1233 N  N     . PHE A 1 151 ? 10.870  13.373  3.632   1.00 58.30  ? 242  PHE A N     1 
ATOM   1234 C  CA    . PHE A 1 151 ? 11.223  14.739  4.064   1.00 60.82  ? 242  PHE A CA    1 
ATOM   1235 C  C     . PHE A 1 151 ? 10.052  15.718  4.120   1.00 62.42  ? 242  PHE A C     1 
ATOM   1236 O  O     . PHE A 1 151 ? 10.273  16.921  4.208   1.00 68.74  ? 242  PHE A O     1 
ATOM   1237 C  CB    . PHE A 1 151 ? 12.361  15.307  3.197   1.00 57.54  ? 242  PHE A CB    1 
ATOM   1238 C  CG    . PHE A 1 151 ? 13.654  14.566  3.352   1.00 52.15  ? 242  PHE A CG    1 
ATOM   1239 C  CD1   . PHE A 1 151 ? 14.494  14.836  4.424   1.00 50.20  ? 242  PHE A CD1   1 
ATOM   1240 C  CD2   . PHE A 1 151 ? 14.021  13.591  2.444   1.00 52.23  ? 242  PHE A CD2   1 
ATOM   1241 C  CE1   . PHE A 1 151 ? 15.679  14.148  4.588   1.00 50.11  ? 242  PHE A CE1   1 
ATOM   1242 C  CE2   . PHE A 1 151 ? 15.204  12.880  2.601   1.00 52.60  ? 242  PHE A CE2   1 
ATOM   1243 C  CZ    . PHE A 1 151 ? 16.037  13.164  3.674   1.00 55.53  ? 242  PHE A CZ    1 
ATOM   1244 N  N     . ASP A 1 152 ? 8.820   15.200  4.094   1.00 67.64  ? 243  ASP A N     1 
ATOM   1245 C  CA    . ASP A 1 152 ? 7.599   16.010  4.213   1.00 72.32  ? 243  ASP A CA    1 
ATOM   1246 C  C     . ASP A 1 152 ? 7.477   17.092  3.137   1.00 76.07  ? 243  ASP A C     1 
ATOM   1247 O  O     . ASP A 1 152 ? 7.075   18.223  3.421   1.00 69.85  ? 243  ASP A O     1 
ATOM   1248 C  CB    . ASP A 1 152 ? 7.509   16.662  5.602   1.00 75.94  ? 243  ASP A CB    1 
ATOM   1249 C  CG    . ASP A 1 152 ? 7.363   15.648  6.719   1.00 78.38  ? 243  ASP A CG    1 
ATOM   1250 O  OD1   . ASP A 1 152 ? 6.686   14.612  6.522   1.00 78.12  ? 243  ASP A OD1   1 
ATOM   1251 O  OD2   . ASP A 1 152 ? 7.927   15.900  7.804   1.00 83.09  ? 243  ASP A OD2   1 
ATOM   1252 N  N     . LEU A 1 153 ? 7.803   16.740  1.899   1.00 76.63  ? 244  LEU A N     1 
ATOM   1253 C  CA    . LEU A 1 153 ? 7.732   17.703  0.801   1.00 76.07  ? 244  LEU A CA    1 
ATOM   1254 C  C     . LEU A 1 153 ? 6.292   17.909  0.324   1.00 79.86  ? 244  LEU A C     1 
ATOM   1255 O  O     . LEU A 1 153 ? 5.420   17.080  0.588   1.00 75.83  ? 244  LEU A O     1 
ATOM   1256 C  CB    . LEU A 1 153 ? 8.620   17.248  -0.359  1.00 74.16  ? 244  LEU A CB    1 
ATOM   1257 C  CG    . LEU A 1 153 ? 10.098  17.055  -0.012  1.00 71.60  ? 244  LEU A CG    1 
ATOM   1258 C  CD1   . LEU A 1 153 ? 10.894  16.663  -1.249  1.00 72.40  ? 244  LEU A CD1   1 
ATOM   1259 C  CD2   . LEU A 1 153 ? 10.669  18.317  0.629   1.00 71.89  ? 244  LEU A CD2   1 
ATOM   1260 N  N     . PHE A 1 154 ? 6.060   19.036  -0.357  1.00 85.17  ? 245  PHE A N     1 
ATOM   1261 C  CA    . PHE A 1 154 ? 4.773   19.341  -1.004  1.00 89.38  ? 245  PHE A CA    1 
ATOM   1262 C  C     . PHE A 1 154 ? 3.617   19.422  0.007   1.00 90.31  ? 245  PHE A C     1 
ATOM   1263 O  O     . PHE A 1 154 ? 2.494   19.005  -0.284  1.00 88.45  ? 245  PHE A O     1 
ATOM   1264 C  CB    . PHE A 1 154 ? 4.487   18.300  -2.105  1.00 93.64  ? 245  PHE A CB    1 
ATOM   1265 C  CG    . PHE A 1 154 ? 3.600   18.801  -3.218  1.00 94.80  ? 245  PHE A CG    1 
ATOM   1266 C  CD1   . PHE A 1 154 ? 4.042   19.790  -4.089  1.00 96.14  ? 245  PHE A CD1   1 
ATOM   1267 C  CD2   . PHE A 1 154 ? 2.328   18.263  -3.413  1.00 100.49 ? 245  PHE A CD2   1 
ATOM   1268 C  CE1   . PHE A 1 154 ? 3.230   20.246  -5.121  1.00 101.14 ? 245  PHE A CE1   1 
ATOM   1269 C  CE2   . PHE A 1 154 ? 1.512   18.714  -4.442  1.00 102.37 ? 245  PHE A CE2   1 
ATOM   1270 C  CZ    . PHE A 1 154 ? 1.963   19.707  -5.298  1.00 101.66 ? 245  PHE A CZ    1 
ATOM   1271 N  N     . GLY A 1 155 ? 3.905   19.967  1.189   1.00 91.03  ? 246  GLY A N     1 
ATOM   1272 C  CA    . GLY A 1 155 ? 2.906   20.133  2.249   1.00 91.95  ? 246  GLY A CA    1 
ATOM   1273 C  C     . GLY A 1 155 ? 2.353   18.841  2.840   1.00 91.09  ? 246  GLY A C     1 
ATOM   1274 O  O     . GLY A 1 155 ? 1.212   18.817  3.304   1.00 92.33  ? 246  GLY A O     1 
ATOM   1275 N  N     . MET A 1 156 ? 3.158   17.776  2.833   1.00 90.31  ? 247  MET A N     1 
ATOM   1276 C  CA    . MET A 1 156 ? 2.747   16.460  3.348   1.00 92.21  ? 247  MET A CA    1 
ATOM   1277 C  C     . MET A 1 156 ? 3.273   16.229  4.781   1.00 92.87  ? 247  MET A C     1 
ATOM   1278 O  O     . MET A 1 156 ? 4.379   16.664  5.109   1.00 87.28  ? 247  MET A O     1 
ATOM   1279 C  CB    . MET A 1 156 ? 3.248   15.357  2.401   1.00 90.46  ? 247  MET A CB    1 
ATOM   1280 C  CG    . MET A 1 156 ? 2.753   15.497  0.962   1.00 91.29  ? 247  MET A CG    1 
ATOM   1281 S  SD    . MET A 1 156 ? 3.150   14.119  -0.155  1.00 90.59  ? 247  MET A SD    1 
ATOM   1282 C  CE    . MET A 1 156 ? 4.940   14.150  -0.222  1.00 92.68  ? 247  MET A CE    1 
ATOM   1283 N  N     . SER A 1 157 ? 2.481   15.558  5.627   1.00 92.60  ? 248  SER A N     1 
ATOM   1284 C  CA    . SER A 1 157 ? 2.854   15.294  7.040   1.00 92.50  ? 248  SER A CA    1 
ATOM   1285 C  C     . SER A 1 157 ? 2.581   13.838  7.477   1.00 94.88  ? 248  SER A C     1 
ATOM   1286 O  O     . SER A 1 157 ? 1.842   13.592  8.439   1.00 92.18  ? 248  SER A O     1 
ATOM   1287 C  CB    . SER A 1 157 ? 2.127   16.272  7.980   1.00 91.91  ? 248  SER A CB    1 
ATOM   1288 O  OG    . SER A 1 157 ? 2.852   17.481  8.138   1.00 87.51  ? 248  SER A OG    1 
ATOM   1289 N  N     . MET A 1 158 ? 3.202   12.888  6.776   1.00 93.98  ? 249  MET A N     1 
ATOM   1290 C  CA    . MET A 1 158 ? 3.019   11.452  7.035   1.00 93.68  ? 249  MET A CA    1 
ATOM   1291 C  C     . MET A 1 158 ? 4.085   10.891  7.984   1.00 96.00  ? 249  MET A C     1 
ATOM   1292 O  O     . MET A 1 158 ? 5.144   11.498  8.173   1.00 99.28  ? 249  MET A O     1 
ATOM   1293 C  CB    . MET A 1 158 ? 3.083   10.674  5.719   1.00 93.26  ? 249  MET A CB    1 
ATOM   1294 C  CG    . MET A 1 158 ? 2.023   11.051  4.698   1.00 91.13  ? 249  MET A CG    1 
ATOM   1295 S  SD    . MET A 1 158 ? 2.170   10.037  3.216   1.00 92.38  ? 249  MET A SD    1 
ATOM   1296 C  CE    . MET A 1 158 ? 3.654   10.739  2.498   1.00 91.89  ? 249  MET A CE    1 
ATOM   1297 N  N     . ALA A 1 159 ? 3.805   9.722   8.562   1.00 91.14  ? 250  ALA A N     1 
ATOM   1298 C  CA    . ALA A 1 159 ? 4.755   9.042   9.448   1.00 86.92  ? 250  ALA A CA    1 
ATOM   1299 C  C     . ALA A 1 159 ? 5.656   8.084   8.667   1.00 81.13  ? 250  ALA A C     1 
ATOM   1300 O  O     . ALA A 1 159 ? 5.184   7.316   7.823   1.00 80.64  ? 250  ALA A O     1 
ATOM   1301 C  CB    . ALA A 1 159 ? 4.025   8.294   10.553  1.00 88.61  ? 250  ALA A CB    1 
ATOM   1302 N  N     . ASN A 1 160 ? 6.952   8.132   8.975   1.00 75.53  ? 251  ASN A N     1 
ATOM   1303 C  CA    . ASN A 1 160 ? 7.974   7.355   8.265   1.00 71.34  ? 251  ASN A CA    1 
ATOM   1304 C  C     . ASN A 1 160 ? 8.014   5.877   8.666   1.00 66.31  ? 251  ASN A C     1 
ATOM   1305 O  O     . ASN A 1 160 ? 8.331   5.012   7.844   1.00 58.59  ? 251  ASN A O     1 
ATOM   1306 C  CB    . ASN A 1 160 ? 9.365   7.975   8.498   1.00 73.14  ? 251  ASN A CB    1 
ATOM   1307 C  CG    . ASN A 1 160 ? 9.495   9.395   7.936   1.00 75.00  ? 251  ASN A CG    1 
ATOM   1308 O  OD1   . ASN A 1 160 ? 8.713   9.832   7.087   1.00 69.89  ? 251  ASN A OD1   1 
ATOM   1309 N  ND2   . ASN A 1 160 ? 10.500  10.120  8.415   1.00 77.62  ? 251  ASN A ND2   1 
ATOM   1310 N  N     . GLY A 1 161 ? 7.710   5.600   9.937   1.00 65.68  ? 252  GLY A N     1 
ATOM   1311 C  CA    . GLY A 1 161 ? 7.776   4.245   10.498  1.00 60.57  ? 252  GLY A CA    1 
ATOM   1312 C  C     . GLY A 1 161 ? 6.963   3.225   9.728   1.00 59.03  ? 252  GLY A C     1 
ATOM   1313 O  O     . GLY A 1 161 ? 7.472   2.158   9.360   1.00 58.56  ? 252  GLY A O     1 
ATOM   1314 N  N     . ALA A 1 162 ? 5.708   3.567   9.468   1.00 54.46  ? 253  ALA A N     1 
ATOM   1315 C  CA    . ALA A 1 162 ? 4.804   2.712   8.699   1.00 55.37  ? 253  ALA A CA    1 
ATOM   1316 C  C     . ALA A 1 162 ? 5.289   2.447   7.285   1.00 58.44  ? 253  ALA A C     1 
ATOM   1317 O  O     . ALA A 1 162 ? 5.066   1.361   6.740   1.00 59.72  ? 253  ALA A O     1 
ATOM   1318 C  CB    . ALA A 1 162 ? 3.415   3.333   8.650   1.00 53.01  ? 253  ALA A CB    1 
ATOM   1319 N  N     . HIS A 1 163 ? 5.931   3.443   6.681   1.00 59.48  ? 254  HIS A N     1 
ATOM   1320 C  CA    . HIS A 1 163 ? 6.462   3.296   5.324   1.00 58.81  ? 254  HIS A CA    1 
ATOM   1321 C  C     . HIS A 1 163 ? 7.665   2.379   5.307   1.00 54.16  ? 254  HIS A C     1 
ATOM   1322 O  O     . HIS A 1 163 ? 7.813   1.541   4.399   1.00 52.27  ? 254  HIS A O     1 
ATOM   1323 C  CB    . HIS A 1 163 ? 6.810   4.661   4.732   1.00 63.44  ? 254  HIS A CB    1 
ATOM   1324 C  CG    . HIS A 1 163 ? 5.618   5.546   4.545   1.00 66.42  ? 254  HIS A CG    1 
ATOM   1325 N  ND1   . HIS A 1 163 ? 5.683   6.918   4.663   1.00 71.60  ? 254  HIS A ND1   1 
ATOM   1326 C  CD2   . HIS A 1 163 ? 4.326   5.251   4.267   1.00 64.56  ? 254  HIS A CD2   1 
ATOM   1327 C  CE1   . HIS A 1 163 ? 4.483   7.431   4.459   1.00 68.63  ? 254  HIS A CE1   1 
ATOM   1328 N  NE2   . HIS A 1 163 ? 3.642   6.442   4.217   1.00 65.43  ? 254  HIS A NE2   1 
ATOM   1329 N  N     . ILE A 1 164 ? 8.509   2.515   6.329   1.00 56.04  ? 255  ILE A N     1 
ATOM   1330 C  CA    . ILE A 1 164 ? 9.628   1.595   6.532   1.00 57.92  ? 255  ILE A CA    1 
ATOM   1331 C  C     . ILE A 1 164 ? 9.099   0.177   6.694   1.00 56.69  ? 255  ILE A C     1 
ATOM   1332 O  O     . ILE A 1 164 ? 9.648   -0.763  6.114   1.00 53.46  ? 255  ILE A O     1 
ATOM   1333 C  CB    . ILE A 1 164 ? 10.474  1.960   7.779   1.00 64.48  ? 255  ILE A CB    1 
ATOM   1334 C  CG1   . ILE A 1 164 ? 11.178  3.309   7.602   1.00 65.93  ? 255  ILE A CG1   1 
ATOM   1335 C  CG2   . ILE A 1 164 ? 11.522  0.887   8.052   1.00 67.18  ? 255  ILE A CG2   1 
ATOM   1336 C  CD1   . ILE A 1 164 ? 11.479  4.012   8.919   1.00 68.32  ? 255  ILE A CD1   1 
ATOM   1337 N  N     . ALA A 1 165 ? 8.032   0.027   7.489   1.00 56.22  ? 256  ALA A N     1 
ATOM   1338 C  CA    . ALA A 1 165 ? 7.429   -1.289  7.729   1.00 53.67  ? 256  ALA A CA    1 
ATOM   1339 C  C     . ALA A 1 165 ? 6.997   -1.918  6.411   1.00 51.58  ? 256  ALA A C     1 
ATOM   1340 O  O     . ALA A 1 165 ? 7.319   -3.071  6.132   1.00 54.55  ? 256  ALA A O     1 
ATOM   1341 C  CB    . ALA A 1 165 ? 6.250   -1.173  8.685   1.00 54.65  ? 256  ALA A CB    1 
ATOM   1342 N  N     . GLY A 1 166 ? 6.300   -1.144  5.581   1.00 51.81  ? 257  GLY A N     1 
ATOM   1343 C  CA    . GLY A 1 166 ? 5.879   -1.622  4.260   1.00 53.24  ? 257  GLY A CA    1 
ATOM   1344 C  C     . GLY A 1 166 ? 7.025   -2.031  3.350   1.00 51.63  ? 257  GLY A C     1 
ATOM   1345 O  O     . GLY A 1 166 ? 6.970   -3.075  2.706   1.00 52.93  ? 257  GLY A O     1 
ATOM   1346 N  N     . LEU A 1 167 ? 8.067   -1.208  3.278   1.00 54.35  ? 258  LEU A N     1 
ATOM   1347 C  CA    . LEU A 1 167 ? 9.227   -1.546  2.448   1.00 53.90  ? 258  LEU A CA    1 
ATOM   1348 C  C     . LEU A 1 167 ? 9.915   -2.822  2.939   1.00 54.39  ? 258  LEU A C     1 
ATOM   1349 O  O     . LEU A 1 167 ? 10.278  -3.693  2.129   1.00 52.58  ? 258  LEU A O     1 
ATOM   1350 C  CB    . LEU A 1 167 ? 10.222  -0.382  2.390   1.00 60.03  ? 258  LEU A CB    1 
ATOM   1351 C  CG    . LEU A 1 167 ? 11.462  -0.560  1.493   1.00 59.45  ? 258  LEU A CG    1 
ATOM   1352 C  CD1   . LEU A 1 167 ? 11.098  -0.604  0.016   1.00 59.57  ? 258  LEU A CD1   1 
ATOM   1353 C  CD2   . LEU A 1 167 ? 12.455  0.555   1.773   1.00 60.55  ? 258  LEU A CD2   1 
ATOM   1354 N  N     . ALA A 1 168 ? 10.057  -2.951  4.260   1.00 55.33  ? 259  ALA A N     1 
ATOM   1355 C  CA    . ALA A 1 168 ? 10.678  -4.139  4.862   1.00 57.00  ? 259  ALA A CA    1 
ATOM   1356 C  C     . ALA A 1 168 ? 9.984   -5.442  4.436   1.00 58.85  ? 259  ALA A C     1 
ATOM   1357 O  O     . ALA A 1 168 ? 10.647  -6.442  4.122   1.00 61.07  ? 259  ALA A O     1 
ATOM   1358 C  CB    . ALA A 1 168 ? 10.677  -4.017  6.376   1.00 58.97  ? 259  ALA A CB    1 
ATOM   1359 N  N     . VAL A 1 169 ? 8.654   -5.416  4.419   1.00 54.34  ? 260  VAL A N     1 
ATOM   1360 C  CA    . VAL A 1 169 ? 7.850   -6.572  4.038   1.00 55.12  ? 260  VAL A CA    1 
ATOM   1361 C  C     . VAL A 1 169 ? 8.100   -6.970  2.583   1.00 52.65  ? 260  VAL A C     1 
ATOM   1362 O  O     . VAL A 1 169 ? 8.269   -8.143  2.283   1.00 52.46  ? 260  VAL A O     1 
ATOM   1363 C  CB    . VAL A 1 169 ? 6.336   -6.298  4.225   1.00 55.71  ? 260  VAL A CB    1 
ATOM   1364 C  CG1   . VAL A 1 169 ? 5.515   -7.433  3.644   1.00 57.42  ? 260  VAL A CG1   1 
ATOM   1365 C  CG2   . VAL A 1 169 ? 5.993   -6.111  5.697   1.00 57.26  ? 260  VAL A CG2   1 
ATOM   1366 N  N     . GLY A 1 170 ? 8.093   -5.987  1.686   1.00 55.42  ? 261  GLY A N     1 
ATOM   1367 C  CA    . GLY A 1 170 ? 8.375   -6.221  0.273   1.00 51.47  ? 261  GLY A CA    1 
ATOM   1368 C  C     . GLY A 1 170 ? 9.773   -6.767  0.035   1.00 52.32  ? 261  GLY A C     1 
ATOM   1369 O  O     . GLY A 1 170 ? 9.970   -7.686  -0.769  1.00 47.34  ? 261  GLY A O     1 
ATOM   1370 N  N     . LEU A 1 171 ? 10.757  -6.204  0.730   1.00 54.30  ? 262  LEU A N     1 
ATOM   1371 C  CA    . LEU A 1 171 ? 12.135  -6.719  0.627   1.00 58.54  ? 262  LEU A CA    1 
ATOM   1372 C  C     . LEU A 1 171 ? 12.212  -8.155  1.159   1.00 56.94  ? 262  LEU A C     1 
ATOM   1373 O  O     . LEU A 1 171 ? 12.707  -9.050  0.466   1.00 58.59  ? 262  LEU A O     1 
ATOM   1374 C  CB    . LEU A 1 171 ? 13.118  -5.809  1.369   1.00 60.14  ? 262  LEU A CB    1 
ATOM   1375 C  CG    . LEU A 1 171 ? 13.238  -4.397  0.789   1.00 59.20  ? 262  LEU A CG    1 
ATOM   1376 C  CD1   . LEU A 1 171 ? 14.048  -3.501  1.713   1.00 61.70  ? 262  LEU A CD1   1 
ATOM   1377 C  CD2   . LEU A 1 171 ? 13.838  -4.431  -0.609  1.00 62.20  ? 262  LEU A CD2   1 
ATOM   1378 N  N     . ALA A 1 172 ? 11.685  -8.366  2.365   1.00 57.04  ? 263  ALA A N     1 
ATOM   1379 C  CA    . ALA A 1 172 ? 11.631  -9.688  2.994   1.00 58.02  ? 263  ALA A CA    1 
ATOM   1380 C  C     . ALA A 1 172 ? 11.090  -10.756 2.051   1.00 59.20  ? 263  ALA A C     1 
ATOM   1381 O  O     . ALA A 1 172 ? 11.723  -11.794 1.844   1.00 52.79  ? 263  ALA A O     1 
ATOM   1382 C  CB    . ALA A 1 172 ? 10.780  -9.640  4.248   1.00 59.67  ? 263  ALA A CB    1 
ATOM   1383 N  N     . MET A 1 173 ? 9.921   -10.488 1.480   1.00 58.62  ? 264  MET A N     1 
ATOM   1384 C  CA    . MET A 1 173 ? 9.277   -11.436 0.574   1.00 56.82  ? 264  MET A CA    1 
ATOM   1385 C  C     . MET A 1 173 ? 10.042  -11.620 -0.736  1.00 53.48  ? 264  MET A C     1 
ATOM   1386 O  O     . MET A 1 173 ? 10.062  -12.721 -1.277  1.00 55.12  ? 264  MET A O     1 
ATOM   1387 C  CB    . MET A 1 173 ? 7.828   -11.034 0.296   1.00 55.76  ? 264  MET A CB    1 
ATOM   1388 C  CG    . MET A 1 173 ? 6.908   -11.214 1.498   1.00 58.56  ? 264  MET A CG    1 
ATOM   1389 S  SD    . MET A 1 173 ? 5.182   -10.854 1.121   1.00 62.72  ? 264  MET A SD    1 
ATOM   1390 C  CE    . MET A 1 173 ? 4.810   -12.166 -0.049  1.00 57.22  ? 264  MET A CE    1 
ATOM   1391 N  N     . ALA A 1 174 ? 10.645  -10.555 -1.258  1.00 53.93  ? 265  ALA A N     1 
ATOM   1392 C  CA    . ALA A 1 174 ? 11.506  -10.682 -2.449  1.00 56.28  ? 265  ALA A CA    1 
ATOM   1393 C  C     . ALA A 1 174 ? 12.716  -11.560 -2.127  1.00 56.07  ? 265  ALA A C     1 
ATOM   1394 O  O     . ALA A 1 174 ? 13.059  -12.473 -2.900  1.00 47.49  ? 265  ALA A O     1 
ATOM   1395 C  CB    . ALA A 1 174 ? 11.962  -9.322  -2.951  1.00 54.67  ? 265  ALA A CB    1 
ATOM   1396 N  N     . PHE A 1 175 ? 13.338  -11.290 -0.979  1.00 53.53  ? 266  PHE A N     1 
ATOM   1397 C  CA    . PHE A 1 175 ? 14.430  -12.132 -0.471  1.00 62.42  ? 266  PHE A CA    1 
ATOM   1398 C  C     . PHE A 1 175 ? 14.023  -13.605 -0.407  1.00 61.13  ? 266  PHE A C     1 
ATOM   1399 O  O     . PHE A 1 175 ? 14.708  -14.468 -0.962  1.00 57.19  ? 266  PHE A O     1 
ATOM   1400 C  CB    . PHE A 1 175 ? 14.919  -11.645 0.902   1.00 65.34  ? 266  PHE A CB    1 
ATOM   1401 C  CG    . PHE A 1 175 ? 15.956  -12.536 1.531   1.00 71.55  ? 266  PHE A CG    1 
ATOM   1402 C  CD1   . PHE A 1 175 ? 17.248  -12.598 1.011   1.00 75.46  ? 266  PHE A CD1   1 
ATOM   1403 C  CD2   . PHE A 1 175 ? 15.647  -13.316 2.644   1.00 74.87  ? 266  PHE A CD2   1 
ATOM   1404 C  CE1   . PHE A 1 175 ? 18.207  -13.415 1.589   1.00 75.30  ? 266  PHE A CE1   1 
ATOM   1405 C  CE2   . PHE A 1 175 ? 16.600  -14.136 3.224   1.00 75.16  ? 266  PHE A CE2   1 
ATOM   1406 C  CZ    . PHE A 1 175 ? 17.882  -14.185 2.696   1.00 77.52  ? 266  PHE A CZ    1 
ATOM   1407 N  N     . VAL A 1 176 ? 12.899  -13.888 0.240   1.00 61.57  ? 267  VAL A N     1 
ATOM   1408 C  CA    . VAL A 1 176 ? 12.402  -15.267 0.341   1.00 58.86  ? 267  VAL A CA    1 
ATOM   1409 C  C     . VAL A 1 176 ? 12.196  -15.899 -1.038  1.00 58.87  ? 267  VAL A C     1 
ATOM   1410 O  O     . VAL A 1 176 ? 12.553  -17.063 -1.250  1.00 59.43  ? 267  VAL A O     1 
ATOM   1411 C  CB    . VAL A 1 176 ? 11.081  -15.333 1.137   1.00 57.45  ? 267  VAL A CB    1 
ATOM   1412 C  CG1   . VAL A 1 176 ? 10.407  -16.685 0.980   1.00 56.29  ? 267  VAL A CG1   1 
ATOM   1413 C  CG2   . VAL A 1 176 ? 11.326  -15.051 2.608   1.00 60.93  ? 267  VAL A CG2   1 
ATOM   1414 N  N     . ASP A 1 177 ? 11.622  -15.130 -1.963  1.00 58.33  ? 268  ASP A N     1 
ATOM   1415 C  CA    . ASP A 1 177 ? 11.245  -15.642 -3.285  1.00 62.80  ? 268  ASP A CA    1 
ATOM   1416 C  C     . ASP A 1 177 ? 12.412  -15.918 -4.233  1.00 64.71  ? 268  ASP A C     1 
ATOM   1417 O  O     . ASP A 1 177 ? 12.268  -16.704 -5.177  1.00 64.06  ? 268  ASP A O     1 
ATOM   1418 C  CB    . ASP A 1 177 ? 10.253  -14.683 -3.964  1.00 64.55  ? 268  ASP A CB    1 
ATOM   1419 C  CG    . ASP A 1 177 ? 8.875   -14.714 -3.327  1.00 65.70  ? 268  ASP A CG    1 
ATOM   1420 O  OD1   . ASP A 1 177 ? 8.681   -15.453 -2.338  1.00 71.50  ? 268  ASP A OD1   1 
ATOM   1421 O  OD2   . ASP A 1 177 ? 7.971   -14.006 -3.816  1.00 63.50  ? 268  ASP A OD2   1 
ATOM   1422 N  N     . SER A 1 178 ? 13.554  -15.279 -3.999  1.00 66.00  ? 269  SER A N     1 
ATOM   1423 C  CA    . SER A 1 178 ? 14.718  -15.459 -4.872  1.00 75.32  ? 269  SER A CA    1 
ATOM   1424 C  C     . SER A 1 178 ? 15.753  -16.393 -4.240  1.00 85.24  ? 269  SER A C     1 
ATOM   1425 O  O     . SER A 1 178 ? 16.895  -15.995 -3.984  1.00 89.12  ? 269  SER A O     1 
ATOM   1426 C  CB    . SER A 1 178 ? 15.347  -14.104 -5.208  1.00 72.42  ? 269  SER A CB    1 
ATOM   1427 O  OG    . SER A 1 178 ? 15.653  -13.373 -4.037  1.00 69.09  ? 269  SER A OG    1 
ATOM   1428 N  N     . LEU A 1 179 ? 15.338  -17.637 -3.998  1.00 91.95  ? 270  LEU A N     1 
ATOM   1429 C  CA    . LEU A 1 179 ? 16.202  -18.664 -3.411  1.00 91.19  ? 270  LEU A CA    1 
ATOM   1430 C  C     . LEU A 1 179 ? 16.042  -19.980 -4.167  1.00 95.68  ? 270  LEU A C     1 
ATOM   1431 O  O     . LEU A 1 179 ? 16.991  -20.476 -4.775  1.00 98.72  ? 270  LEU A O     1 
ATOM   1432 C  CB    . LEU A 1 179 ? 15.860  -18.872 -1.932  1.00 88.06  ? 270  LEU A CB    1 
ATOM   1433 C  CG    . LEU A 1 179 ? 16.075  -17.681 -0.992  1.00 84.23  ? 270  LEU A CG    1 
ATOM   1434 C  CD1   . LEU A 1 179 ? 15.463  -17.957 0.373   1.00 81.90  ? 270  LEU A CD1   1 
ATOM   1435 C  CD2   . LEU A 1 179 ? 17.555  -17.351 -0.852  1.00 84.87  ? 270  LEU A CD2   1 
ATOM   1436 O  OXT   . LEU A 1 179 ? 14.961  -20.574 -4.187  1.00 97.35  ? 270  LEU A OXT   1 
HETATM 1437 O  O1    . SV1 B 2 .   ? 1.271   9.855   -3.835  1.00 57.78  ? 401  SV1 A O1    1 
HETATM 1438 C  C8    . SV1 B 2 .   ? 1.060   10.502  -2.836  1.00 59.14  ? 401  SV1 A C8    1 
HETATM 1439 C  C7    . SV1 B 2 .   ? 0.956   9.937   -1.444  1.00 58.42  ? 401  SV1 A C7    1 
HETATM 1440 C  C6    . SV1 B 2 .   ? 2.323   9.632   -0.884  1.00 60.04  ? 401  SV1 A C6    1 
HETATM 1441 C  C5    . SV1 B 2 .   ? 3.411   10.378  -1.351  1.00 59.44  ? 401  SV1 A C5    1 
HETATM 1442 C  C4    . SV1 B 2 .   ? 4.716   10.044  -1.046  1.00 59.55  ? 401  SV1 A C4    1 
HETATM 1443 C  C3    . SV1 B 2 .   ? 4.989   8.956   -0.219  1.00 58.72  ? 401  SV1 A C3    1 
HETATM 1444 N  N     . SV1 B 2 .   ? 6.282   8.619   0.103   1.00 54.83  ? 401  SV1 A N     1 
HETATM 1445 C  C2    . SV1 B 2 .   ? 3.912   8.233   0.291   1.00 55.33  ? 401  SV1 A C2    1 
HETATM 1446 C  C1    . SV1 B 2 .   ? 2.583   8.550   -0.012  1.00 58.84  ? 401  SV1 A C1    1 
HETATM 1447 C  C     . SV1 B 2 .   ? 1.517   7.659   0.582   1.00 61.02  ? 401  SV1 A C     1 
HETATM 1448 O  O     . SV1 B 2 .   ? 0.325   7.840   0.448   1.00 60.80  ? 401  SV1 A O     1 
HETATM 1449 O  O2    . SV1 B 2 .   ? 0.926   11.839  -2.826  1.00 57.52  ? 401  SV1 A O2    1 
HETATM 1450 C  C9    . SV1 B 2 .   ? 1.158   12.568  -4.065  1.00 61.30  ? 401  SV1 A C9    1 
HETATM 1451 C  C10   . SV1 B 2 .   ? 2.605   13.007  -4.121  1.00 63.51  ? 401  SV1 A C10   1 
HETATM 1452 C  C11   . SV1 B 2 .   ? 2.950   13.819  -5.349  1.00 63.46  ? 401  SV1 A C11   1 
HETATM 1453 C  C16   . SV1 B 2 .   ? 3.112   13.208  -6.585  1.00 64.50  ? 401  SV1 A C16   1 
HETATM 1454 C  C15   . SV1 B 2 .   ? 3.433   13.953  -7.709  1.00 63.31  ? 401  SV1 A C15   1 
HETATM 1455 C  C14   . SV1 B 2 .   ? 3.602   15.317  -7.613  1.00 59.58  ? 401  SV1 A C14   1 
HETATM 1456 C  C13   . SV1 B 2 .   ? 3.445   15.937  -6.395  1.00 62.51  ? 401  SV1 A C13   1 
HETATM 1457 C  C12   . SV1 B 2 .   ? 3.121   15.194  -5.269  1.00 65.15  ? 401  SV1 A C12   1 
HETATM 1458 CL CL    . CL  C 3 .   ? -4.446  9.881   1.742   1.00 56.19  ? 402  CL  A CL    1 
HETATM 1459 C  "C1'" . BNG D 4 .   ? -13.506 -6.981  -1.623  1.00 72.01  ? 403  BNG A "C1'" 1 
HETATM 1460 C  "C2'" . BNG D 4 .   ? -13.081 -5.688  -0.928  1.00 69.87  ? 403  BNG A "C2'" 1 
HETATM 1461 C  "C3'" . BNG D 4 .   ? -11.572 -5.633  -0.723  1.00 69.25  ? 403  BNG A "C3'" 1 
HETATM 1462 C  "C4'" . BNG D 4 .   ? -10.840 -5.473  -2.049  1.00 67.31  ? 403  BNG A "C4'" 1 
HETATM 1463 C  "C5'" . BNG D 4 .   ? -9.331  -5.642  -1.894  1.00 67.02  ? 403  BNG A "C5'" 1 
HETATM 1464 C  "C6'" . BNG D 4 .   ? -8.886  -7.051  -2.272  1.00 68.13  ? 403  BNG A "C6'" 1 
HETATM 1465 C  "C7'" . BNG D 4 .   ? -7.400  -7.126  -2.590  1.00 69.03  ? 403  BNG A "C7'" 1 
HETATM 1466 C  "C8'" . BNG D 4 .   ? -6.563  -7.277  -1.320  1.00 69.01  ? 403  BNG A "C8'" 1 
HETATM 1467 C  "C9'" . BNG D 4 .   ? -5.463  -8.295  -1.498  1.00 67.63  ? 403  BNG A "C9'" 1 
HETATM 1468 C  "C1'" . BNG E 4 .   ? 13.730  -19.652 4.489   1.00 69.49  ? 404  BNG A "C1'" 1 
HETATM 1469 C  "C2'" . BNG E 4 .   ? 13.975  -18.189 4.865   1.00 69.55  ? 404  BNG A "C2'" 1 
HETATM 1470 C  "C3'" . BNG E 4 .   ? 12.798  -17.576 5.621   1.00 70.37  ? 404  BNG A "C3'" 1 
HETATM 1471 C  "C4'" . BNG E 4 .   ? 12.997  -16.074 5.843   1.00 71.31  ? 404  BNG A "C4'" 1 
HETATM 1472 C  "C5'" . BNG E 4 .   ? 11.874  -15.468 6.682   1.00 72.25  ? 404  BNG A "C5'" 1 
HETATM 1473 C  "C6'" . BNG E 4 .   ? 11.637  -13.983 6.396   1.00 74.02  ? 404  BNG A "C6'" 1 
HETATM 1474 C  "C7'" . BNG E 4 .   ? 12.591  -13.085 7.157   1.00 74.28  ? 404  BNG A "C7'" 1 
HETATM 1475 C  "C1'" . BNG F 4 .   ? -10.034 -7.424  3.214   1.00 74.63  ? 405  BNG A "C1'" 1 
HETATM 1476 C  "C2'" . BNG F 4 .   ? -9.592  -5.992  2.911   1.00 73.80  ? 405  BNG A "C2'" 1 
HETATM 1477 C  "C3'" . BNG F 4 .   ? -8.252  -5.965  2.178   1.00 68.48  ? 405  BNG A "C3'" 1 
HETATM 1478 C  "C4'" . BNG F 4 .   ? -7.733  -4.539  2.000   1.00 64.17  ? 405  BNG A "C4'" 1 
HETATM 1479 C  "C5'" . BNG F 4 .   ? -6.221  -4.491  2.085   1.00 59.99  ? 405  BNG A "C5'" 1 
HETATM 1480 C  C1    . BNG G 4 .   ? -18.941 2.415   16.605  0.50 103.44 ? 406  BNG A C1    1 
HETATM 1481 C  C2    . BNG G 4 .   ? -19.384 1.099   15.980  0.50 102.44 ? 406  BNG A C2    1 
HETATM 1482 C  C3    . BNG G 4 .   ? -19.666 1.300   14.495  0.50 100.81 ? 406  BNG A C3    1 
HETATM 1483 C  C4    . BNG G 4 .   ? -20.566 2.509   14.242  0.50 100.88 ? 406  BNG A C4    1 
HETATM 1484 C  C5    . BNG G 4 .   ? -20.209 3.719   15.107  0.50 100.36 ? 406  BNG A C5    1 
HETATM 1485 C  C6    . BNG G 4 .   ? -21.308 4.773   15.057  0.50 98.55  ? 406  BNG A C6    1 
HETATM 1486 C  "C1'" . BNG G 4 .   ? -18.221 3.521   18.547  0.50 103.44 ? 406  BNG A "C1'" 1 
HETATM 1487 C  "C2'" . BNG G 4 .   ? -17.688 3.326   19.961  0.50 103.59 ? 406  BNG A "C2'" 1 
HETATM 1488 C  "C3'" . BNG G 4 .   ? -18.003 4.545   20.821  0.50 103.96 ? 406  BNG A "C3'" 1 
HETATM 1489 C  "C4'" . BNG G 4 .   ? -16.730 5.201   21.342  0.50 104.36 ? 406  BNG A "C4'" 1 
HETATM 1490 C  "C5'" . BNG G 4 .   ? -17.068 6.329   22.313  0.50 105.47 ? 406  BNG A "C5'" 1 
HETATM 1491 C  "C6'" . BNG G 4 .   ? -16.088 6.378   23.482  0.50 106.30 ? 406  BNG A "C6'" 1 
HETATM 1492 C  "C7'" . BNG G 4 .   ? -16.457 7.485   24.467  0.50 105.66 ? 406  BNG A "C7'" 1 
HETATM 1493 C  "C8'" . BNG G 4 .   ? -15.306 7.776   25.426  0.50 104.64 ? 406  BNG A "C8'" 1 
HETATM 1494 C  "C9'" . BNG G 4 .   ? -14.035 8.097   24.670  0.50 104.71 ? 406  BNG A "C9'" 1 
HETATM 1495 O  O1    . BNG G 4 .   ? -18.615 2.267   17.988  0.50 104.38 ? 406  BNG A O1    1 
HETATM 1496 O  O2    . BNG G 4 .   ? -18.368 0.103   16.133  0.50 98.60  ? 406  BNG A O2    1 
HETATM 1497 O  O3    . BNG G 4 .   ? -20.288 0.122   13.969  0.50 99.18  ? 406  BNG A O3    1 
HETATM 1498 O  O4    . BNG G 4 .   ? -20.455 2.888   12.864  0.50 100.30 ? 406  BNG A O4    1 
HETATM 1499 O  O5    . BNG G 4 .   ? -20.013 3.343   16.469  0.50 104.32 ? 406  BNG A O5    1 
HETATM 1500 O  O6    . BNG G 4 .   ? -21.354 5.459   16.313  0.50 94.54  ? 406  BNG A O6    1 
HETATM 1501 C  "C1'" . BNG H 4 .   ? 4.138   4.112   -14.473 1.00 67.42  ? 407  BNG A "C1'" 1 
HETATM 1502 C  "C2'" . BNG H 4 .   ? 3.455   4.758   -13.266 1.00 69.67  ? 407  BNG A "C2'" 1 
HETATM 1503 C  "C3'" . BNG H 4 .   ? 4.460   5.396   -12.300 1.00 69.75  ? 407  BNG A "C3'" 1 
HETATM 1504 C  "C4'" . BNG H 4 .   ? 3.844   6.516   -11.456 1.00 69.50  ? 407  BNG A "C4'" 1 
HETATM 1505 C  "C5'" . BNG H 4 .   ? 4.861   7.537   -10.942 1.00 70.94  ? 407  BNG A "C5'" 1 
HETATM 1506 O  O     . HOH I 5 .   ? -9.908  5.576   -1.025  1.00 41.45  ? 2001 HOH A O     1 
HETATM 1507 O  O     . HOH I 5 .   ? -11.294 11.989  1.749   1.00 50.51  ? 2002 HOH A O     1 
HETATM 1508 O  O     . HOH I 5 .   ? -7.080  3.106   10.536  1.00 49.55  ? 2003 HOH A O     1 
HETATM 1509 O  O     . HOH I 5 .   ? -4.624  -2.722  18.041  1.00 52.84  ? 2004 HOH A O     1 
HETATM 1510 O  O     . HOH I 5 .   ? -14.605 -6.944  18.462  1.00 66.76  ? 2005 HOH A O     1 
HETATM 1511 O  O     . HOH I 5 .   ? -6.986  -4.538  18.181  1.00 52.83  ? 2006 HOH A O     1 
HETATM 1512 O  O     . HOH I 5 .   ? -3.135  2.712   5.912   1.00 41.46  ? 2007 HOH A O     1 
HETATM 1513 O  O     . HOH I 5 .   ? -4.556  16.612  -2.886  1.00 59.83  ? 2008 HOH A O     1 
HETATM 1514 O  O     . HOH I 5 .   ? 0.413   13.844  3.600   1.00 68.27  ? 2009 HOH A O     1 
HETATM 1515 O  O     . HOH I 5 .   ? -2.325  7.997   1.335   1.00 49.22  ? 2010 HOH A O     1 
HETATM 1516 O  O     . HOH I 5 .   ? 0.560   -16.210 -6.927  1.00 61.39  ? 2011 HOH A O     1 
HETATM 1517 O  O     . HOH I 5 .   ? -0.769  1.246   6.093   1.00 68.22  ? 2012 HOH A O     1 
HETATM 1518 O  O     . HOH I 5 .   ? -4.574  8.460   15.294  1.00 50.18  ? 2013 HOH A O     1 
HETATM 1519 O  O     . HOH I 5 .   ? -1.359  6.039   3.049   1.00 73.39  ? 2014 HOH A O     1 
HETATM 1520 O  O     . HOH I 5 .   ? -0.691  1.087   3.259   1.00 48.87  ? 2015 HOH A O     1 
HETATM 1521 O  O     . HOH I 5 .   ? 1.021   6.747   4.675   1.00 74.49  ? 2016 HOH A O     1 
HETATM 1522 O  O     . HOH I 5 .   ? 8.181   8.541   4.807   1.00 63.33  ? 2017 HOH A O     1 
HETATM 1523 O  O     . HOH I 5 .   ? 14.322  3.126   -18.600 1.00 43.46  ? 2018 HOH A O     1 
# 
